data_5UBU
#
_entry.id   5UBU
#
_cell.length_a   137.884
_cell.length_b   137.884
_cell.length_c   204.281
_cell.angle_alpha   90.00
_cell.angle_beta   90.00
_cell.angle_gamma   90.00
#
_symmetry.space_group_name_H-M   'P 41 21 2'
#
loop_
_entity.id
_entity.type
_entity.pdbx_description
1 polymer 'Putative acetamidase/formamidase'
2 non-polymer 'SODIUM ION'
3 water water
#
_entity_poly.entity_id   1
_entity_poly.type   'polypeptide(L)'
_entity_poly.pdbx_seq_one_letter_code
;SNA(MSE)KWLEESI(MSE)VKRGVGAGRKPVTHHLTEE(MSE)QKEFHYTIGPYSTPVLTIEPGDRVIVDTRDAFEGAI
SSEQDIPSQLLK(MSE)PFLNPQNGPI(MSE)INGAEKGDVIAVYIES(MSE)LPRGVNPHGICA(MSE)IPHFGGLTGT
DLTA(MSE)LNDPLPEKVR(MSE)IKLDSEKVYWSERHTLPYKPHIGTLSVSPEIDSINSLTPDNHGGN(MSE)DVPDIG
PGSITYLPVRAPGGRLFIGDAHACQGDGEICGTAVEFASITTIKVDLIKNWQLSWPR(MSE)ENAETI(MSE)SIGSARP
LEDATRIAYRDLIYWLVADFGFEQWDAY(MSE)LLSQCGKVRLGN(MSE)VDPKYTVGA(MSE)LNKELLAQ
;
_entity_poly.pdbx_strand_id   A,B,C,D
#
loop_
_chem_comp.id
_chem_comp.type
_chem_comp.name
_chem_comp.formula
NA non-polymer 'SODIUM ION' 'Na 1'
#
# COMPACT_ATOMS: atom_id res chain seq x y z
N ALA A 3 -28.72 -17.26 -26.23
CA ALA A 3 -29.33 -16.11 -26.95
C ALA A 3 -28.51 -14.82 -26.74
N MSE A 4 -28.21 -14.15 -27.85
CA MSE A 4 -27.46 -12.88 -27.85
C MSE A 4 -28.44 -11.72 -27.92
O MSE A 4 -28.25 -10.74 -28.64
CB MSE A 4 -26.48 -12.86 -29.02
CG MSE A 4 -25.34 -13.87 -28.89
SE MSE A 4 -24.91 -14.19 -26.98
CE MSE A 4 -23.35 -12.97 -26.83
N LYS A 5 -29.51 -11.84 -27.16
CA LYS A 5 -30.58 -10.85 -27.08
C LYS A 5 -30.13 -9.59 -26.32
N TRP A 6 -29.27 -9.79 -25.31
CA TRP A 6 -28.86 -8.66 -24.46
C TRP A 6 -28.10 -7.59 -25.26
N LEU A 7 -27.46 -8.00 -26.37
CA LEU A 7 -26.72 -7.04 -27.21
C LEU A 7 -27.56 -5.87 -27.68
N GLU A 8 -28.84 -6.11 -27.95
CA GLU A 8 -29.75 -5.05 -28.40
C GLU A 8 -29.79 -3.87 -27.44
N GLU A 9 -29.68 -4.16 -26.14
CA GLU A 9 -29.66 -3.12 -25.10
C GLU A 9 -28.24 -2.67 -24.73
N SER A 10 -27.22 -3.25 -25.36
CA SER A 10 -25.82 -2.85 -25.08
C SER A 10 -25.54 -1.43 -25.54
N ILE A 11 -24.55 -0.81 -24.90
CA ILE A 11 -24.17 0.57 -25.22
C ILE A 11 -23.56 0.61 -26.62
N MSE A 12 -22.85 -0.45 -26.99
CA MSE A 12 -22.24 -0.54 -28.31
C MSE A 12 -23.24 -0.52 -29.43
O MSE A 12 -23.06 0.14 -30.43
CB MSE A 12 -21.45 -1.83 -28.41
CG MSE A 12 -20.74 -2.01 -29.76
SE MSE A 12 -20.04 -3.83 -29.81
CE MSE A 12 -18.99 -3.82 -31.46
N VAL A 13 -24.32 -1.28 -29.27
CA VAL A 13 -25.35 -1.34 -30.30
C VAL A 13 -26.20 -0.08 -30.31
N LYS A 14 -26.52 0.45 -29.14
CA LYS A 14 -27.35 1.67 -29.07
C LYS A 14 -26.64 2.97 -29.46
N ARG A 15 -25.32 3.02 -29.28
CA ARG A 15 -24.57 4.24 -29.58
C ARG A 15 -23.45 4.09 -30.61
N GLY A 16 -23.10 2.86 -30.96
CA GLY A 16 -22.04 2.62 -31.94
C GLY A 16 -22.49 3.07 -33.32
N VAL A 17 -21.62 3.82 -34.00
CA VAL A 17 -21.93 4.34 -35.34
C VAL A 17 -22.01 3.26 -36.41
N GLY A 18 -21.31 2.15 -36.18
CA GLY A 18 -21.28 1.03 -37.11
C GLY A 18 -22.40 0.02 -36.97
N ALA A 19 -23.31 0.25 -36.03
CA ALA A 19 -24.43 -0.66 -35.82
C ALA A 19 -25.26 -0.73 -37.11
N GLY A 20 -25.55 -1.95 -37.50
CA GLY A 20 -26.36 -2.19 -38.71
C GLY A 20 -25.57 -2.44 -40.00
N ARG A 21 -24.26 -2.16 -39.99
CA ARG A 21 -23.44 -2.38 -41.19
C ARG A 21 -23.16 -3.83 -41.49
N LYS A 22 -23.00 -4.15 -42.78
CA LYS A 22 -22.58 -5.47 -43.20
C LYS A 22 -21.07 -5.27 -42.98
N PRO A 23 -20.52 -5.93 -41.95
CA PRO A 23 -19.12 -5.70 -41.67
C PRO A 23 -18.15 -6.36 -42.64
N VAL A 24 -16.99 -5.73 -42.79
CA VAL A 24 -15.89 -6.26 -43.58
C VAL A 24 -15.06 -7.03 -42.55
N THR A 25 -14.71 -8.28 -42.87
CA THR A 25 -13.94 -9.12 -41.96
C THR A 25 -12.49 -9.11 -42.42
N HIS A 26 -11.60 -8.67 -41.54
CA HIS A 26 -10.18 -8.59 -41.83
C HIS A 26 -9.48 -9.73 -41.11
N HIS A 27 -8.44 -10.29 -41.74
CA HIS A 27 -7.67 -11.37 -41.16
C HIS A 27 -6.31 -10.81 -40.76
N LEU A 28 -6.13 -10.51 -39.47
CA LEU A 28 -4.86 -9.97 -38.99
C LEU A 28 -3.91 -11.14 -38.68
N THR A 29 -3.33 -11.66 -39.75
CA THR A 29 -2.38 -12.75 -39.66
C THR A 29 -1.02 -12.24 -39.22
N GLU A 30 -0.09 -13.15 -38.96
CA GLU A 30 1.26 -12.80 -38.59
C GLU A 30 1.97 -12.06 -39.74
N GLU A 31 1.62 -12.40 -40.98
CA GLU A 31 2.19 -11.78 -42.18
C GLU A 31 1.75 -10.32 -42.28
N MSE A 32 0.52 -10.05 -41.85
CA MSE A 32 -0.01 -8.67 -41.88
C MSE A 32 0.58 -7.87 -40.76
O MSE A 32 0.89 -6.69 -40.95
CB MSE A 32 -1.53 -8.65 -41.75
CG MSE A 32 -2.10 -7.26 -42.01
SE MSE A 32 -4.06 -7.23 -41.80
CE MSE A 32 -4.58 -7.83 -43.60
N GLN A 33 0.71 -8.49 -39.59
CA GLN A 33 1.27 -7.84 -38.41
C GLN A 33 2.73 -7.43 -38.58
N LYS A 34 3.52 -8.31 -39.23
CA LYS A 34 4.97 -8.10 -39.49
C LYS A 34 5.83 -8.17 -38.22
N GLU A 35 5.63 -7.23 -37.29
CA GLU A 35 6.36 -7.25 -36.03
C GLU A 35 5.38 -6.98 -34.88
N PHE A 36 5.41 -7.84 -33.87
CA PHE A 36 4.57 -7.69 -32.70
C PHE A 36 5.23 -6.67 -31.78
N HIS A 37 4.42 -5.92 -31.02
CA HIS A 37 4.97 -4.88 -30.15
C HIS A 37 4.90 -5.16 -28.67
N TYR A 38 5.91 -4.64 -27.98
CA TYR A 38 6.05 -4.75 -26.53
C TYR A 38 5.81 -3.41 -25.83
N THR A 39 5.39 -2.40 -26.60
CA THR A 39 5.05 -1.08 -26.06
C THR A 39 3.81 -0.61 -26.82
N ILE A 40 2.88 0.00 -26.10
CA ILE A 40 1.60 0.48 -26.65
C ILE A 40 1.54 2.01 -26.64
N GLY A 41 1.60 2.59 -27.83
CA GLY A 41 1.59 4.05 -27.99
C GLY A 41 1.31 4.50 -29.40
N PRO A 42 1.53 5.79 -29.68
CA PRO A 42 1.26 6.39 -30.98
C PRO A 42 2.42 6.37 -31.99
N TYR A 43 3.52 5.70 -31.67
CA TYR A 43 4.69 5.68 -32.55
C TYR A 43 4.83 4.45 -33.47
N SER A 44 4.04 3.41 -33.22
CA SER A 44 4.07 2.19 -34.02
C SER A 44 3.40 2.46 -35.36
N THR A 45 3.88 1.83 -36.42
CA THR A 45 3.26 1.98 -37.75
C THR A 45 1.95 1.16 -37.77
N PRO A 46 0.84 1.75 -38.23
CA PRO A 46 -0.42 1.00 -38.28
C PRO A 46 -0.33 -0.24 -39.16
N VAL A 47 -0.97 -1.32 -38.72
CA VAL A 47 -0.96 -2.58 -39.48
C VAL A 47 -2.27 -2.84 -40.21
N LEU A 48 -3.33 -2.16 -39.79
CA LEU A 48 -4.66 -2.34 -40.37
C LEU A 48 -5.56 -1.16 -40.06
N THR A 49 -6.42 -0.79 -41.01
CA THR A 49 -7.37 0.29 -40.83
C THR A 49 -8.76 -0.29 -41.12
N ILE A 50 -9.69 -0.09 -40.19
CA ILE A 50 -11.04 -0.63 -40.34
C ILE A 50 -12.13 0.41 -40.14
N GLU A 51 -13.35 0.05 -40.54
CA GLU A 51 -14.52 0.91 -40.37
C GLU A 51 -15.21 0.46 -39.07
N PRO A 52 -15.83 1.41 -38.34
CA PRO A 52 -16.52 1.00 -37.14
C PRO A 52 -17.60 -0.02 -37.50
N GLY A 53 -17.64 -1.15 -36.79
CA GLY A 53 -18.60 -2.20 -37.03
C GLY A 53 -17.96 -3.42 -37.69
N ASP A 54 -16.77 -3.24 -38.26
CA ASP A 54 -16.03 -4.35 -38.90
C ASP A 54 -15.57 -5.41 -37.90
N ARG A 55 -15.30 -6.60 -38.42
CA ARG A 55 -14.80 -7.73 -37.65
C ARG A 55 -13.33 -7.93 -37.98
N VAL A 56 -12.57 -8.41 -36.99
CA VAL A 56 -11.14 -8.69 -37.17
C VAL A 56 -10.85 -10.06 -36.55
N ILE A 57 -10.22 -10.93 -37.34
CA ILE A 57 -9.84 -12.26 -36.91
C ILE A 57 -8.34 -12.17 -36.63
N VAL A 58 -7.97 -12.13 -35.36
CA VAL A 58 -6.58 -11.97 -34.95
C VAL A 58 -5.88 -13.28 -34.60
N ASP A 59 -4.71 -13.51 -35.20
CA ASP A 59 -3.87 -14.67 -34.91
C ASP A 59 -2.86 -14.23 -33.85
N THR A 60 -3.26 -14.28 -32.59
CA THR A 60 -2.39 -13.84 -31.49
C THR A 60 -1.28 -14.83 -31.15
N ARG A 61 -0.22 -14.30 -30.55
CA ARG A 61 0.91 -15.09 -30.08
C ARG A 61 0.83 -15.15 -28.57
N ASP A 62 1.39 -16.21 -27.97
CA ASP A 62 1.34 -16.35 -26.51
C ASP A 62 2.19 -15.28 -25.84
N ALA A 63 2.07 -15.17 -24.52
CA ALA A 63 2.81 -14.18 -23.74
C ALA A 63 4.33 -14.26 -23.86
N PHE A 64 4.86 -15.41 -24.23
CA PHE A 64 6.32 -15.61 -24.35
C PHE A 64 6.80 -15.55 -25.79
N GLU A 65 5.89 -15.24 -26.72
CA GLU A 65 6.15 -15.20 -28.16
C GLU A 65 6.83 -16.50 -28.61
N GLY A 66 6.26 -17.61 -28.16
CA GLY A 66 6.72 -18.95 -28.49
C GLY A 66 8.07 -19.37 -27.95
N ALA A 67 8.66 -18.58 -27.06
CA ALA A 67 9.99 -18.89 -26.52
C ALA A 67 10.04 -20.13 -25.64
N ILE A 68 8.91 -20.49 -25.05
CA ILE A 68 8.83 -21.67 -24.16
C ILE A 68 8.01 -22.77 -24.82
N SER A 69 8.60 -23.96 -24.93
CA SER A 69 7.92 -25.09 -25.54
C SER A 69 8.18 -26.45 -24.84
N SER A 70 8.84 -26.41 -23.69
CA SER A 70 9.16 -27.61 -22.93
C SER A 70 9.17 -27.36 -21.43
N GLU A 71 8.74 -28.34 -20.66
CA GLU A 71 8.75 -28.20 -19.21
C GLU A 71 10.19 -28.13 -18.65
N GLN A 72 11.18 -28.53 -19.48
CA GLN A 72 12.60 -28.44 -19.08
C GLN A 72 13.23 -27.08 -19.41
N ASP A 73 12.43 -26.16 -19.98
CA ASP A 73 12.92 -24.82 -20.31
C ASP A 73 13.10 -24.03 -19.02
N ILE A 74 14.02 -23.08 -19.06
CA ILE A 74 14.35 -22.24 -17.93
C ILE A 74 14.00 -20.79 -18.29
N PRO A 75 12.85 -20.30 -17.78
CA PRO A 75 12.38 -18.94 -18.03
C PRO A 75 13.41 -17.80 -17.89
N SER A 76 14.24 -17.82 -16.84
CA SER A 76 15.23 -16.75 -16.64
C SER A 76 16.26 -16.67 -17.76
N GLN A 77 16.48 -17.77 -18.47
CA GLN A 77 17.42 -17.82 -19.60
C GLN A 77 16.76 -17.54 -20.96
N LEU A 78 15.45 -17.72 -21.06
CA LEU A 78 14.72 -17.48 -22.31
C LEU A 78 13.89 -16.20 -22.36
N LEU A 79 13.64 -15.58 -21.21
CA LEU A 79 12.86 -14.35 -21.14
C LEU A 79 13.63 -13.19 -20.51
N LYS A 80 13.27 -11.98 -20.93
CA LYS A 80 13.82 -10.74 -20.40
C LYS A 80 12.66 -9.86 -19.98
N MSE A 81 12.46 -9.69 -18.67
CA MSE A 81 11.33 -8.87 -18.20
C MSE A 81 11.65 -7.41 -18.50
O MSE A 81 12.82 -7.03 -18.47
CB MSE A 81 11.09 -9.04 -16.71
CG MSE A 81 10.69 -10.47 -16.31
SE MSE A 81 9.03 -11.18 -17.14
CE MSE A 81 7.62 -10.40 -15.99
N PRO A 82 10.66 -6.57 -18.82
CA PRO A 82 9.23 -6.92 -18.87
C PRO A 82 8.73 -7.29 -20.28
N PHE A 83 9.61 -7.80 -21.14
CA PHE A 83 9.21 -8.15 -22.51
C PHE A 83 8.38 -9.42 -22.63
N LEU A 84 7.11 -9.29 -22.27
CA LEU A 84 6.11 -10.35 -22.39
C LEU A 84 4.91 -9.73 -23.08
N ASN A 85 3.99 -10.59 -23.52
CA ASN A 85 2.75 -10.16 -24.16
C ASN A 85 2.98 -9.41 -25.50
N PRO A 86 3.49 -10.13 -26.51
CA PRO A 86 3.65 -9.51 -27.84
C PRO A 86 2.28 -9.05 -28.32
N GLN A 87 2.18 -7.80 -28.77
CA GLN A 87 0.90 -7.24 -29.19
C GLN A 87 0.61 -7.17 -30.68
N ASN A 88 -0.64 -7.47 -31.03
CA ASN A 88 -1.13 -7.30 -32.39
C ASN A 88 -1.61 -5.85 -32.42
N GLY A 89 -1.50 -5.21 -33.57
CA GLY A 89 -1.90 -3.81 -33.70
C GLY A 89 -0.69 -2.94 -34.05
N PRO A 90 -0.87 -1.63 -34.13
CA PRO A 90 -2.15 -0.96 -33.88
C PRO A 90 -3.16 -1.03 -35.02
N ILE A 91 -4.43 -1.20 -34.65
CA ILE A 91 -5.53 -1.25 -35.60
C ILE A 91 -6.15 0.16 -35.57
N MSE A 92 -6.41 0.74 -36.73
CA MSE A 92 -6.98 2.09 -36.80
C MSE A 92 -8.45 2.02 -37.10
O MSE A 92 -8.88 1.29 -37.97
CB MSE A 92 -6.31 2.90 -37.90
CG MSE A 92 -4.78 2.82 -37.85
SE MSE A 92 -4.05 3.70 -36.24
CE MSE A 92 -4.07 5.57 -36.89
N ILE A 93 -9.24 2.80 -36.36
CA ILE A 93 -10.67 2.86 -36.57
C ILE A 93 -10.96 4.21 -37.23
N ASN A 94 -11.56 4.16 -38.42
CA ASN A 94 -11.85 5.35 -39.20
C ASN A 94 -12.84 6.26 -38.47
N GLY A 95 -12.40 7.49 -38.21
CA GLY A 95 -13.20 8.50 -37.52
C GLY A 95 -12.90 8.66 -36.04
N ALA A 96 -12.19 7.72 -35.44
CA ALA A 96 -11.86 7.78 -34.01
C ALA A 96 -10.96 8.96 -33.68
N GLU A 97 -11.32 9.70 -32.64
CA GLU A 97 -10.56 10.87 -32.18
C GLU A 97 -10.70 10.99 -30.68
N LYS A 98 -9.81 11.77 -30.07
CA LYS A 98 -9.80 11.95 -28.64
C LYS A 98 -11.19 12.36 -28.14
N GLY A 99 -11.68 11.66 -27.12
CA GLY A 99 -13.00 11.92 -26.57
C GLY A 99 -13.99 10.83 -26.93
N ASP A 100 -13.61 10.01 -27.93
CA ASP A 100 -14.43 8.88 -28.37
C ASP A 100 -14.09 7.64 -27.55
N VAL A 101 -14.77 6.54 -27.87
CA VAL A 101 -14.58 5.27 -27.19
C VAL A 101 -14.62 4.13 -28.19
N ILE A 102 -13.68 3.21 -28.08
CA ILE A 102 -13.64 2.04 -28.93
C ILE A 102 -14.37 0.93 -28.18
N ALA A 103 -15.35 0.32 -28.82
CA ALA A 103 -16.09 -0.80 -28.22
C ALA A 103 -15.55 -2.06 -28.87
N VAL A 104 -15.05 -2.99 -28.06
CA VAL A 104 -14.50 -4.23 -28.57
C VAL A 104 -15.30 -5.41 -28.07
N TYR A 105 -16.08 -6.01 -28.97
CA TYR A 105 -16.89 -7.18 -28.63
C TYR A 105 -16.15 -8.43 -29.06
N ILE A 106 -15.83 -9.31 -28.12
CA ILE A 106 -15.14 -10.55 -28.43
C ILE A 106 -16.19 -11.61 -28.77
N GLU A 107 -16.14 -12.14 -29.99
CA GLU A 107 -17.10 -13.16 -30.40
C GLU A 107 -16.68 -14.55 -29.99
N SER A 108 -15.42 -14.86 -30.29
CA SER A 108 -14.87 -16.19 -30.02
C SER A 108 -13.36 -16.20 -29.90
N MSE A 109 -12.87 -17.25 -29.26
CA MSE A 109 -11.44 -17.45 -29.05
C MSE A 109 -11.17 -18.93 -29.12
O MSE A 109 -11.71 -19.70 -28.32
CB MSE A 109 -11.05 -16.92 -27.66
CG MSE A 109 -11.12 -15.40 -27.60
SE MSE A 109 -10.51 -14.77 -25.83
CE MSE A 109 -8.62 -15.30 -25.99
N LEU A 110 -10.36 -19.35 -30.08
CA LEU A 110 -10.02 -20.76 -30.25
C LEU A 110 -8.51 -20.93 -30.20
N PRO A 111 -8.03 -22.12 -29.79
CA PRO A 111 -6.57 -22.32 -29.77
C PRO A 111 -6.06 -22.43 -31.18
N ARG A 112 -4.87 -21.86 -31.41
CA ARG A 112 -4.25 -21.85 -32.73
C ARG A 112 -3.08 -22.80 -32.79
N GLY A 113 -2.90 -23.45 -33.94
CA GLY A 113 -1.78 -24.38 -34.16
C GLY A 113 -2.20 -25.84 -34.04
N VAL A 114 -1.36 -26.73 -34.58
CA VAL A 114 -1.61 -28.17 -34.55
C VAL A 114 -1.24 -28.72 -33.17
N ASN A 115 -2.14 -29.50 -32.56
CA ASN A 115 -1.94 -30.09 -31.22
C ASN A 115 -1.53 -28.96 -30.28
N PRO A 116 -2.45 -27.99 -30.08
CA PRO A 116 -2.17 -26.79 -29.29
C PRO A 116 -1.93 -27.01 -27.81
N HIS A 117 -0.98 -26.27 -27.28
CA HIS A 117 -0.65 -26.33 -25.88
C HIS A 117 -0.59 -24.93 -25.27
N GLY A 118 -1.09 -24.83 -24.04
CA GLY A 118 -1.06 -23.60 -23.26
C GLY A 118 0.15 -23.73 -22.36
N ILE A 119 0.54 -22.64 -21.71
CA ILE A 119 1.74 -22.65 -20.86
C ILE A 119 1.57 -21.83 -19.59
N CYS A 120 1.87 -22.42 -18.45
CA CYS A 120 1.84 -21.72 -17.18
C CYS A 120 3.28 -21.76 -16.70
N ALA A 121 3.77 -20.64 -16.17
CA ALA A 121 5.16 -20.58 -15.71
C ALA A 121 5.35 -19.74 -14.47
N MSE A 122 6.36 -20.14 -13.69
CA MSE A 122 6.76 -19.43 -12.48
C MSE A 122 8.06 -18.80 -12.88
O MSE A 122 9.09 -19.47 -12.90
CB MSE A 122 6.93 -20.37 -11.30
CG MSE A 122 5.62 -20.58 -10.59
SE MSE A 122 5.82 -22.11 -9.38
CE MSE A 122 6.96 -21.25 -7.98
N ILE A 123 7.99 -17.53 -13.21
CA ILE A 123 9.15 -16.75 -13.62
C ILE A 123 9.83 -16.17 -12.38
N PRO A 124 11.16 -16.34 -12.27
CA PRO A 124 11.82 -15.78 -11.09
C PRO A 124 11.61 -14.28 -10.93
N HIS A 125 11.38 -13.86 -9.68
CA HIS A 125 11.18 -12.45 -9.33
C HIS A 125 9.91 -11.84 -9.95
N PHE A 126 8.91 -12.70 -10.21
CA PHE A 126 7.65 -12.26 -10.79
C PHE A 126 6.52 -13.18 -10.32
N GLY A 127 5.49 -12.58 -9.74
CA GLY A 127 4.34 -13.31 -9.20
C GLY A 127 3.76 -12.63 -7.99
N GLY A 128 2.64 -13.15 -7.53
CA GLY A 128 1.92 -12.59 -6.39
C GLY A 128 2.47 -12.97 -5.03
N LEU A 129 2.98 -14.21 -4.90
CA LEU A 129 3.51 -14.71 -3.62
C LEU A 129 5.05 -14.84 -3.59
N THR A 130 5.71 -13.85 -4.19
CA THR A 130 7.16 -13.80 -4.23
C THR A 130 7.66 -12.36 -4.27
N GLY A 131 8.87 -12.17 -3.79
CA GLY A 131 9.49 -10.86 -3.86
C GLY A 131 9.75 -10.67 -5.35
N THR A 132 9.70 -9.42 -5.80
CA THR A 132 9.90 -9.10 -7.20
C THR A 132 10.86 -7.93 -7.26
N ASP A 133 11.00 -7.32 -8.43
CA ASP A 133 11.86 -6.14 -8.57
C ASP A 133 11.17 -4.86 -8.06
N LEU A 134 9.86 -4.95 -7.79
CA LEU A 134 9.08 -3.83 -7.26
C LEU A 134 8.92 -4.03 -5.76
N THR A 135 8.48 -5.23 -5.36
CA THR A 135 8.38 -5.60 -3.94
C THR A 135 9.74 -6.28 -3.69
N ALA A 136 10.78 -5.45 -3.66
CA ALA A 136 12.18 -5.88 -3.56
C ALA A 136 12.64 -6.54 -2.28
N MSE A 137 12.73 -7.87 -2.32
CA MSE A 137 13.19 -8.66 -1.19
C MSE A 137 14.53 -9.27 -1.51
O MSE A 137 14.95 -9.31 -2.67
CB MSE A 137 12.22 -9.82 -0.90
CG MSE A 137 10.74 -9.44 -0.85
SE MSE A 137 10.45 -8.15 0.63
CE MSE A 137 8.55 -8.56 0.96
N LEU A 138 15.22 -9.74 -0.47
CA LEU A 138 16.53 -10.38 -0.62
C LEU A 138 16.45 -11.91 -0.68
N ASN A 139 15.24 -12.45 -0.54
CA ASN A 139 15.07 -13.90 -0.54
C ASN A 139 15.36 -14.47 -1.92
N ASP A 140 15.72 -15.75 -1.93
CA ASP A 140 15.97 -16.46 -3.17
C ASP A 140 14.64 -16.50 -3.92
N PRO A 141 14.69 -16.46 -5.26
CA PRO A 141 13.46 -16.53 -6.01
C PRO A 141 12.83 -17.92 -5.88
N LEU A 142 11.55 -18.03 -6.23
CA LEU A 142 10.87 -19.31 -6.16
C LEU A 142 11.40 -20.22 -7.26
N PRO A 143 11.14 -21.54 -7.13
CA PRO A 143 11.64 -22.43 -8.15
C PRO A 143 11.10 -22.04 -9.50
N GLU A 144 11.92 -22.32 -10.49
CA GLU A 144 11.64 -21.97 -11.84
C GLU A 144 10.88 -23.13 -12.50
N LYS A 145 9.56 -23.00 -12.60
CA LYS A 145 8.70 -24.04 -13.17
C LYS A 145 7.95 -23.66 -14.44
N VAL A 146 7.67 -24.69 -15.24
CA VAL A 146 6.94 -24.57 -16.51
C VAL A 146 6.00 -25.77 -16.65
N ARG A 147 4.77 -25.49 -17.07
CA ARG A 147 3.79 -26.52 -17.31
C ARG A 147 3.28 -26.39 -18.75
N MSE A 148 3.34 -27.49 -19.50
CA MSE A 148 2.85 -27.52 -20.88
C MSE A 148 1.54 -28.20 -20.76
O MSE A 148 1.48 -29.38 -20.48
CB MSE A 148 3.76 -28.34 -21.80
CG MSE A 148 5.12 -27.69 -22.00
SE MSE A 148 5.09 -25.87 -22.80
CE MSE A 148 4.45 -26.47 -24.58
N ILE A 149 0.46 -27.45 -20.96
CA ILE A 149 -0.88 -27.98 -20.82
C ILE A 149 -1.57 -28.16 -22.15
N LYS A 150 -2.04 -29.37 -22.40
CA LYS A 150 -2.75 -29.69 -23.63
C LYS A 150 -4.10 -29.03 -23.48
N LEU A 151 -4.70 -28.60 -24.59
CA LEU A 151 -6.01 -27.97 -24.49
C LEU A 151 -6.79 -28.04 -25.78
N ASP A 152 -8.10 -27.83 -25.66
CA ASP A 152 -9.00 -27.82 -26.80
C ASP A 152 -10.13 -26.81 -26.50
N SER A 153 -11.10 -26.69 -27.42
CA SER A 153 -12.21 -25.73 -27.26
C SER A 153 -13.17 -26.04 -26.11
N GLU A 154 -12.95 -27.15 -25.42
CA GLU A 154 -13.82 -27.58 -24.35
C GLU A 154 -13.13 -27.64 -22.97
N LYS A 155 -11.88 -28.10 -22.92
CA LYS A 155 -11.18 -28.28 -21.64
C LYS A 155 -9.67 -27.98 -21.65
N VAL A 156 -9.14 -27.74 -20.45
CA VAL A 156 -7.73 -27.47 -20.22
C VAL A 156 -7.24 -28.64 -19.37
N TYR A 157 -6.36 -29.47 -19.95
CA TYR A 157 -5.87 -30.68 -19.28
C TYR A 157 -4.70 -30.42 -18.35
N TRP A 158 -4.98 -29.75 -17.24
CA TRP A 158 -3.98 -29.37 -16.24
C TRP A 158 -3.20 -30.56 -15.70
N SER A 159 -3.90 -31.63 -15.34
CA SER A 159 -3.27 -32.85 -14.82
C SER A 159 -4.26 -34.00 -14.74
N GLU A 160 -3.79 -35.18 -14.35
CA GLU A 160 -4.67 -36.34 -14.20
C GLU A 160 -5.79 -36.00 -13.23
N ARG A 161 -5.42 -35.34 -12.13
CA ARG A 161 -6.36 -34.95 -11.10
C ARG A 161 -7.31 -33.80 -11.47
N HIS A 162 -6.80 -32.78 -12.17
CA HIS A 162 -7.63 -31.62 -12.54
C HIS A 162 -7.75 -31.33 -14.03
N THR A 163 -8.99 -31.28 -14.50
CA THR A 163 -9.30 -30.95 -15.88
C THR A 163 -10.17 -29.72 -15.71
N LEU A 164 -9.67 -28.57 -16.17
CA LEU A 164 -10.38 -27.31 -16.02
C LEU A 164 -11.20 -26.95 -17.25
N PRO A 165 -12.33 -26.24 -17.06
CA PRO A 165 -13.09 -25.83 -18.24
C PRO A 165 -12.34 -24.77 -19.03
N TYR A 166 -12.59 -24.73 -20.34
CA TYR A 166 -11.97 -23.76 -21.22
C TYR A 166 -12.77 -22.46 -21.16
N LYS A 167 -12.24 -21.48 -20.43
CA LYS A 167 -12.87 -20.16 -20.28
C LYS A 167 -11.84 -19.15 -20.76
N PRO A 168 -11.71 -19.00 -22.08
CA PRO A 168 -10.71 -18.08 -22.59
C PRO A 168 -11.07 -16.60 -22.41
N HIS A 169 -10.03 -15.76 -22.40
CA HIS A 169 -10.19 -14.32 -22.27
C HIS A 169 -8.89 -13.64 -22.68
N ILE A 170 -8.99 -12.37 -23.02
CA ILE A 170 -7.85 -11.57 -23.43
C ILE A 170 -7.24 -10.88 -22.23
N GLY A 171 -5.93 -11.04 -22.08
CA GLY A 171 -5.19 -10.44 -20.98
C GLY A 171 -4.83 -9.00 -21.26
N THR A 172 -4.41 -8.72 -22.50
CA THR A 172 -4.03 -7.36 -22.91
C THR A 172 -4.90 -6.82 -24.03
N LEU A 173 -5.76 -5.87 -23.70
CA LEU A 173 -6.62 -5.20 -24.67
C LEU A 173 -6.46 -3.71 -24.39
N SER A 174 -6.04 -2.94 -25.38
CA SER A 174 -5.81 -1.51 -25.14
C SER A 174 -5.84 -0.61 -26.35
N VAL A 175 -5.81 0.68 -26.07
CA VAL A 175 -5.74 1.73 -27.08
C VAL A 175 -4.54 2.60 -26.71
N SER A 176 -4.00 3.32 -27.68
CA SER A 176 -2.83 4.16 -27.43
C SER A 176 -3.08 5.39 -26.55
N PRO A 177 -2.10 5.73 -25.70
CA PRO A 177 -2.18 6.97 -24.95
C PRO A 177 -1.97 8.11 -25.95
N GLU A 178 -2.17 9.34 -25.51
CA GLU A 178 -2.01 10.49 -26.42
C GLU A 178 -0.56 10.62 -26.88
N ILE A 179 0.37 10.67 -25.92
CA ILE A 179 1.81 10.82 -26.23
C ILE A 179 2.71 9.75 -25.61
N ASP A 180 2.27 9.11 -24.54
CA ASP A 180 3.06 8.06 -23.89
C ASP A 180 3.02 6.75 -24.65
N SER A 181 3.98 5.89 -24.35
CA SER A 181 4.05 4.54 -24.94
C SER A 181 4.34 3.65 -23.73
N ILE A 182 3.32 2.93 -23.28
CA ILE A 182 3.36 2.08 -22.09
C ILE A 182 3.68 0.63 -22.46
N ASN A 183 4.54 -0.04 -21.68
CA ASN A 183 4.90 -1.42 -22.04
C ASN A 183 3.68 -2.36 -22.00
N SER A 184 3.81 -3.47 -22.73
CA SER A 184 2.76 -4.46 -22.85
C SER A 184 2.49 -5.27 -21.58
N LEU A 185 3.25 -5.02 -20.52
CA LEU A 185 3.07 -5.74 -19.27
C LEU A 185 2.24 -4.91 -18.29
N THR A 186 2.06 -3.62 -18.58
CA THR A 186 1.33 -2.72 -17.68
C THR A 186 -0.10 -2.31 -18.10
N PRO A 187 -1.07 -2.39 -17.15
CA PRO A 187 -2.42 -1.91 -17.37
C PRO A 187 -2.50 -0.49 -16.84
N ASP A 188 -3.35 0.34 -17.42
CA ASP A 188 -3.47 1.73 -16.96
C ASP A 188 -4.84 2.28 -17.44
N ASN A 189 -4.96 3.59 -17.61
CA ASN A 189 -6.25 4.18 -18.06
C ASN A 189 -6.56 3.99 -19.56
N HIS A 190 -5.65 3.30 -20.25
CA HIS A 190 -5.79 3.01 -21.67
C HIS A 190 -6.15 1.55 -21.90
N GLY A 191 -6.26 0.78 -20.82
CA GLY A 191 -6.53 -0.65 -20.88
C GLY A 191 -5.20 -1.31 -20.52
N GLY A 192 -4.69 -2.12 -21.44
CA GLY A 192 -3.39 -2.77 -21.22
C GLY A 192 -3.49 -4.17 -20.66
N ASN A 193 -2.45 -4.58 -19.94
CA ASN A 193 -2.35 -5.92 -19.35
C ASN A 193 -3.19 -5.99 -18.07
N MSE A 194 -4.50 -5.98 -18.25
CA MSE A 194 -5.45 -6.01 -17.13
C MSE A 194 -5.64 -7.38 -16.54
O MSE A 194 -5.89 -7.50 -15.34
CB MSE A 194 -6.80 -5.50 -17.63
CG MSE A 194 -6.74 -4.06 -18.13
SE MSE A 194 -8.45 -3.57 -18.98
CE MSE A 194 -8.38 -4.70 -20.59
N ASP A 195 -5.56 -8.41 -17.37
CA ASP A 195 -5.75 -9.78 -16.91
C ASP A 195 -7.04 -9.94 -16.08
N VAL A 196 -8.15 -9.50 -16.68
CA VAL A 196 -9.47 -9.60 -16.06
C VAL A 196 -10.17 -10.76 -16.77
N PRO A 197 -10.43 -11.87 -16.05
CA PRO A 197 -11.06 -13.08 -16.64
C PRO A 197 -12.36 -12.86 -17.41
N ASP A 198 -13.08 -11.80 -17.07
CA ASP A 198 -14.37 -11.48 -17.70
C ASP A 198 -14.28 -10.98 -19.15
N ILE A 199 -13.10 -10.54 -19.56
CA ILE A 199 -12.89 -10.00 -20.91
C ILE A 199 -12.66 -11.12 -21.91
N GLY A 200 -13.71 -11.90 -22.15
CA GLY A 200 -13.68 -13.02 -23.10
C GLY A 200 -14.92 -13.01 -23.98
N PRO A 201 -15.15 -14.14 -24.68
CA PRO A 201 -16.33 -14.25 -25.54
C PRO A 201 -17.59 -13.84 -24.82
N GLY A 202 -18.39 -12.99 -25.45
CA GLY A 202 -19.62 -12.49 -24.84
C GLY A 202 -19.45 -11.22 -24.03
N SER A 203 -18.28 -10.58 -24.14
CA SER A 203 -18.03 -9.33 -23.41
C SER A 203 -17.73 -8.22 -24.39
N ILE A 204 -18.05 -6.99 -23.99
CA ILE A 204 -17.80 -5.79 -24.78
C ILE A 204 -16.95 -4.90 -23.89
N THR A 205 -15.75 -4.57 -24.33
CA THR A 205 -14.87 -3.70 -23.55
C THR A 205 -14.86 -2.30 -24.18
N TYR A 206 -15.02 -1.28 -23.35
CA TYR A 206 -15.03 0.13 -23.79
C TYR A 206 -13.73 0.79 -23.39
N LEU A 207 -12.99 1.30 -24.37
CA LEU A 207 -11.68 1.94 -24.14
C LEU A 207 -11.66 3.40 -24.59
N PRO A 208 -11.14 4.31 -23.75
CA PRO A 208 -11.15 5.72 -24.13
C PRO A 208 -10.09 6.12 -25.13
N VAL A 209 -10.52 6.69 -26.24
CA VAL A 209 -9.61 7.13 -27.29
C VAL A 209 -8.90 8.42 -26.87
N ARG A 210 -7.57 8.44 -27.05
CA ARG A 210 -6.76 9.62 -26.76
C ARG A 210 -5.81 9.95 -27.92
N ALA A 211 -5.72 9.06 -28.91
CA ALA A 211 -4.86 9.24 -30.08
C ALA A 211 -5.72 9.11 -31.34
N PRO A 212 -5.43 9.90 -32.38
CA PRO A 212 -6.23 9.79 -33.60
C PRO A 212 -6.22 8.37 -34.16
N GLY A 213 -7.40 7.86 -34.50
CA GLY A 213 -7.54 6.51 -35.05
C GLY A 213 -7.73 5.44 -33.99
N GLY A 214 -7.63 5.83 -32.72
CA GLY A 214 -7.80 4.88 -31.62
C GLY A 214 -6.53 4.11 -31.30
N ARG A 215 -6.02 3.38 -32.29
CA ARG A 215 -4.82 2.55 -32.13
C ARG A 215 -5.08 1.41 -31.15
N LEU A 216 -5.89 0.46 -31.60
CA LEU A 216 -6.25 -0.71 -30.80
C LEU A 216 -5.18 -1.78 -30.84
N PHE A 217 -4.82 -2.28 -29.66
CA PHE A 217 -3.83 -3.35 -29.51
C PHE A 217 -4.50 -4.52 -28.79
N ILE A 218 -4.13 -5.74 -29.16
CA ILE A 218 -4.70 -6.93 -28.54
C ILE A 218 -3.64 -8.03 -28.42
N GLY A 219 -3.80 -8.92 -27.45
CA GLY A 219 -2.85 -10.02 -27.26
C GLY A 219 -2.99 -10.74 -25.94
N ASP A 220 -2.04 -11.62 -25.65
CA ASP A 220 -2.00 -12.36 -24.38
C ASP A 220 -3.31 -13.11 -24.07
N ALA A 221 -3.65 -14.07 -24.91
CA ALA A 221 -4.84 -14.87 -24.71
C ALA A 221 -4.60 -15.87 -23.56
N HIS A 222 -5.63 -16.07 -22.73
CA HIS A 222 -5.55 -17.03 -21.62
C HIS A 222 -6.63 -18.08 -21.79
N ALA A 223 -6.29 -19.36 -21.60
CA ALA A 223 -7.27 -20.44 -21.69
C ALA A 223 -8.15 -20.48 -20.44
N CYS A 224 -7.64 -19.88 -19.36
CA CYS A 224 -8.32 -19.79 -18.08
C CYS A 224 -7.47 -18.91 -17.17
N GLN A 225 -8.04 -18.44 -16.06
CA GLN A 225 -7.28 -17.62 -15.10
C GLN A 225 -8.03 -17.44 -13.79
N GLY A 226 -7.27 -17.49 -12.69
CA GLY A 226 -7.83 -17.28 -11.37
C GLY A 226 -7.83 -15.80 -11.03
N ASP A 227 -8.58 -15.43 -10.00
CA ASP A 227 -8.66 -14.05 -9.55
C ASP A 227 -7.29 -13.71 -8.95
N GLY A 228 -6.62 -12.74 -9.56
CA GLY A 228 -5.31 -12.29 -9.13
C GLY A 228 -4.16 -12.84 -9.97
N GLU A 229 -4.38 -13.95 -10.70
CA GLU A 229 -3.34 -14.58 -11.54
C GLU A 229 -2.11 -14.73 -10.66
N ILE A 230 -2.35 -15.20 -9.45
CA ILE A 230 -1.37 -15.27 -8.37
C ILE A 230 0.08 -15.74 -8.65
N CYS A 231 0.31 -16.76 -9.48
CA CYS A 231 1.70 -17.22 -9.70
C CYS A 231 2.47 -16.37 -10.71
N GLY A 232 1.77 -15.43 -11.36
CA GLY A 232 2.38 -14.54 -12.36
C GLY A 232 1.83 -14.76 -13.75
N THR A 233 1.45 -16.01 -14.04
CA THR A 233 0.89 -16.35 -15.35
C THR A 233 -0.34 -17.24 -15.26
N ALA A 234 -1.17 -17.16 -16.28
CA ALA A 234 -2.35 -17.97 -16.40
C ALA A 234 -1.93 -19.09 -17.35
N VAL A 235 -2.88 -19.69 -18.07
CA VAL A 235 -2.53 -20.70 -19.08
C VAL A 235 -2.41 -19.88 -20.37
N GLU A 236 -1.19 -19.47 -20.67
CA GLU A 236 -0.89 -18.65 -21.84
C GLU A 236 -0.93 -19.46 -23.14
N PHE A 237 -1.60 -18.96 -24.16
CA PHE A 237 -1.67 -19.69 -25.44
C PHE A 237 -1.86 -18.78 -26.66
N ALA A 238 -1.54 -19.33 -27.83
CA ALA A 238 -1.67 -18.64 -29.10
C ALA A 238 -3.12 -18.91 -29.53
N SER A 239 -3.82 -17.86 -29.97
CA SER A 239 -5.24 -18.02 -30.34
C SER A 239 -5.69 -17.36 -31.61
N ILE A 240 -6.90 -17.72 -32.01
CA ILE A 240 -7.59 -17.15 -33.15
C ILE A 240 -8.74 -16.41 -32.46
N THR A 241 -8.51 -15.14 -32.17
CA THR A 241 -9.50 -14.29 -31.50
C THR A 241 -10.23 -13.46 -32.51
N THR A 242 -11.56 -13.60 -32.54
CA THR A 242 -12.41 -12.85 -33.46
C THR A 242 -13.14 -11.77 -32.66
N ILE A 243 -12.97 -10.52 -33.09
CA ILE A 243 -13.60 -9.38 -32.44
C ILE A 243 -14.40 -8.51 -33.40
N LYS A 244 -15.33 -7.74 -32.85
CA LYS A 244 -16.12 -6.78 -33.61
C LYS A 244 -15.79 -5.46 -32.92
N VAL A 245 -15.25 -4.51 -33.67
CA VAL A 245 -14.84 -3.23 -33.13
C VAL A 245 -15.77 -2.13 -33.65
N ASP A 246 -16.31 -1.32 -32.76
CA ASP A 246 -17.19 -0.24 -33.16
C ASP A 246 -16.72 1.04 -32.46
N LEU A 247 -17.35 2.17 -32.78
CA LEU A 247 -16.95 3.46 -32.24
C LEU A 247 -18.14 4.24 -31.68
N ILE A 248 -17.98 4.72 -30.45
CA ILE A 248 -18.99 5.54 -29.77
C ILE A 248 -18.40 6.95 -29.72
N LYS A 249 -19.13 7.90 -30.29
CA LYS A 249 -18.66 9.27 -30.39
C LYS A 249 -18.92 10.09 -29.14
N ASN A 250 -17.91 10.90 -28.79
CA ASN A 250 -17.99 11.85 -27.69
C ASN A 250 -18.58 11.31 -26.38
N TRP A 251 -17.91 10.32 -25.80
CA TRP A 251 -18.30 9.69 -24.53
C TRP A 251 -17.04 9.72 -23.68
N GLN A 252 -16.98 10.70 -22.77
CA GLN A 252 -15.82 10.89 -21.93
C GLN A 252 -15.67 9.82 -20.86
N LEU A 253 -14.59 9.03 -20.97
CA LEU A 253 -14.26 7.99 -20.00
C LEU A 253 -12.86 8.26 -19.51
N SER A 254 -12.62 7.99 -18.24
CA SER A 254 -11.29 8.15 -17.68
C SER A 254 -10.61 6.79 -17.56
N TRP A 255 -11.41 5.73 -17.45
CA TRP A 255 -10.91 4.38 -17.32
C TRP A 255 -11.69 3.41 -18.19
N PRO A 256 -11.13 2.21 -18.43
CA PRO A 256 -11.84 1.22 -19.22
C PRO A 256 -13.09 0.71 -18.52
N ARG A 257 -14.09 0.34 -19.30
CA ARG A 257 -15.33 -0.22 -18.79
C ARG A 257 -15.67 -1.42 -19.64
N MSE A 258 -16.47 -2.33 -19.10
CA MSE A 258 -16.88 -3.49 -19.88
C MSE A 258 -18.32 -3.79 -19.54
O MSE A 258 -18.89 -3.25 -18.60
CB MSE A 258 -15.90 -4.66 -19.80
CG MSE A 258 -16.03 -5.56 -18.58
SE MSE A 258 -17.29 -7.04 -18.94
CE MSE A 258 -17.31 -7.73 -17.10
N GLU A 259 -18.89 -4.67 -20.34
CA GLU A 259 -20.27 -5.04 -20.21
C GLU A 259 -20.46 -6.44 -20.74
N ASN A 260 -21.35 -7.20 -20.11
CA ASN A 260 -21.68 -8.55 -20.57
C ASN A 260 -23.16 -8.80 -20.31
N ALA A 261 -23.63 -10.02 -20.56
CA ALA A 261 -25.04 -10.33 -20.38
C ALA A 261 -25.62 -9.92 -19.03
N GLU A 262 -24.86 -10.10 -17.95
CA GLU A 262 -25.39 -9.82 -16.60
C GLU A 262 -24.91 -8.56 -15.88
N THR A 263 -23.76 -7.98 -16.24
CA THR A 263 -23.26 -6.81 -15.52
C THR A 263 -22.54 -5.75 -16.36
N ILE A 264 -22.25 -4.63 -15.68
CA ILE A 264 -21.46 -3.53 -16.23
C ILE A 264 -20.31 -3.48 -15.22
N MSE A 265 -19.13 -3.02 -15.66
CA MSE A 265 -17.97 -2.97 -14.78
C MSE A 265 -17.02 -1.87 -15.12
O MSE A 265 -16.79 -1.59 -16.29
CB MSE A 265 -17.27 -4.33 -14.93
CG MSE A 265 -15.97 -4.48 -14.12
SE MSE A 265 -14.84 -5.94 -14.85
CE MSE A 265 -15.87 -7.43 -14.07
N SER A 266 -16.47 -1.23 -14.10
CA SER A 266 -15.47 -0.18 -14.26
C SER A 266 -14.16 -0.84 -13.86
N ILE A 267 -13.14 -0.71 -14.72
CA ILE A 267 -11.84 -1.34 -14.50
C ILE A 267 -10.76 -0.35 -14.14
N GLY A 268 -10.30 -0.39 -12.89
CA GLY A 268 -9.26 0.51 -12.42
C GLY A 268 -7.96 -0.24 -12.25
N SER A 269 -6.83 0.44 -12.49
CA SER A 269 -5.52 -0.18 -12.35
C SER A 269 -4.55 0.73 -11.62
N ALA A 270 -3.89 0.18 -10.60
CA ALA A 270 -2.92 0.93 -9.79
C ALA A 270 -2.30 0.09 -8.68
N ARG A 271 -1.44 0.75 -7.89
CA ARG A 271 -0.82 0.17 -6.70
C ARG A 271 -0.88 1.31 -5.67
N PRO A 272 -1.19 1.02 -4.40
CA PRO A 272 -1.48 -0.32 -3.90
C PRO A 272 -2.84 -0.84 -4.36
N LEU A 273 -3.18 -2.08 -3.99
CA LEU A 273 -4.44 -2.66 -4.48
C LEU A 273 -5.70 -1.88 -4.06
N GLU A 274 -5.68 -1.20 -2.92
CA GLU A 274 -6.85 -0.41 -2.50
C GLU A 274 -7.13 0.74 -3.44
N ASP A 275 -6.09 1.37 -3.98
CA ASP A 275 -6.30 2.49 -4.91
C ASP A 275 -6.88 1.99 -6.23
N ALA A 276 -6.53 0.76 -6.63
CA ALA A 276 -7.09 0.20 -7.85
C ALA A 276 -8.58 0.02 -7.64
N THR A 277 -8.93 -0.45 -6.45
CA THR A 277 -10.33 -0.67 -6.09
C THR A 277 -11.10 0.65 -5.96
N ARG A 278 -10.47 1.67 -5.37
CA ARG A 278 -11.09 3.01 -5.26
C ARG A 278 -11.44 3.57 -6.62
N ILE A 279 -10.46 3.49 -7.51
CA ILE A 279 -10.61 3.97 -8.90
C ILE A 279 -11.79 3.30 -9.58
N ALA A 280 -11.89 1.98 -9.45
CA ALA A 280 -12.98 1.22 -10.06
C ALA A 280 -14.32 1.60 -9.49
N TYR A 281 -14.46 1.54 -8.17
CA TYR A 281 -15.72 1.92 -7.55
C TYR A 281 -16.12 3.35 -7.83
N ARG A 282 -15.17 4.29 -7.76
CA ARG A 282 -15.52 5.69 -8.01
C ARG A 282 -15.99 5.88 -9.46
N ASP A 283 -15.32 5.21 -10.39
CA ASP A 283 -15.69 5.32 -11.80
C ASP A 283 -17.09 4.76 -12.01
N LEU A 284 -17.38 3.65 -11.34
CA LEU A 284 -18.71 3.02 -11.44
C LEU A 284 -19.78 4.01 -10.95
N ILE A 285 -19.52 4.64 -9.81
CA ILE A 285 -20.43 5.63 -9.23
C ILE A 285 -20.66 6.78 -10.22
N TYR A 286 -19.59 7.27 -10.85
CA TYR A 286 -19.76 8.36 -11.81
C TYR A 286 -20.55 7.91 -13.04
N TRP A 287 -20.39 6.63 -13.39
CA TRP A 287 -21.08 6.04 -14.53
C TRP A 287 -22.57 5.93 -14.21
N LEU A 288 -22.89 5.48 -13.00
CA LEU A 288 -24.28 5.34 -12.57
C LEU A 288 -24.99 6.70 -12.50
N VAL A 289 -24.28 7.75 -12.09
CA VAL A 289 -24.85 9.10 -12.01
C VAL A 289 -25.06 9.71 -13.39
N ALA A 290 -24.09 9.52 -14.28
CA ALA A 290 -24.14 10.09 -15.62
C ALA A 290 -25.15 9.45 -16.56
N ASP A 291 -25.12 8.12 -16.67
CA ASP A 291 -25.99 7.39 -17.60
C ASP A 291 -27.20 6.62 -17.04
N PHE A 292 -27.25 6.40 -15.73
CA PHE A 292 -28.36 5.61 -15.17
C PHE A 292 -29.21 6.32 -14.09
N GLY A 293 -29.28 7.65 -14.16
CA GLY A 293 -30.10 8.45 -13.24
C GLY A 293 -29.92 8.34 -11.73
N PHE A 294 -28.79 7.83 -11.27
CA PHE A 294 -28.53 7.75 -9.84
C PHE A 294 -28.11 9.07 -9.24
N GLU A 295 -28.42 9.26 -7.97
CA GLU A 295 -27.98 10.42 -7.21
C GLU A 295 -26.65 9.89 -6.63
N GLN A 296 -25.61 10.72 -6.61
CA GLN A 296 -24.27 10.25 -6.17
C GLN A 296 -24.19 9.50 -4.84
N TRP A 297 -24.68 10.10 -3.76
CA TRP A 297 -24.60 9.48 -2.45
C TRP A 297 -25.42 8.21 -2.33
N ASP A 298 -26.55 8.15 -3.03
CA ASP A 298 -27.38 6.94 -3.02
C ASP A 298 -26.62 5.82 -3.71
N ALA A 299 -25.97 6.14 -4.83
CA ALA A 299 -25.19 5.14 -5.59
C ALA A 299 -24.07 4.57 -4.73
N TYR A 300 -23.38 5.46 -4.02
CA TYR A 300 -22.26 5.10 -3.14
C TYR A 300 -22.74 4.15 -2.02
N MSE A 301 -23.82 4.52 -1.36
CA MSE A 301 -24.37 3.70 -0.27
C MSE A 301 -25.01 2.44 -0.80
O MSE A 301 -25.00 1.43 -0.12
CB MSE A 301 -25.36 4.51 0.54
CG MSE A 301 -24.66 5.66 1.25
SE MSE A 301 -25.96 6.63 2.38
CE MSE A 301 -27.10 7.57 1.08
N LEU A 302 -25.56 2.49 -2.01
CA LEU A 302 -26.19 1.30 -2.60
C LEU A 302 -25.13 0.26 -2.96
N LEU A 303 -24.01 0.72 -3.54
CA LEU A 303 -22.91 -0.17 -3.90
C LEU A 303 -22.26 -0.80 -2.69
N SER A 304 -22.48 -0.18 -1.53
CA SER A 304 -21.97 -0.71 -0.28
C SER A 304 -22.81 -1.93 0.11
N GLN A 305 -23.89 -2.18 -0.64
CA GLN A 305 -24.78 -3.31 -0.39
C GLN A 305 -24.83 -4.30 -1.58
N CYS A 306 -24.58 -3.82 -2.80
CA CYS A 306 -24.69 -4.64 -4.02
C CYS A 306 -23.47 -4.73 -4.91
N GLY A 307 -22.48 -3.88 -4.67
CA GLY A 307 -21.29 -3.90 -5.50
C GLY A 307 -20.56 -5.22 -5.43
N LYS A 308 -20.05 -5.66 -6.58
CA LYS A 308 -19.25 -6.87 -6.71
C LYS A 308 -17.85 -6.48 -7.18
N VAL A 309 -16.84 -7.17 -6.69
CA VAL A 309 -15.47 -6.88 -7.08
C VAL A 309 -14.79 -8.09 -7.68
N ARG A 310 -14.07 -7.84 -8.77
CA ARG A 310 -13.29 -8.85 -9.44
C ARG A 310 -11.83 -8.46 -9.35
N LEU A 311 -11.03 -9.28 -8.68
CA LEU A 311 -9.62 -9.05 -8.63
C LEU A 311 -9.08 -9.63 -9.95
N GLY A 312 -8.55 -8.76 -10.81
CA GLY A 312 -8.00 -9.18 -12.10
C GLY A 312 -6.64 -9.77 -11.88
N ASN A 313 -5.63 -8.91 -11.85
CA ASN A 313 -4.25 -9.35 -11.63
C ASN A 313 -3.71 -8.69 -10.39
N MSE A 314 -2.76 -9.33 -9.76
CA MSE A 314 -2.13 -8.72 -8.59
C MSE A 314 -0.66 -9.05 -8.71
O MSE A 314 0.04 -9.20 -7.73
CB MSE A 314 -2.93 -9.05 -7.33
CG MSE A 314 -2.56 -10.21 -6.43
SE MSE A 314 -2.46 -9.47 -4.59
CE MSE A 314 -0.60 -10.04 -4.27
N VAL A 315 -0.18 -9.08 -9.96
CA VAL A 315 1.20 -9.42 -10.27
C VAL A 315 1.91 -8.44 -11.21
N ASP A 316 1.16 -7.80 -12.09
CA ASP A 316 1.73 -6.88 -13.07
C ASP A 316 2.17 -5.55 -12.42
N PRO A 317 2.98 -4.71 -13.12
CA PRO A 317 3.45 -3.42 -12.57
C PRO A 317 2.36 -2.62 -11.86
N LYS A 318 1.12 -2.79 -12.32
CA LYS A 318 -0.05 -2.19 -11.70
C LYS A 318 -1.10 -3.28 -11.60
N TYR A 319 -1.76 -3.34 -10.44
CA TYR A 319 -2.80 -4.34 -10.23
C TYR A 319 -4.07 -3.83 -10.87
N THR A 320 -4.98 -4.73 -11.19
CA THR A 320 -6.24 -4.38 -11.83
C THR A 320 -7.42 -4.98 -11.09
N VAL A 321 -8.43 -4.14 -10.87
CA VAL A 321 -9.64 -4.51 -10.16
C VAL A 321 -10.86 -4.01 -10.91
N GLY A 322 -11.91 -4.82 -10.95
CA GLY A 322 -13.15 -4.47 -11.62
C GLY A 322 -14.26 -4.32 -10.62
N ALA A 323 -14.98 -3.19 -10.64
CA ALA A 323 -16.12 -2.95 -9.75
C ALA A 323 -17.39 -3.15 -10.59
N MSE A 324 -18.22 -4.10 -10.19
CA MSE A 324 -19.42 -4.43 -10.94
C MSE A 324 -20.73 -4.13 -10.30
O MSE A 324 -20.83 -3.93 -9.10
CB MSE A 324 -19.49 -5.95 -11.00
CG MSE A 324 -18.74 -6.54 -12.17
SE MSE A 324 -18.07 -8.32 -11.57
CE MSE A 324 -19.71 -9.41 -11.87
N LEU A 325 -21.77 -4.12 -11.13
CA LEU A 325 -23.14 -3.93 -10.69
C LEU A 325 -24.01 -4.75 -11.65
N ASN A 326 -24.90 -5.55 -11.08
CA ASN A 326 -25.78 -6.40 -11.88
C ASN A 326 -26.78 -5.51 -12.64
N LYS A 327 -26.94 -5.78 -13.94
CA LYS A 327 -27.85 -5.01 -14.80
C LYS A 327 -29.29 -4.89 -14.30
N GLU A 328 -29.74 -5.85 -13.50
CA GLU A 328 -31.09 -5.77 -12.94
C GLU A 328 -31.26 -4.52 -12.06
N LEU A 329 -30.19 -4.11 -11.39
CA LEU A 329 -30.21 -2.94 -10.51
C LEU A 329 -30.11 -1.59 -11.28
N LEU A 330 -29.98 -1.65 -12.60
CA LEU A 330 -29.92 -0.45 -13.45
C LEU A 330 -31.33 -0.01 -13.87
N ALA A 331 -32.32 -0.90 -13.69
CA ALA A 331 -33.72 -0.60 -14.02
C ALA A 331 -34.17 0.67 -13.33
N GLN A 332 -34.86 1.52 -14.08
CA GLN A 332 -35.32 2.81 -13.57
C GLN A 332 -36.52 2.62 -12.61
N ASN B 2 -33.09 -32.00 0.10
CA ASN B 2 -31.95 -32.52 0.93
C ASN B 2 -30.70 -31.66 0.66
N ALA B 3 -30.84 -30.37 0.97
CA ALA B 3 -29.77 -29.36 0.75
C ALA B 3 -28.63 -29.34 1.76
N MSE B 4 -28.85 -29.83 2.99
CA MSE B 4 -27.83 -29.81 4.04
C MSE B 4 -27.05 -31.11 4.09
O MSE B 4 -26.58 -31.51 5.13
CB MSE B 4 -28.47 -29.48 5.39
CG MSE B 4 -29.08 -28.09 5.48
SE MSE B 4 -28.23 -26.79 4.27
CE MSE B 4 -26.83 -26.03 5.40
N LYS B 5 -26.90 -31.75 2.93
CA LYS B 5 -26.18 -33.01 2.81
C LYS B 5 -24.65 -32.81 2.93
N TRP B 6 -24.18 -31.68 2.44
CA TRP B 6 -22.75 -31.38 2.42
C TRP B 6 -22.14 -31.35 3.83
N LEU B 7 -22.95 -31.06 4.84
CA LEU B 7 -22.46 -31.03 6.24
C LEU B 7 -21.78 -32.34 6.67
N GLU B 8 -22.30 -33.47 6.18
CA GLU B 8 -21.71 -34.77 6.51
C GLU B 8 -20.21 -34.85 6.18
N GLU B 9 -19.81 -34.19 5.09
CA GLU B 9 -18.41 -34.14 4.67
C GLU B 9 -17.65 -32.92 5.21
N SER B 10 -18.34 -32.06 5.97
CA SER B 10 -17.68 -30.87 6.53
C SER B 10 -16.62 -31.24 7.57
N ILE B 11 -15.65 -30.36 7.75
CA ILE B 11 -14.56 -30.58 8.70
C ILE B 11 -15.12 -30.57 10.13
N MSE B 12 -16.13 -29.74 10.35
CA MSE B 12 -16.76 -29.65 11.67
C MSE B 12 -17.41 -30.94 12.08
O MSE B 12 -17.29 -31.36 13.23
CB MSE B 12 -17.84 -28.57 11.63
CG MSE B 12 -18.56 -28.40 12.96
SE MSE B 12 -20.12 -27.27 12.60
CE MSE B 12 -20.72 -26.90 14.43
N VAL B 13 -18.13 -31.58 11.17
CA VAL B 13 -18.81 -32.82 11.49
C VAL B 13 -17.82 -33.99 11.57
N LYS B 14 -16.84 -34.03 10.68
CA LYS B 14 -15.85 -35.11 10.67
C LYS B 14 -14.82 -35.07 11.80
N ARG B 15 -14.53 -33.87 12.31
CA ARG B 15 -13.52 -33.74 13.36
C ARG B 15 -14.01 -33.10 14.66
N GLY B 16 -15.21 -32.53 14.64
CA GLY B 16 -15.77 -31.90 15.83
C GLY B 16 -16.08 -32.94 16.90
N VAL B 17 -15.65 -32.67 18.13
CA VAL B 17 -15.86 -33.60 19.24
C VAL B 17 -17.34 -33.71 19.66
N GLY B 18 -18.10 -32.65 19.39
CA GLY B 18 -19.52 -32.62 19.76
C GLY B 18 -20.47 -33.23 18.73
N ALA B 19 -19.93 -33.76 17.62
CA ALA B 19 -20.76 -34.38 16.61
C ALA B 19 -21.52 -35.56 17.26
N GLY B 20 -22.80 -35.59 16.97
CA GLY B 20 -23.68 -36.66 17.49
C GLY B 20 -24.43 -36.34 18.77
N ARG B 21 -24.02 -35.28 19.49
CA ARG B 21 -24.69 -34.92 20.74
C ARG B 21 -26.06 -34.27 20.54
N LYS B 22 -26.94 -34.50 21.52
CA LYS B 22 -28.24 -33.85 21.54
C LYS B 22 -27.80 -32.51 22.12
N PRO B 23 -27.82 -31.45 21.32
CA PRO B 23 -27.33 -30.19 21.83
C PRO B 23 -28.26 -29.46 22.78
N VAL B 24 -27.65 -28.72 23.70
CA VAL B 24 -28.37 -27.87 24.64
C VAL B 24 -28.44 -26.52 23.91
N THR B 25 -29.63 -25.92 23.85
CA THR B 25 -29.82 -24.64 23.19
C THR B 25 -29.85 -23.55 24.27
N HIS B 26 -28.94 -22.59 24.14
CA HIS B 26 -28.82 -21.48 25.07
C HIS B 26 -29.38 -20.24 24.41
N HIS B 27 -30.04 -19.38 25.19
N HIS B 27 -30.07 -19.40 25.18
CA HIS B 27 -30.64 -18.16 24.67
CA HIS B 27 -30.63 -18.16 24.64
C HIS B 27 -29.81 -17.00 25.22
C HIS B 27 -29.81 -16.99 25.21
N LEU B 28 -28.90 -16.47 24.40
CA LEU B 28 -28.05 -15.35 24.82
C LEU B 28 -28.79 -14.03 24.59
N THR B 29 -29.71 -13.72 25.51
CA THR B 29 -30.49 -12.51 25.46
C THR B 29 -29.67 -11.33 25.96
N GLU B 30 -30.22 -10.13 25.85
CA GLU B 30 -29.56 -8.93 26.34
C GLU B 30 -29.40 -8.97 27.86
N GLU B 31 -30.36 -9.62 28.54
CA GLU B 31 -30.35 -9.72 30.01
C GLU B 31 -29.20 -10.65 30.44
N MSE B 32 -28.89 -11.66 29.63
CA MSE B 32 -27.79 -12.59 29.93
C MSE B 32 -26.47 -11.94 29.64
O MSE B 32 -25.49 -12.11 30.39
CB MSE B 32 -27.88 -13.87 29.10
CG MSE B 32 -26.86 -14.93 29.57
SE MSE B 32 -26.97 -16.58 28.47
CE MSE B 32 -28.45 -17.48 29.42
N GLN B 33 -26.41 -11.19 28.53
CA GLN B 33 -25.20 -10.49 28.12
C GLN B 33 -24.77 -9.39 29.12
N LYS B 34 -25.74 -8.66 29.66
CA LYS B 34 -25.53 -7.56 30.63
C LYS B 34 -24.86 -6.33 30.01
N GLU B 35 -23.62 -6.47 29.56
CA GLU B 35 -22.92 -5.37 28.91
C GLU B 35 -22.23 -5.90 27.64
N PHE B 36 -22.47 -5.22 26.52
CA PHE B 36 -21.87 -5.58 25.26
C PHE B 36 -20.46 -5.00 25.24
N HIS B 37 -19.52 -5.66 24.55
CA HIS B 37 -18.13 -5.20 24.52
C HIS B 37 -17.66 -4.61 23.22
N TYR B 38 -16.76 -3.65 23.35
CA TYR B 38 -16.13 -2.95 22.22
C TYR B 38 -14.65 -3.34 22.05
N THR B 39 -14.20 -4.33 22.83
CA THR B 39 -12.84 -4.86 22.73
C THR B 39 -12.96 -6.38 22.93
N ILE B 40 -12.18 -7.13 22.14
CA ILE B 40 -12.19 -8.59 22.14
C ILE B 40 -10.88 -9.14 22.69
N GLY B 41 -10.94 -9.73 23.88
CA GLY B 41 -9.76 -10.27 24.54
C GLY B 41 -10.10 -11.21 25.70
N PRO B 42 -9.08 -11.55 26.50
CA PRO B 42 -9.24 -12.46 27.63
C PRO B 42 -9.60 -11.82 28.97
N TYR B 43 -9.90 -10.52 29.00
CA TYR B 43 -10.20 -9.83 30.26
C TYR B 43 -11.69 -9.65 30.58
N SER B 44 -12.56 -9.89 29.59
CA SER B 44 -13.99 -9.75 29.78
C SER B 44 -14.52 -10.91 30.63
N THR B 45 -15.54 -10.66 31.45
CA THR B 45 -16.14 -11.72 32.26
C THR B 45 -17.01 -12.61 31.33
N PRO B 46 -16.86 -13.94 31.41
CA PRO B 46 -17.69 -14.80 30.54
C PRO B 46 -19.17 -14.65 30.82
N VAL B 47 -19.97 -14.69 29.76
CA VAL B 47 -21.43 -14.56 29.88
C VAL B 47 -22.16 -15.89 29.72
N LEU B 48 -21.48 -16.88 29.15
CA LEU B 48 -22.07 -18.19 28.90
C LEU B 48 -21.00 -19.25 28.68
N THR B 49 -21.25 -20.46 29.18
CA THR B 49 -20.34 -21.59 29.00
C THR B 49 -21.15 -22.69 28.35
N ILE B 50 -20.64 -23.24 27.25
CA ILE B 50 -21.33 -24.30 26.51
C ILE B 50 -20.45 -25.52 26.23
N GLU B 51 -21.10 -26.60 25.84
CA GLU B 51 -20.42 -27.84 25.45
C GLU B 51 -20.26 -27.81 23.93
N PRO B 52 -19.16 -28.40 23.40
CA PRO B 52 -19.03 -28.43 21.96
C PRO B 52 -20.22 -29.17 21.36
N GLY B 53 -20.84 -28.57 20.35
CA GLY B 53 -22.01 -29.17 19.70
C GLY B 53 -23.29 -28.45 20.06
N ASP B 54 -23.28 -27.67 21.14
CA ASP B 54 -24.45 -26.90 21.58
C ASP B 54 -24.81 -25.79 20.61
N ARG B 55 -26.07 -25.35 20.70
CA ARG B 55 -26.60 -24.28 19.89
C ARG B 55 -26.78 -23.03 20.76
N VAL B 56 -26.61 -21.85 20.16
CA VAL B 56 -26.78 -20.59 20.88
C VAL B 56 -27.64 -19.66 20.02
N ILE B 57 -28.69 -19.11 20.61
CA ILE B 57 -29.58 -18.18 19.94
C ILE B 57 -29.18 -16.81 20.48
N VAL B 58 -28.49 -16.04 19.66
CA VAL B 58 -27.99 -14.72 20.08
C VAL B 58 -28.87 -13.54 19.63
N ASP B 59 -29.24 -12.68 20.58
CA ASP B 59 -30.01 -11.48 20.32
C ASP B 59 -28.99 -10.35 20.15
N THR B 60 -28.46 -10.20 18.94
CA THR B 60 -27.45 -9.17 18.66
C THR B 60 -28.01 -7.75 18.55
N ARG B 61 -27.15 -6.78 18.77
CA ARG B 61 -27.47 -5.38 18.65
C ARG B 61 -26.79 -4.86 17.39
N ASP B 62 -27.33 -3.79 16.80
CA ASP B 62 -26.75 -3.24 15.58
C ASP B 62 -25.39 -2.60 15.86
N ALA B 63 -24.67 -2.25 14.81
CA ALA B 63 -23.35 -1.65 14.92
C ALA B 63 -23.28 -0.34 15.73
N PHE B 64 -24.41 0.35 15.85
CA PHE B 64 -24.47 1.63 16.57
C PHE B 64 -25.07 1.49 17.97
N GLU B 65 -25.36 0.25 18.36
CA GLU B 65 -25.98 -0.10 19.65
C GLU B 65 -27.28 0.72 19.85
N GLY B 66 -28.08 0.76 18.79
CA GLY B 66 -29.35 1.48 18.78
C GLY B 66 -29.31 2.99 18.91
N ALA B 67 -28.12 3.59 18.81
CA ALA B 67 -27.97 5.04 18.95
C ALA B 67 -28.61 5.85 17.83
N ILE B 68 -28.78 5.21 16.67
CA ILE B 68 -29.38 5.87 15.50
C ILE B 68 -30.76 5.29 15.22
N SER B 69 -31.76 6.15 15.14
CA SER B 69 -33.15 5.74 14.92
C SER B 69 -33.95 6.69 14.01
N SER B 70 -33.25 7.62 13.37
CA SER B 70 -33.87 8.59 12.48
C SER B 70 -32.93 9.03 11.38
N GLU B 71 -33.47 9.27 10.18
CA GLU B 71 -32.64 9.75 9.08
C GLU B 71 -32.13 11.18 9.34
N GLN B 72 -32.72 11.88 10.30
CA GLN B 72 -32.29 13.24 10.68
C GLN B 72 -31.20 13.21 11.77
N ASP B 73 -30.77 12.01 12.19
CA ASP B 73 -29.69 11.88 13.17
C ASP B 73 -28.38 12.26 12.51
N ILE B 74 -27.46 12.74 13.34
CA ILE B 74 -26.15 13.19 12.91
C ILE B 74 -25.11 12.27 13.56
N PRO B 75 -24.56 11.30 12.78
CA PRO B 75 -23.56 10.35 13.25
C PRO B 75 -22.37 10.94 14.05
N SER B 76 -21.80 12.06 13.61
CA SER B 76 -20.65 12.66 14.32
C SER B 76 -20.98 13.09 15.74
N GLN B 77 -22.26 13.38 16.00
CA GLN B 77 -22.72 13.80 17.33
C GLN B 77 -23.20 12.63 18.20
N LEU B 78 -23.57 11.50 17.57
CA LEU B 78 -24.06 10.32 18.31
C LEU B 78 -23.05 9.17 18.42
N LEU B 79 -22.00 9.18 17.62
CA LEU B 79 -21.00 8.10 17.63
C LEU B 79 -19.60 8.63 17.90
N LYS B 80 -18.77 7.76 18.49
CA LYS B 80 -17.37 8.07 18.80
C LYS B 80 -16.56 6.90 18.23
N MSE B 81 -15.82 7.13 17.14
CA MSE B 81 -15.01 6.06 16.55
C MSE B 81 -13.86 5.76 17.49
O MSE B 81 -13.37 6.67 18.15
CB MSE B 81 -14.47 6.45 15.18
CG MSE B 81 -15.55 6.72 14.12
SE MSE B 81 -16.58 5.09 13.67
CE MSE B 81 -18.18 5.69 14.63
N PRO B 82 -13.40 4.51 17.58
CA PRO B 82 -13.90 3.35 16.82
C PRO B 82 -14.97 2.52 17.56
N PHE B 83 -15.72 3.13 18.48
CA PHE B 83 -16.73 2.39 19.25
C PHE B 83 -18.00 2.06 18.47
N LEU B 84 -17.87 1.04 17.63
CA LEU B 84 -18.97 0.48 16.84
C LEU B 84 -18.92 -1.03 17.05
N ASN B 85 -19.97 -1.71 16.65
CA ASN B 85 -20.06 -3.16 16.73
C ASN B 85 -20.04 -3.71 18.18
N PRO B 86 -21.08 -3.41 18.96
CA PRO B 86 -21.16 -3.96 20.31
C PRO B 86 -21.18 -5.48 20.21
N GLN B 87 -20.33 -6.15 20.99
CA GLN B 87 -20.20 -7.61 20.93
C GLN B 87 -20.89 -8.43 21.97
N ASN B 88 -21.49 -9.55 21.53
CA ASN B 88 -22.06 -10.54 22.44
C ASN B 88 -20.87 -11.44 22.78
N GLY B 89 -20.87 -11.99 23.98
CA GLY B 89 -19.77 -12.84 24.43
C GLY B 89 -19.05 -12.22 25.60
N PRO B 90 -17.97 -12.84 26.06
CA PRO B 90 -17.43 -14.07 25.50
C PRO B 90 -18.15 -15.35 25.90
N ILE B 91 -18.28 -16.26 24.94
CA ILE B 91 -18.89 -17.57 25.15
C ILE B 91 -17.74 -18.55 25.37
N MSE B 92 -17.83 -19.40 26.38
CA MSE B 92 -16.76 -20.37 26.68
C MSE B 92 -17.13 -21.74 26.19
O MSE B 92 -18.25 -22.19 26.40
CB MSE B 92 -16.52 -20.45 28.18
CG MSE B 92 -16.39 -19.08 28.84
SE MSE B 92 -14.74 -18.17 28.26
CE MSE B 92 -13.42 -19.07 29.43
N ILE B 93 -16.20 -22.40 25.51
CA ILE B 93 -16.42 -23.75 25.01
C ILE B 93 -15.61 -24.68 25.90
N ASN B 94 -16.29 -25.63 26.53
CA ASN B 94 -15.68 -26.58 27.43
C ASN B 94 -14.64 -27.45 26.72
N GLY B 95 -13.40 -27.38 27.21
CA GLY B 95 -12.27 -28.15 26.64
C GLY B 95 -11.38 -27.39 25.67
N ALA B 96 -11.83 -26.24 25.19
CA ALA B 96 -11.05 -25.45 24.23
C ALA B 96 -9.75 -24.91 24.85
N GLU B 97 -8.65 -25.08 24.12
CA GLU B 97 -7.33 -24.62 24.57
C GLU B 97 -6.52 -24.22 23.34
N LYS B 98 -5.44 -23.48 23.58
CA LYS B 98 -4.58 -23.00 22.50
C LYS B 98 -4.15 -24.16 21.61
N GLY B 99 -4.32 -23.99 20.31
CA GLY B 99 -3.99 -25.01 19.33
C GLY B 99 -5.24 -25.64 18.73
N ASP B 100 -6.38 -25.42 19.39
CA ASP B 100 -7.68 -25.93 18.92
C ASP B 100 -8.32 -24.94 17.97
N VAL B 101 -9.51 -25.30 17.48
CA VAL B 101 -10.26 -24.47 16.57
C VAL B 101 -11.74 -24.50 16.93
N ILE B 102 -12.37 -23.33 16.94
CA ILE B 102 -13.79 -23.23 17.20
C ILE B 102 -14.47 -23.22 15.85
N ALA B 103 -15.44 -24.11 15.65
CA ALA B 103 -16.19 -24.16 14.41
C ALA B 103 -17.54 -23.51 14.71
N VAL B 104 -17.88 -22.47 13.95
CA VAL B 104 -19.15 -21.77 14.16
C VAL B 104 -20.02 -21.90 12.93
N TYR B 105 -21.07 -22.72 13.05
CA TYR B 105 -22.01 -22.91 11.95
C TYR B 105 -23.22 -22.02 12.18
N ILE B 106 -23.48 -21.11 11.25
CA ILE B 106 -24.62 -20.20 11.36
C ILE B 106 -25.83 -20.90 10.73
N GLU B 107 -26.87 -21.14 11.52
CA GLU B 107 -28.05 -21.82 11.00
C GLU B 107 -29.02 -20.85 10.35
N SER B 108 -29.28 -19.75 11.06
CA SER B 108 -30.22 -18.75 10.59
C SER B 108 -30.01 -17.38 11.22
N MSE B 109 -30.55 -16.37 10.56
CA MSE B 109 -30.45 -14.98 10.99
C MSE B 109 -31.73 -14.29 10.61
O MSE B 109 -32.09 -14.22 9.44
CB MSE B 109 -29.28 -14.30 10.30
CG MSE B 109 -27.94 -14.82 10.80
SE MSE B 109 -26.48 -13.83 9.95
CE MSE B 109 -26.77 -12.07 10.78
N LEU B 110 -32.46 -13.80 11.62
CA LEU B 110 -33.74 -13.11 11.38
C LEU B 110 -33.67 -11.73 12.00
N PRO B 111 -34.44 -10.76 11.47
CA PRO B 111 -34.43 -9.43 12.07
C PRO B 111 -35.16 -9.47 13.40
N ARG B 112 -34.65 -8.72 14.37
CA ARG B 112 -35.20 -8.69 15.72
C ARG B 112 -35.96 -7.39 15.98
N GLY B 113 -37.08 -7.52 16.70
CA GLY B 113 -37.94 -6.37 17.03
C GLY B 113 -39.15 -6.26 16.15
N VAL B 114 -40.17 -5.52 16.62
CA VAL B 114 -41.40 -5.29 15.87
C VAL B 114 -41.15 -4.19 14.83
N ASN B 115 -41.55 -4.44 13.58
CA ASN B 115 -41.34 -3.49 12.46
C ASN B 115 -39.85 -3.13 12.43
N PRO B 116 -39.00 -4.15 12.19
CA PRO B 116 -37.55 -3.97 12.21
C PRO B 116 -36.98 -3.11 11.10
N HIS B 117 -35.97 -2.33 11.45
CA HIS B 117 -35.30 -1.48 10.48
C HIS B 117 -33.78 -1.68 10.52
N GLY B 118 -33.19 -1.68 9.33
CA GLY B 118 -31.75 -1.76 9.17
C GLY B 118 -31.28 -0.32 9.01
N ILE B 119 -29.98 -0.08 9.11
CA ILE B 119 -29.43 1.27 8.98
C ILE B 119 -28.12 1.31 8.20
N CYS B 120 -28.05 2.19 7.21
CA CYS B 120 -26.83 2.40 6.46
C CYS B 120 -26.47 3.85 6.75
N ALA B 121 -25.19 4.13 6.96
CA ALA B 121 -24.75 5.47 7.29
C ALA B 121 -23.40 5.83 6.71
N MSE B 122 -23.25 7.13 6.44
CA MSE B 122 -22.02 7.70 5.93
C MSE B 122 -21.49 8.48 7.10
O MSE B 122 -21.95 9.57 7.38
CB MSE B 122 -22.26 8.58 4.73
CG MSE B 122 -22.24 7.78 3.44
SE MSE B 122 -22.93 8.95 1.98
CE MSE B 122 -21.38 10.13 1.78
N ILE B 123 -20.54 7.88 7.79
CA ILE B 123 -19.91 8.48 8.96
C ILE B 123 -18.75 9.35 8.52
N PRO B 124 -18.68 10.60 9.01
CA PRO B 124 -17.55 11.44 8.60
C PRO B 124 -16.19 10.83 8.94
N HIS B 125 -15.24 10.94 8.01
CA HIS B 125 -13.89 10.42 8.17
C HIS B 125 -13.83 8.90 8.29
N PHE B 126 -14.81 8.23 7.69
CA PHE B 126 -14.86 6.77 7.71
C PHE B 126 -15.55 6.25 6.45
N GLY B 127 -14.87 5.38 5.72
CA GLY B 127 -15.38 4.81 4.49
C GLY B 127 -14.27 4.53 3.50
N GLY B 128 -14.63 3.88 2.39
CA GLY B 128 -13.69 3.51 1.35
C GLY B 128 -13.30 4.61 0.40
N LEU B 129 -14.24 5.52 0.08
CA LEU B 129 -13.98 6.62 -0.86
C LEU B 129 -13.90 8.00 -0.18
N THR B 130 -13.25 8.03 0.96
CA THR B 130 -13.07 9.27 1.74
C THR B 130 -11.78 9.23 2.54
N GLY B 131 -11.25 10.41 2.82
CA GLY B 131 -10.09 10.49 3.68
C GLY B 131 -10.59 10.08 5.05
N THR B 132 -9.73 9.46 5.84
CA THR B 132 -10.10 9.01 7.17
C THR B 132 -9.00 9.42 8.12
N ASP B 133 -9.01 8.91 9.34
CA ASP B 133 -7.94 9.20 10.30
C ASP B 133 -6.69 8.35 10.04
N LEU B 134 -6.81 7.35 9.15
CA LEU B 134 -5.67 6.50 8.78
C LEU B 134 -5.14 7.00 7.43
N THR B 135 -6.04 7.17 6.45
CA THR B 135 -5.69 7.71 5.13
C THR B 135 -5.98 9.22 5.34
N ALA B 136 -5.11 9.85 6.13
CA ALA B 136 -5.26 11.25 6.55
C ALA B 136 -5.18 12.33 5.49
N MSE B 137 -6.33 12.85 5.09
CA MSE B 137 -6.43 13.91 4.10
C MSE B 137 -6.93 15.17 4.77
O MSE B 137 -7.48 15.12 5.87
CB MSE B 137 -7.41 13.55 2.98
CG MSE B 137 -7.29 12.16 2.39
SE MSE B 137 -5.55 11.92 1.56
CE MSE B 137 -6.12 10.62 0.17
N LEU B 138 -6.76 16.30 4.08
CA LEU B 138 -7.23 17.59 4.58
C LEU B 138 -8.60 17.99 4.00
N ASN B 139 -9.16 17.16 3.13
CA ASN B 139 -10.42 17.49 2.49
C ASN B 139 -11.56 17.43 3.48
N ASP B 140 -12.62 18.18 3.19
CA ASP B 140 -13.81 18.15 4.01
C ASP B 140 -14.38 16.74 3.96
N PRO B 141 -14.98 16.28 5.07
CA PRO B 141 -15.56 14.95 5.05
C PRO B 141 -16.78 14.93 4.14
N LEU B 142 -17.20 13.73 3.76
CA LEU B 142 -18.37 13.57 2.91
C LEU B 142 -19.63 13.92 3.69
N PRO B 143 -20.74 14.17 2.98
CA PRO B 143 -21.95 14.49 3.70
C PRO B 143 -22.31 13.40 4.68
N GLU B 144 -22.92 13.84 5.76
CA GLU B 144 -23.30 12.99 6.84
C GLU B 144 -24.72 12.48 6.55
N LYS B 145 -24.82 11.24 6.08
CA LYS B 145 -26.11 10.60 5.74
C LYS B 145 -26.48 9.37 6.56
N VAL B 146 -27.79 9.15 6.67
CA VAL B 146 -28.38 8.02 7.36
C VAL B 146 -29.62 7.55 6.60
N ARG B 147 -29.72 6.23 6.43
CA ARG B 147 -30.86 5.63 5.76
C ARG B 147 -31.48 4.61 6.70
N MSE B 148 -32.78 4.75 6.96
CA MSE B 148 -33.53 3.82 7.81
C MSE B 148 -34.24 2.96 6.81
O MSE B 148 -35.14 3.42 6.12
CB MSE B 148 -34.56 4.53 8.67
CG MSE B 148 -33.93 5.41 9.74
SE MSE B 148 -33.46 4.22 11.23
CE MSE B 148 -35.20 3.76 11.98
N ILE B 149 -33.83 1.71 6.70
CA ILE B 149 -34.39 0.80 5.73
C ILE B 149 -35.27 -0.25 6.39
N LYS B 150 -36.50 -0.36 5.91
CA LYS B 150 -37.45 -1.34 6.42
C LYS B 150 -36.97 -2.66 5.87
N LEU B 151 -37.17 -3.74 6.60
CA LEU B 151 -36.73 -5.05 6.11
C LEU B 151 -37.50 -6.20 6.73
N ASP B 152 -37.41 -7.35 6.07
CA ASP B 152 -38.05 -8.57 6.55
C ASP B 152 -37.17 -9.77 6.15
N SER B 153 -37.62 -10.99 6.46
CA SER B 153 -36.86 -12.21 6.16
C SER B 153 -36.68 -12.53 4.68
N GLU B 154 -37.27 -11.71 3.82
CA GLU B 154 -37.24 -11.91 2.38
C GLU B 154 -36.54 -10.79 1.61
N LYS B 155 -36.78 -9.53 1.99
CA LYS B 155 -36.23 -8.38 1.26
C LYS B 155 -35.82 -7.17 2.11
N VAL B 156 -34.96 -6.34 1.51
CA VAL B 156 -34.45 -5.09 2.12
C VAL B 156 -35.01 -3.96 1.25
N TYR B 157 -35.92 -3.17 1.81
CA TYR B 157 -36.59 -2.10 1.06
C TYR B 157 -35.79 -0.80 0.99
N TRP B 158 -34.70 -0.86 0.23
CA TRP B 158 -33.79 0.28 0.07
C TRP B 158 -34.48 1.55 -0.42
N SER B 159 -35.30 1.42 -1.44
CA SER B 159 -36.03 2.56 -2.02
C SER B 159 -37.11 2.09 -2.99
N GLU B 160 -37.89 3.04 -3.52
CA GLU B 160 -38.91 2.74 -4.53
C GLU B 160 -38.27 1.98 -5.69
N ARG B 161 -37.13 2.50 -6.12
CA ARG B 161 -36.40 1.95 -7.24
C ARG B 161 -35.70 0.62 -6.97
N HIS B 162 -35.08 0.47 -5.79
CA HIS B 162 -34.35 -0.76 -5.46
C HIS B 162 -34.82 -1.52 -4.22
N THR B 163 -35.15 -2.79 -4.45
CA THR B 163 -35.57 -3.71 -3.38
C THR B 163 -34.51 -4.79 -3.47
N LEU B 164 -33.69 -4.90 -2.44
CA LEU B 164 -32.59 -5.87 -2.42
C LEU B 164 -32.97 -7.16 -1.71
N PRO B 165 -32.39 -8.30 -2.15
CA PRO B 165 -32.70 -9.54 -1.44
C PRO B 165 -32.07 -9.55 -0.05
N TYR B 166 -32.69 -10.27 0.86
CA TYR B 166 -32.19 -10.40 2.23
C TYR B 166 -31.14 -11.50 2.27
N LYS B 167 -29.87 -11.09 2.30
CA LYS B 167 -28.72 -12.00 2.37
C LYS B 167 -27.95 -11.64 3.64
N PRO B 168 -28.45 -12.07 4.79
CA PRO B 168 -27.77 -11.71 6.03
C PRO B 168 -26.46 -12.44 6.28
N HIS B 169 -25.60 -11.81 7.08
CA HIS B 169 -24.32 -12.38 7.46
C HIS B 169 -23.77 -11.62 8.65
N ILE B 170 -22.84 -12.26 9.35
CA ILE B 170 -22.21 -11.68 10.52
C ILE B 170 -20.95 -10.92 10.12
N GLY B 171 -20.87 -9.67 10.56
CA GLY B 171 -19.73 -8.82 10.28
C GLY B 171 -18.58 -9.07 11.22
N THR B 172 -18.88 -9.28 12.50
CA THR B 172 -17.86 -9.54 13.53
C THR B 172 -18.03 -10.90 14.20
N LEU B 173 -17.15 -11.82 13.88
CA LEU B 173 -17.15 -13.16 14.47
C LEU B 173 -15.70 -13.39 14.89
N SER B 174 -15.46 -13.65 16.17
CA SER B 174 -14.09 -13.83 16.62
C SER B 174 -13.89 -14.59 17.91
N VAL B 175 -12.63 -14.89 18.18
CA VAL B 175 -12.22 -15.56 19.41
C VAL B 175 -11.14 -14.66 20.03
N SER B 176 -10.92 -14.79 21.33
CA SER B 176 -9.92 -13.97 22.01
C SER B 176 -8.47 -14.25 21.65
N PRO B 177 -7.64 -13.18 21.57
CA PRO B 177 -6.22 -13.38 21.41
C PRO B 177 -5.68 -13.95 22.72
N GLU B 178 -4.43 -14.37 22.73
CA GLU B 178 -3.85 -14.93 23.95
C GLU B 178 -3.78 -13.90 25.07
N ILE B 179 -3.17 -12.74 24.77
CA ILE B 179 -3.03 -11.66 25.78
C ILE B 179 -3.54 -10.29 25.33
N ASP B 180 -3.64 -10.07 24.03
CA ASP B 180 -4.14 -8.78 23.52
C ASP B 180 -5.64 -8.68 23.61
N SER B 181 -6.13 -7.44 23.51
CA SER B 181 -7.56 -7.16 23.50
C SER B 181 -7.70 -6.17 22.34
N ILE B 182 -8.23 -6.66 21.22
CA ILE B 182 -8.38 -5.89 19.98
C ILE B 182 -9.77 -5.28 19.88
N ASN B 183 -9.88 -4.03 19.42
CA ASN B 183 -11.20 -3.40 19.34
C ASN B 183 -12.15 -4.13 18.39
N SER B 184 -13.44 -3.92 18.61
CA SER B 184 -14.49 -4.56 17.83
C SER B 184 -14.61 -4.04 16.39
N LEU B 185 -13.79 -3.07 16.02
CA LEU B 185 -13.82 -2.55 14.66
C LEU B 185 -12.73 -3.18 13.79
N THR B 186 -11.77 -3.85 14.41
CA THR B 186 -10.65 -4.46 13.69
C THR B 186 -10.68 -5.99 13.48
N PRO B 187 -10.41 -6.44 12.23
CA PRO B 187 -10.27 -7.87 11.94
C PRO B 187 -8.79 -8.21 12.00
N ASP B 188 -8.45 -9.44 12.36
CA ASP B 188 -7.04 -9.83 12.46
C ASP B 188 -6.98 -11.38 12.39
N ASN B 189 -5.93 -11.98 12.94
CA ASN B 189 -5.81 -13.45 12.91
C ASN B 189 -6.73 -14.21 13.87
N HIS B 190 -7.54 -13.45 14.61
CA HIS B 190 -8.49 -14.01 15.57
C HIS B 190 -9.92 -13.93 15.04
N GLY B 191 -10.08 -13.38 13.83
CA GLY B 191 -11.38 -13.16 13.21
C GLY B 191 -11.61 -11.66 13.32
N GLY B 192 -12.69 -11.27 13.99
CA GLY B 192 -12.98 -9.86 14.21
C GLY B 192 -13.95 -9.28 13.19
N ASN B 193 -13.83 -7.96 12.98
CA ASN B 193 -14.68 -7.22 12.05
C ASN B 193 -14.24 -7.45 10.61
N MSE B 194 -14.48 -8.66 10.12
CA MSE B 194 -14.08 -9.06 8.78
C MSE B 194 -15.00 -8.55 7.69
O MSE B 194 -14.55 -8.28 6.58
CB MSE B 194 -14.06 -10.59 8.70
CG MSE B 194 -13.04 -11.18 9.66
SE MSE B 194 -13.19 -13.13 9.69
CE MSE B 194 -14.91 -13.33 10.60
N ASP B 195 -16.28 -8.44 7.99
CA ASP B 195 -17.28 -7.99 7.03
C ASP B 195 -17.16 -8.76 5.70
N VAL B 196 -17.20 -10.08 5.79
CA VAL B 196 -17.14 -10.97 4.63
C VAL B 196 -18.57 -11.47 4.42
N PRO B 197 -19.24 -11.06 3.32
CA PRO B 197 -20.64 -11.44 3.03
C PRO B 197 -20.96 -12.93 3.10
N ASP B 198 -19.96 -13.77 2.88
CA ASP B 198 -20.16 -15.24 2.88
C ASP B 198 -20.38 -15.87 4.26
N ILE B 199 -20.06 -15.14 5.32
CA ILE B 199 -20.21 -15.64 6.70
C ILE B 199 -21.66 -15.43 7.18
N GLY B 200 -22.57 -16.19 6.57
CA GLY B 200 -23.99 -16.14 6.91
C GLY B 200 -24.57 -17.55 7.02
N PRO B 201 -25.91 -17.65 7.04
CA PRO B 201 -26.57 -18.95 7.12
C PRO B 201 -26.01 -19.91 6.09
N GLY B 202 -25.69 -21.12 6.52
CA GLY B 202 -25.12 -22.13 5.64
C GLY B 202 -23.61 -22.13 5.56
N SER B 203 -22.95 -21.35 6.43
CA SER B 203 -21.50 -21.28 6.45
C SER B 203 -20.97 -21.75 7.80
N ILE B 204 -19.75 -22.28 7.79
CA ILE B 204 -19.07 -22.74 8.99
C ILE B 204 -17.76 -21.98 9.02
N THR B 205 -17.53 -21.20 10.06
CA THR B 205 -16.29 -20.43 10.18
C THR B 205 -15.39 -21.11 11.22
N TYR B 206 -14.12 -21.28 10.86
CA TYR B 206 -13.12 -21.92 11.72
C TYR B 206 -12.19 -20.85 12.28
N LEU B 207 -12.14 -20.72 13.61
CA LEU B 207 -11.32 -19.71 14.29
C LEU B 207 -10.27 -20.36 15.20
N PRO B 208 -9.01 -19.89 15.12
CA PRO B 208 -7.96 -20.49 15.93
C PRO B 208 -7.98 -20.05 17.39
N VAL B 209 -8.05 -21.03 18.28
CA VAL B 209 -8.07 -20.77 19.71
C VAL B 209 -6.68 -20.42 20.20
N ARG B 210 -6.59 -19.36 21.00
CA ARG B 210 -5.34 -18.91 21.60
C ARG B 210 -5.50 -18.61 23.10
N ALA B 211 -6.75 -18.62 23.59
CA ALA B 211 -7.05 -18.38 25.00
C ALA B 211 -7.87 -19.54 25.53
N PRO B 212 -7.64 -19.94 26.80
CA PRO B 212 -8.41 -21.07 27.34
C PRO B 212 -9.91 -20.79 27.27
N GLY B 213 -10.67 -21.77 26.79
CA GLY B 213 -12.12 -21.67 26.65
C GLY B 213 -12.56 -21.08 25.32
N GLY B 214 -11.61 -20.65 24.51
CA GLY B 214 -11.94 -20.07 23.21
C GLY B 214 -12.30 -18.60 23.28
N ARG B 215 -13.35 -18.28 24.02
CA ARG B 215 -13.84 -16.91 24.17
C ARG B 215 -14.40 -16.39 22.84
N LEU B 216 -15.53 -16.95 22.45
CA LEU B 216 -16.19 -16.59 21.20
C LEU B 216 -17.02 -15.32 21.33
N PHE B 217 -16.83 -14.40 20.39
CA PHE B 217 -17.56 -13.13 20.34
C PHE B 217 -18.30 -13.06 19.01
N ILE B 218 -19.49 -12.48 19.04
CA ILE B 218 -20.30 -12.35 17.81
C ILE B 218 -21.05 -11.03 17.83
N GLY B 219 -21.38 -10.51 16.65
CA GLY B 219 -22.12 -9.26 16.54
C GLY B 219 -22.11 -8.65 15.16
N ASP B 220 -22.62 -7.43 15.05
CA ASP B 220 -22.65 -6.68 13.79
C ASP B 220 -23.29 -7.46 12.64
N ALA B 221 -24.58 -7.75 12.79
CA ALA B 221 -25.31 -8.46 11.75
C ALA B 221 -25.60 -7.50 10.59
N HIS B 222 -25.50 -8.00 9.36
CA HIS B 222 -25.79 -7.21 8.16
C HIS B 222 -26.91 -7.86 7.38
N ALA B 223 -27.87 -7.07 6.91
CA ALA B 223 -28.98 -7.60 6.12
C ALA B 223 -28.53 -7.89 4.69
N CYS B 224 -27.43 -7.24 4.29
CA CYS B 224 -26.82 -7.39 2.98
C CYS B 224 -25.53 -6.60 2.99
N GLN B 225 -24.64 -6.84 2.02
CA GLN B 225 -23.37 -6.08 1.93
C GLN B 225 -22.68 -6.29 0.61
N GLY B 226 -22.12 -5.20 0.09
CA GLY B 226 -21.37 -5.24 -1.15
C GLY B 226 -19.91 -5.60 -0.88
N ASP B 227 -19.20 -6.01 -1.93
CA ASP B 227 -17.80 -6.36 -1.81
C ASP B 227 -17.03 -5.08 -1.50
N GLY B 228 -16.40 -5.05 -0.33
CA GLY B 228 -15.64 -3.89 0.12
C GLY B 228 -16.37 -3.01 1.14
N GLU B 229 -17.71 -3.10 1.19
CA GLU B 229 -18.55 -2.30 2.12
C GLU B 229 -18.09 -0.85 1.96
N ILE B 230 -17.91 -0.45 0.69
CA ILE B 230 -17.32 0.85 0.38
C ILE B 230 -17.74 2.14 1.08
N CYS B 231 -19.00 2.35 1.47
CA CYS B 231 -19.35 3.62 2.15
C CYS B 231 -19.00 3.62 3.63
N GLY B 232 -18.57 2.47 4.16
CA GLY B 232 -18.21 2.33 5.57
C GLY B 232 -19.14 1.40 6.32
N THR B 233 -20.41 1.37 5.90
CA THR B 233 -21.41 0.52 6.55
C THR B 233 -22.28 -0.22 5.54
N ALA B 234 -22.80 -1.35 6.00
CA ALA B 234 -23.71 -2.17 5.21
C ALA B 234 -25.08 -1.79 5.76
N VAL B 235 -26.06 -2.69 5.65
CA VAL B 235 -27.38 -2.43 6.23
C VAL B 235 -27.28 -3.08 7.61
N GLU B 236 -26.92 -2.26 8.61
CA GLU B 236 -26.74 -2.70 9.98
C GLU B 236 -28.07 -2.95 10.67
N PHE B 237 -28.22 -4.10 11.35
CA PHE B 237 -29.48 -4.39 12.05
C PHE B 237 -29.30 -5.31 13.26
N ALA B 238 -30.31 -5.28 14.12
CA ALA B 238 -30.37 -6.10 15.32
C ALA B 238 -30.97 -7.43 14.85
N SER B 239 -30.37 -8.55 15.24
CA SER B 239 -30.83 -9.87 14.79
C SER B 239 -30.94 -10.95 15.84
N ILE B 240 -31.58 -12.04 15.41
CA ILE B 240 -31.73 -13.25 16.20
C ILE B 240 -30.89 -14.23 15.38
N THR B 241 -29.62 -14.35 15.76
CA THR B 241 -28.67 -15.22 15.06
C THR B 241 -28.53 -16.52 15.83
N THR B 242 -28.84 -17.63 15.16
CA THR B 242 -28.73 -18.95 15.77
C THR B 242 -27.50 -19.64 15.20
N ILE B 243 -26.60 -20.08 16.09
CA ILE B 243 -25.36 -20.75 15.71
C ILE B 243 -25.18 -22.09 16.42
N LYS B 244 -24.34 -22.95 15.82
CA LYS B 244 -24.00 -24.24 16.40
C LYS B 244 -22.47 -24.13 16.51
N VAL B 245 -21.96 -24.25 17.73
CA VAL B 245 -20.53 -24.12 17.99
C VAL B 245 -19.95 -25.48 18.37
N ASP B 246 -18.87 -25.89 17.70
CA ASP B 246 -18.26 -27.17 17.99
C ASP B 246 -16.75 -26.92 18.14
N LEU B 247 -16.00 -27.94 18.53
CA LEU B 247 -14.57 -27.82 18.77
C LEU B 247 -13.76 -28.90 18.07
N ILE B 248 -12.72 -28.47 17.35
CA ILE B 248 -11.80 -29.36 16.64
C ILE B 248 -10.50 -29.28 17.41
N LYS B 249 -10.03 -30.43 17.87
CA LYS B 249 -8.82 -30.49 18.67
C LYS B 249 -7.54 -30.52 17.87
N ASN B 250 -6.55 -29.78 18.36
CA ASN B 250 -5.20 -29.75 17.82
C ASN B 250 -5.12 -29.60 16.28
N TRP B 251 -5.63 -28.48 15.77
CA TRP B 251 -5.60 -28.15 14.34
C TRP B 251 -5.02 -26.75 14.28
N GLN B 252 -3.72 -26.67 13.96
CA GLN B 252 -3.01 -25.39 14.00
C GLN B 252 -3.36 -24.51 12.81
N LEU B 253 -3.99 -23.37 13.08
CA LEU B 253 -4.37 -22.40 12.06
C LEU B 253 -3.74 -21.07 12.43
N SER B 254 -3.34 -20.30 11.42
CA SER B 254 -2.78 -19.00 11.66
C SER B 254 -3.82 -17.92 11.38
N TRP B 255 -4.78 -18.25 10.51
CA TRP B 255 -5.84 -17.32 10.12
C TRP B 255 -7.19 -18.00 10.08
N PRO B 256 -8.27 -17.20 10.10
CA PRO B 256 -9.60 -17.80 10.02
C PRO B 256 -9.86 -18.46 8.67
N ARG B 257 -10.67 -19.51 8.68
CA ARG B 257 -11.05 -20.23 7.47
C ARG B 257 -12.54 -20.46 7.54
N MSE B 258 -13.17 -20.64 6.40
CA MSE B 258 -14.60 -20.92 6.37
C MSE B 258 -14.88 -21.94 5.32
O MSE B 258 -14.02 -22.27 4.49
CB MSE B 258 -15.46 -19.65 6.35
CG MSE B 258 -15.70 -19.03 4.98
SE MSE B 258 -17.29 -19.78 4.08
CE MSE B 258 -17.04 -18.83 2.37
N GLU B 259 -16.08 -22.46 5.36
CA GLU B 259 -16.52 -23.51 4.47
C GLU B 259 -18.02 -23.40 4.28
N ASN B 260 -18.48 -23.70 3.06
CA ASN B 260 -19.92 -23.72 2.78
C ASN B 260 -20.19 -24.83 1.77
N ALA B 261 -21.42 -24.93 1.30
CA ALA B 261 -21.78 -25.99 0.36
C ALA B 261 -20.86 -26.13 -0.84
N GLU B 262 -20.41 -25.00 -1.40
CA GLU B 262 -19.60 -25.05 -2.61
C GLU B 262 -18.09 -24.77 -2.49
N THR B 263 -17.63 -24.09 -1.46
CA THR B 263 -16.20 -23.75 -1.35
C THR B 263 -15.58 -23.80 0.04
N ILE B 264 -14.25 -23.65 0.05
CA ILE B 264 -13.46 -23.52 1.27
C ILE B 264 -12.80 -22.15 1.04
N MSE B 265 -12.46 -21.45 2.12
CA MSE B 265 -11.85 -20.13 1.99
C MSE B 265 -10.95 -19.79 3.12
O MSE B 265 -11.22 -20.11 4.27
CB MSE B 265 -13.02 -19.13 1.96
CG MSE B 265 -12.62 -17.64 1.88
SE MSE B 265 -14.11 -16.46 2.45
CE MSE B 265 -15.11 -16.57 0.78
N SER B 266 -9.84 -19.13 2.81
CA SER B 266 -8.88 -18.64 3.81
C SER B 266 -9.10 -17.14 3.89
N ILE B 267 -9.28 -16.63 5.10
CA ILE B 267 -9.56 -15.20 5.31
C ILE B 267 -8.39 -14.46 5.92
N GLY B 268 -7.77 -13.58 5.14
CA GLY B 268 -6.63 -12.79 5.60
C GLY B 268 -7.04 -11.34 5.82
N SER B 269 -6.42 -10.68 6.79
CA SER B 269 -6.72 -9.29 7.08
C SER B 269 -5.46 -8.47 7.30
N ALA B 270 -5.37 -7.34 6.61
CA ALA B 270 -4.21 -6.44 6.71
C ALA B 270 -4.33 -5.21 5.81
N ARG B 271 -3.28 -4.39 5.84
CA ARG B 271 -3.12 -3.23 4.97
C ARG B 271 -1.65 -3.27 4.54
N PRO B 272 -1.34 -2.97 3.28
CA PRO B 272 -2.30 -2.60 2.24
C PRO B 272 -3.12 -3.79 1.78
N LEU B 273 -4.07 -3.56 0.87
CA LEU B 273 -4.96 -4.64 0.43
C LEU B 273 -4.23 -5.83 -0.23
N GLU B 274 -3.08 -5.59 -0.87
CA GLU B 274 -2.31 -6.69 -1.48
C GLU B 274 -1.87 -7.72 -0.44
N ASP B 275 -1.44 -7.22 0.73
CA ASP B 275 -0.96 -8.12 1.76
C ASP B 275 -2.09 -8.94 2.36
N ALA B 276 -3.29 -8.37 2.40
CA ALA B 276 -4.44 -9.11 2.90
C ALA B 276 -4.69 -10.28 1.95
N THR B 277 -4.57 -9.99 0.64
CA THR B 277 -4.77 -11.00 -0.39
C THR B 277 -3.65 -12.06 -0.37
N ARG B 278 -2.41 -11.63 -0.16
CA ARG B 278 -1.27 -12.57 -0.08
C ARG B 278 -1.46 -13.57 1.05
N ILE B 279 -1.84 -13.03 2.21
CA ILE B 279 -2.11 -13.81 3.41
C ILE B 279 -3.16 -14.89 3.14
N ALA B 280 -4.25 -14.49 2.51
CA ALA B 280 -5.35 -15.40 2.18
C ALA B 280 -4.90 -16.49 1.23
N TYR B 281 -4.35 -16.09 0.08
CA TYR B 281 -3.88 -17.07 -0.88
C TYR B 281 -2.83 -18.01 -0.32
N ARG B 282 -1.86 -17.47 0.42
CA ARG B 282 -0.80 -18.33 0.96
C ARG B 282 -1.38 -19.33 1.97
N ASP B 283 -2.31 -18.87 2.78
CA ASP B 283 -2.94 -19.74 3.78
C ASP B 283 -3.71 -20.86 3.07
N LEU B 284 -4.39 -20.51 1.99
CA LEU B 284 -5.15 -21.48 1.21
C LEU B 284 -4.20 -22.56 0.67
N ILE B 285 -3.07 -22.11 0.11
CA ILE B 285 -2.06 -23.04 -0.43
C ILE B 285 -1.55 -23.97 0.67
N TYR B 286 -1.29 -23.44 1.86
CA TYR B 286 -0.81 -24.30 2.94
C TYR B 286 -1.90 -25.30 3.39
N TRP B 287 -3.15 -24.87 3.29
CA TRP B 287 -4.30 -25.70 3.65
C TRP B 287 -4.44 -26.83 2.63
N LEU B 288 -4.29 -26.51 1.35
CA LEU B 288 -4.38 -27.51 0.29
C LEU B 288 -3.27 -28.55 0.40
N VAL B 289 -2.07 -28.12 0.80
CA VAL B 289 -0.93 -29.03 0.96
C VAL B 289 -1.08 -29.94 2.18
N ALA B 290 -1.55 -29.37 3.28
CA ALA B 290 -1.71 -30.09 4.54
C ALA B 290 -2.83 -31.11 4.57
N ASP B 291 -4.04 -30.69 4.18
CA ASP B 291 -5.23 -31.55 4.24
C ASP B 291 -5.79 -32.13 2.93
N PHE B 292 -5.36 -31.63 1.78
CA PHE B 292 -5.92 -32.12 0.50
C PHE B 292 -4.91 -32.69 -0.51
N GLY B 293 -3.79 -33.20 0.00
CA GLY B 293 -2.76 -33.84 -0.83
C GLY B 293 -2.11 -33.09 -1.97
N PHE B 294 -2.18 -31.77 -1.98
CA PHE B 294 -1.54 -30.99 -3.03
C PHE B 294 -0.04 -30.83 -2.81
N GLU B 295 0.69 -30.71 -3.90
CA GLU B 295 2.11 -30.42 -3.86
C GLU B 295 2.09 -28.88 -3.90
N GLN B 296 2.94 -28.22 -3.13
CA GLN B 296 2.90 -26.74 -3.02
C GLN B 296 2.91 -25.94 -4.32
N TRP B 297 3.88 -26.18 -5.19
CA TRP B 297 3.98 -25.41 -6.44
C TRP B 297 2.82 -25.68 -7.38
N ASP B 298 2.29 -26.90 -7.38
CA ASP B 298 1.16 -27.22 -8.23
C ASP B 298 -0.06 -26.44 -7.74
N ALA B 299 -0.24 -26.39 -6.41
CA ALA B 299 -1.36 -25.66 -5.81
C ALA B 299 -1.31 -24.19 -6.16
N TYR B 300 -0.11 -23.62 -6.07
CA TYR B 300 0.15 -22.21 -6.38
C TYR B 300 -0.21 -21.89 -7.84
N MSE B 301 0.29 -22.71 -8.76
CA MSE B 301 0.03 -22.51 -10.17
C MSE B 301 -1.39 -22.84 -10.53
O MSE B 301 -1.94 -22.23 -11.43
CB MSE B 301 1.00 -23.34 -11.01
CG MSE B 301 2.42 -22.84 -10.82
SE MSE B 301 3.69 -23.94 -11.85
CE MSE B 301 3.30 -23.45 -13.71
N LEU B 302 -2.01 -23.79 -9.81
CA LEU B 302 -3.40 -24.15 -10.08
C LEU B 302 -4.33 -23.02 -9.67
N LEU B 303 -4.07 -22.41 -8.50
CA LEU B 303 -4.89 -21.30 -8.01
C LEU B 303 -4.76 -20.08 -8.89
N SER B 304 -3.70 -20.04 -9.70
CA SER B 304 -3.50 -18.96 -10.64
C SER B 304 -4.47 -19.15 -11.82
N GLN B 305 -5.20 -20.28 -11.82
CA GLN B 305 -6.17 -20.61 -12.87
C GLN B 305 -7.60 -20.75 -12.32
N CYS B 306 -7.74 -21.14 -11.04
CA CYS B 306 -9.05 -21.41 -10.42
C CYS B 306 -9.40 -20.65 -9.16
N GLY B 307 -8.42 -19.97 -8.57
CA GLY B 307 -8.68 -19.24 -7.35
C GLY B 307 -9.71 -18.15 -7.52
N LYS B 308 -10.54 -17.98 -6.51
CA LYS B 308 -11.57 -16.94 -6.48
C LYS B 308 -11.29 -16.02 -5.30
N VAL B 309 -11.48 -14.72 -5.48
CA VAL B 309 -11.24 -13.77 -4.38
C VAL B 309 -12.49 -12.98 -4.04
N ARG B 310 -12.71 -12.85 -2.73
CA ARG B 310 -13.79 -12.06 -2.21
C ARG B 310 -13.24 -10.91 -1.41
N LEU B 311 -13.53 -9.69 -1.85
CA LEU B 311 -13.12 -8.53 -1.12
C LEU B 311 -14.21 -8.36 -0.04
N GLY B 312 -13.81 -8.52 1.22
CA GLY B 312 -14.73 -8.36 2.34
C GLY B 312 -14.95 -6.90 2.61
N ASN B 313 -14.06 -6.30 3.40
CA ASN B 313 -14.17 -4.89 3.72
C ASN B 313 -12.94 -4.18 3.25
N MSE B 314 -13.06 -2.90 2.96
CA MSE B 314 -11.90 -2.12 2.56
C MSE B 314 -12.06 -0.78 3.25
O MSE B 314 -11.64 0.24 2.74
CB MSE B 314 -11.67 -2.24 1.05
CG MSE B 314 -12.22 -1.21 0.09
SE MSE B 314 -10.73 -0.66 -1.07
CE MSE B 314 -10.79 1.25 -0.61
N VAL B 315 -12.63 -0.82 4.45
CA VAL B 315 -12.91 0.38 5.24
C VAL B 315 -12.41 0.33 6.69
N ASP B 316 -12.38 -0.87 7.27
CA ASP B 316 -11.97 -1.05 8.66
C ASP B 316 -10.45 -0.86 8.84
N PRO B 317 -9.98 -0.70 10.10
CA PRO B 317 -8.53 -0.52 10.39
C PRO B 317 -7.62 -1.47 9.59
N LYS B 318 -8.14 -2.65 9.27
CA LYS B 318 -7.48 -3.62 8.44
C LYS B 318 -8.51 -4.13 7.45
N TYR B 319 -8.09 -4.26 6.20
CA TYR B 319 -8.98 -4.76 5.17
C TYR B 319 -9.01 -6.27 5.25
N THR B 320 -10.07 -6.88 4.74
CA THR B 320 -10.22 -8.33 4.78
C THR B 320 -10.55 -8.89 3.41
N VAL B 321 -9.84 -9.97 3.06
CA VAL B 321 -9.96 -10.64 1.77
C VAL B 321 -10.05 -12.14 1.97
N GLY B 322 -10.91 -12.80 1.20
CA GLY B 322 -11.08 -14.25 1.26
C GLY B 322 -10.61 -14.89 -0.03
N ALA B 323 -9.72 -15.89 0.07
CA ALA B 323 -9.23 -16.62 -1.11
C ALA B 323 -9.95 -17.97 -1.12
N MSE B 324 -10.68 -18.25 -2.19
CA MSE B 324 -11.47 -19.47 -2.31
C MSE B 324 -11.06 -20.47 -3.32
O MSE B 324 -10.33 -20.16 -4.25
CB MSE B 324 -12.84 -19.05 -2.84
CG MSE B 324 -13.83 -18.66 -1.77
SE MSE B 324 -15.03 -17.34 -2.59
CE MSE B 324 -16.29 -18.49 -3.58
N LEU B 325 -11.58 -21.68 -3.16
CA LEU B 325 -11.37 -22.77 -4.11
C LEU B 325 -12.66 -23.61 -4.05
N ASN B 326 -13.19 -23.94 -5.22
CA ASN B 326 -14.41 -24.73 -5.31
C ASN B 326 -14.13 -26.16 -4.86
N LYS B 327 -15.01 -26.69 -4.01
CA LYS B 327 -14.86 -28.06 -3.47
C LYS B 327 -14.70 -29.16 -4.52
N GLU B 328 -15.20 -28.93 -5.72
CA GLU B 328 -15.03 -29.92 -6.80
C GLU B 328 -13.56 -30.16 -7.11
N LEU B 329 -12.74 -29.12 -6.97
CA LEU B 329 -11.30 -29.21 -7.24
C LEU B 329 -10.49 -29.85 -6.09
N LEU B 330 -11.17 -30.20 -5.00
CA LEU B 330 -10.52 -30.86 -3.85
C LEU B 330 -10.53 -32.39 -4.03
N ALA B 331 -11.34 -32.90 -4.96
CA ALA B 331 -11.42 -34.33 -5.25
C ALA B 331 -10.03 -34.86 -5.61
N GLN B 332 -9.68 -36.03 -5.08
CA GLN B 332 -8.37 -36.63 -5.34
C GLN B 332 -8.36 -37.29 -6.72
N ALA C 3 31.51 20.00 -5.66
CA ALA C 3 31.95 21.24 -4.92
C ALA C 3 33.49 21.35 -4.76
N MSE C 4 34.03 20.66 -3.74
CA MSE C 4 35.45 20.65 -3.44
C MSE C 4 36.24 19.54 -4.15
O MSE C 4 35.95 19.15 -5.30
CB MSE C 4 35.46 20.58 -1.89
CG MSE C 4 35.35 21.98 -1.29
SE MSE C 4 37.22 22.63 -1.12
CE MSE C 4 37.69 22.20 0.76
N LYS C 5 37.26 19.03 -3.42
CA LYS C 5 38.09 18.00 -3.97
C LYS C 5 37.56 16.62 -3.78
N TRP C 6 36.40 16.39 -3.15
CA TRP C 6 35.82 15.03 -3.08
C TRP C 6 35.57 14.46 -4.52
N LEU C 7 35.41 15.36 -5.51
CA LEU C 7 35.21 14.94 -6.90
C LEU C 7 36.31 14.00 -7.42
N GLU C 8 37.55 14.20 -6.98
CA GLU C 8 38.67 13.36 -7.39
C GLU C 8 38.41 11.87 -7.11
N GLU C 9 37.71 11.60 -6.00
CA GLU C 9 37.37 10.22 -5.61
C GLU C 9 35.98 9.80 -6.11
N SER C 10 35.26 10.68 -6.81
CA SER C 10 33.93 10.36 -7.34
C SER C 10 34.01 9.27 -8.41
N ILE C 11 32.91 8.55 -8.58
CA ILE C 11 32.83 7.47 -9.57
C ILE C 11 32.90 8.07 -10.97
N MSE C 12 32.32 9.26 -11.14
CA MSE C 12 32.33 9.94 -12.43
C MSE C 12 33.72 10.28 -12.89
O MSE C 12 34.04 10.11 -14.07
CB MSE C 12 31.55 11.24 -12.30
CG MSE C 12 31.49 12.02 -13.60
SE MSE C 12 30.74 13.76 -13.18
CE MSE C 12 30.53 14.54 -14.94
N VAL C 13 34.54 10.79 -11.99
CA VAL C 13 35.90 11.17 -12.35
C VAL C 13 36.80 9.94 -12.52
N LYS C 14 36.63 8.94 -11.65
CA LYS C 14 37.45 7.73 -11.73
C LYS C 14 37.10 6.79 -12.88
N ARG C 15 35.86 6.79 -13.33
CA ARG C 15 35.43 5.89 -14.41
C ARG C 15 34.88 6.57 -15.65
N GLY C 16 34.61 7.88 -15.59
CA GLY C 16 34.09 8.60 -16.73
C GLY C 16 35.12 8.69 -17.83
N VAL C 17 34.71 8.39 -19.06
CA VAL C 17 35.61 8.41 -20.22
C VAL C 17 36.05 9.83 -20.60
N GLY C 18 35.24 10.82 -20.26
CA GLY C 18 35.54 12.22 -20.56
C GLY C 18 36.39 12.95 -19.55
N ALA C 19 36.81 12.26 -18.50
CA ALA C 19 37.61 12.88 -17.43
C ALA C 19 38.63 14.04 -17.63
N GLY C 20 39.70 13.90 -18.43
CA GLY C 20 40.66 14.99 -18.58
C GLY C 20 40.44 15.91 -19.78
N ARG C 21 39.27 15.84 -20.41
CA ARG C 21 38.99 16.64 -21.60
C ARG C 21 38.75 18.11 -21.33
N LYS C 22 39.12 18.95 -22.29
CA LYS C 22 38.82 20.38 -22.22
C LYS C 22 37.38 20.31 -22.72
N PRO C 23 36.40 20.54 -21.83
CA PRO C 23 35.04 20.40 -22.29
C PRO C 23 34.51 21.53 -23.16
N VAL C 24 33.58 21.16 -24.04
CA VAL C 24 32.90 22.11 -24.90
C VAL C 24 31.66 22.48 -24.11
N THR C 25 31.38 23.79 -23.98
CA THR C 25 30.20 24.25 -23.24
C THR C 25 29.11 24.60 -24.25
N HIS C 26 27.97 23.95 -24.12
CA HIS C 26 26.82 24.16 -25.00
C HIS C 26 25.79 24.97 -24.25
N HIS C 27 25.08 25.84 -24.97
N HIS C 27 25.09 25.87 -24.96
CA HIS C 27 24.05 26.69 -24.37
CA HIS C 27 24.04 26.67 -24.33
C HIS C 27 22.71 26.17 -24.88
C HIS C 27 22.71 26.17 -24.88
N LEU C 28 22.01 25.39 -24.07
CA LEU C 28 20.70 24.85 -24.45
C LEU C 28 19.61 25.87 -24.13
N THR C 29 19.51 26.87 -25.00
CA THR C 29 18.53 27.94 -24.87
C THR C 29 17.16 27.44 -25.34
N GLU C 30 16.14 28.26 -25.14
CA GLU C 30 14.80 27.94 -25.58
C GLU C 30 14.73 27.84 -27.11
N GLU C 31 15.57 28.64 -27.79
CA GLU C 31 15.62 28.68 -29.26
C GLU C 31 16.22 27.36 -29.79
N MSE C 32 17.15 26.78 -29.03
CA MSE C 32 17.77 25.50 -29.43
C MSE C 32 16.82 24.37 -29.15
O MSE C 32 16.74 23.42 -29.94
CB MSE C 32 19.07 25.24 -28.66
CG MSE C 32 19.82 24.02 -29.22
SE MSE C 32 21.46 23.65 -28.20
CE MSE C 32 22.68 24.89 -29.15
N GLN C 33 16.13 24.44 -28.02
CA GLN C 33 15.18 23.41 -27.61
C GLN C 33 13.98 23.30 -28.56
N LYS C 34 13.47 24.45 -29.03
CA LYS C 34 12.32 24.54 -29.95
C LYS C 34 10.99 24.16 -29.32
N GLU C 35 10.87 22.91 -28.89
CA GLU C 35 9.65 22.40 -28.26
C GLU C 35 10.04 21.61 -27.01
N PHE C 36 9.45 21.97 -25.86
CA PHE C 36 9.72 21.24 -24.63
C PHE C 36 8.83 19.99 -24.62
N HIS C 37 9.28 18.92 -23.98
CA HIS C 37 8.52 17.67 -23.98
C HIS C 37 7.89 17.29 -22.66
N TYR C 38 6.71 16.64 -22.78
CA TYR C 38 5.94 16.15 -21.65
C TYR C 38 5.96 14.62 -21.56
N THR C 39 6.78 13.98 -22.40
CA THR C 39 6.96 12.53 -22.38
C THR C 39 8.45 12.29 -22.64
N ILE C 40 9.01 11.32 -21.92
CA ILE C 40 10.43 10.98 -21.98
C ILE C 40 10.63 9.59 -22.59
N GLY C 41 11.16 9.56 -23.80
CA GLY C 41 11.38 8.31 -24.54
C GLY C 41 12.31 8.47 -25.73
N PRO C 42 12.38 7.45 -26.58
CA PRO C 42 13.25 7.43 -27.75
C PRO C 42 12.67 8.00 -29.05
N TYR C 43 11.49 8.60 -29.00
CA TYR C 43 10.83 9.10 -30.22
C TYR C 43 11.00 10.60 -30.48
N SER C 44 11.49 11.35 -29.48
CA SER C 44 11.68 12.78 -29.60
C SER C 44 12.90 13.04 -30.48
N THR C 45 12.88 14.12 -31.26
CA THR C 45 14.02 14.48 -32.10
C THR C 45 15.11 15.07 -31.20
N PRO C 46 16.37 14.62 -31.34
CA PRO C 46 17.43 15.17 -30.50
C PRO C 46 17.62 16.67 -30.71
N VAL C 47 17.90 17.39 -29.63
CA VAL C 47 18.11 18.85 -29.70
C VAL C 47 19.57 19.24 -29.59
N LEU C 48 20.39 18.33 -29.09
CA LEU C 48 21.82 18.57 -28.90
C LEU C 48 22.59 17.25 -28.77
N THR C 49 23.80 17.21 -29.30
CA THR C 49 24.66 16.04 -29.19
C THR C 49 25.96 16.54 -28.58
N ILE C 50 26.41 15.87 -27.52
CA ILE C 50 27.63 16.25 -26.81
C ILE C 50 28.60 15.09 -26.63
N GLU C 51 29.83 15.45 -26.28
CA GLU C 51 30.88 14.48 -25.99
C GLU C 51 30.88 14.25 -24.48
N PRO C 52 31.21 13.02 -24.02
CA PRO C 52 31.26 12.82 -22.58
C PRO C 52 32.30 13.77 -21.98
N GLY C 53 31.92 14.48 -20.92
CA GLY C 53 32.81 15.43 -20.27
C GLY C 53 32.42 16.87 -20.54
N ASP C 54 31.62 17.08 -21.59
CA ASP C 54 31.14 18.43 -21.94
C ASP C 54 30.19 19.01 -20.90
N ARG C 55 30.08 20.34 -20.92
CA ARG C 55 29.19 21.08 -20.05
C ARG C 55 28.00 21.60 -20.85
N VAL C 56 26.85 21.71 -20.20
CA VAL C 56 25.63 22.21 -20.84
C VAL C 56 24.97 23.22 -19.90
N ILE C 57 24.67 24.40 -20.43
CA ILE C 57 24.00 25.46 -19.69
C ILE C 57 22.55 25.43 -20.16
N VAL C 58 21.67 24.90 -19.32
CA VAL C 58 20.25 24.76 -19.68
C VAL C 58 19.35 25.86 -19.15
N ASP C 59 18.57 26.47 -20.05
CA ASP C 59 17.58 27.49 -19.69
C ASP C 59 16.26 26.77 -19.49
N THR C 60 16.04 26.24 -18.29
CA THR C 60 14.81 25.49 -17.99
C THR C 60 13.58 26.36 -17.80
N ARG C 61 12.42 25.75 -18.01
CA ARG C 61 11.13 26.41 -17.81
C ARG C 61 10.51 25.81 -16.54
N ASP C 62 9.65 26.58 -15.88
CA ASP C 62 9.02 26.09 -14.65
C ASP C 62 8.06 24.93 -14.95
N ALA C 63 7.59 24.27 -13.91
CA ALA C 63 6.68 23.14 -14.05
C ALA C 63 5.37 23.42 -14.80
N PHE C 64 4.96 24.69 -14.85
CA PHE C 64 3.71 25.08 -15.50
C PHE C 64 3.94 25.70 -16.89
N GLU C 65 5.21 25.69 -17.32
CA GLU C 65 5.64 26.27 -18.60
C GLU C 65 5.16 27.73 -18.71
N GLY C 66 5.34 28.48 -17.62
CA GLY C 66 4.96 29.88 -17.54
C GLY C 66 3.47 30.21 -17.60
N ALA C 67 2.61 29.20 -17.52
CA ALA C 67 1.16 29.42 -17.61
C ALA C 67 0.57 30.19 -16.42
N ILE C 68 1.26 30.13 -15.28
CA ILE C 68 0.81 30.81 -14.07
C ILE C 68 1.71 31.99 -13.74
N SER C 69 1.11 33.17 -13.58
CA SER C 69 1.88 34.40 -13.28
C SER C 69 1.17 35.33 -12.28
N SER C 70 0.11 34.85 -11.65
CA SER C 70 -0.65 35.64 -10.68
C SER C 70 -1.28 34.76 -9.62
N GLU C 71 -1.35 35.27 -8.39
CA GLU C 71 -1.98 34.52 -7.31
C GLU C 71 -3.50 34.39 -7.54
N GLN C 72 -4.06 35.20 -8.44
CA GLN C 72 -5.49 35.12 -8.79
C GLN C 72 -5.77 34.11 -9.92
N ASP C 73 -4.72 33.44 -10.41
CA ASP C 73 -4.87 32.41 -11.45
C ASP C 73 -5.53 31.18 -10.83
N ILE C 74 -6.25 30.45 -11.66
CA ILE C 74 -6.98 29.25 -11.24
C ILE C 74 -6.36 28.05 -11.98
N PRO C 75 -5.52 27.26 -11.29
CA PRO C 75 -4.86 26.09 -11.86
C PRO C 75 -5.73 25.12 -12.67
N SER C 76 -6.94 24.81 -12.22
CA SER C 76 -7.82 23.87 -12.95
C SER C 76 -8.22 24.38 -14.34
N GLN C 77 -8.18 25.70 -14.52
CA GLN C 77 -8.52 26.31 -15.81
C GLN C 77 -7.29 26.55 -16.70
N LEU C 78 -6.10 26.60 -16.11
CA LEU C 78 -4.85 26.82 -16.88
C LEU C 78 -3.97 25.59 -17.09
N LEU C 79 -4.21 24.52 -16.33
CA LEU C 79 -3.42 23.29 -16.43
C LEU C 79 -4.29 22.07 -16.73
N LYS C 80 -3.68 21.09 -17.38
CA LYS C 80 -4.31 19.80 -17.70
C LYS C 80 -3.36 18.72 -17.21
N MSE C 81 -3.72 18.02 -16.14
CA MSE C 81 -2.85 16.93 -15.64
C MSE C 81 -2.88 15.79 -16.64
O MSE C 81 -3.90 15.56 -17.27
CB MSE C 81 -3.30 16.44 -14.27
CG MSE C 81 -3.27 17.50 -13.16
SE MSE C 81 -1.42 18.08 -12.75
CE MSE C 81 -1.66 19.83 -13.62
N PRO C 82 -1.77 15.05 -16.80
CA PRO C 82 -0.50 15.24 -16.09
C PRO C 82 0.54 16.11 -16.82
N PHE C 83 0.09 17.03 -17.68
CA PHE C 83 1.02 17.88 -18.44
C PHE C 83 1.67 19.00 -17.63
N LEU C 84 2.66 18.59 -16.84
CA LEU C 84 3.49 19.48 -16.05
C LEU C 84 4.94 19.08 -16.31
N ASN C 85 5.87 19.92 -15.89
CA ASN C 85 7.30 19.67 -16.03
C ASN C 85 7.77 19.58 -17.50
N PRO C 86 7.70 20.71 -18.23
CA PRO C 86 8.20 20.72 -19.60
C PRO C 86 9.68 20.36 -19.57
N GLN C 87 10.09 19.42 -20.42
CA GLN C 87 11.47 18.93 -20.42
C GLN C 87 12.40 19.47 -21.51
N ASN C 88 13.63 19.76 -21.11
CA ASN C 88 14.70 20.12 -22.02
C ASN C 88 15.25 18.76 -22.46
N GLY C 89 15.73 18.67 -23.69
CA GLY C 89 16.26 17.42 -24.20
C GLY C 89 15.42 16.92 -25.38
N PRO C 90 15.74 15.74 -25.91
CA PRO C 90 16.84 14.90 -25.42
C PRO C 90 18.24 15.33 -25.86
N ILE C 91 19.18 15.18 -24.94
CA ILE C 91 20.59 15.47 -25.19
C ILE C 91 21.24 14.13 -25.49
N MSE C 92 22.04 14.06 -26.54
CA MSE C 92 22.71 12.80 -26.91
C MSE C 92 24.15 12.81 -26.48
O MSE C 92 24.85 13.78 -26.69
CB MSE C 92 22.67 12.60 -28.42
CG MSE C 92 21.30 12.83 -29.02
SE MSE C 92 20.01 11.45 -28.44
CE MSE C 92 20.51 10.01 -29.72
N ILE C 93 24.59 11.71 -25.86
CA ILE C 93 25.97 11.58 -25.42
C ILE C 93 26.63 10.59 -26.40
N ASN C 94 27.67 11.05 -27.07
CA ASN C 94 28.36 10.25 -28.06
C ASN C 94 29.01 9.02 -27.44
N GLY C 95 28.61 7.84 -27.93
CA GLY C 95 29.13 6.56 -27.44
C GLY C 95 28.22 5.83 -26.47
N ALA C 96 27.24 6.53 -25.89
CA ALA C 96 26.32 5.91 -24.92
C ALA C 96 25.46 4.81 -25.55
N GLU C 97 25.41 3.67 -24.88
CA GLU C 97 24.62 2.52 -25.33
C GLU C 97 24.08 1.77 -24.12
N LYS C 98 23.10 0.91 -24.34
CA LYS C 98 22.49 0.14 -23.28
C LYS C 98 23.55 -0.59 -22.46
N GLY C 99 23.49 -0.42 -21.14
CA GLY C 99 24.44 -1.02 -20.22
C GLY C 99 25.36 0.01 -19.63
N ASP C 100 25.40 1.20 -20.25
CA ASP C 100 26.23 2.31 -19.77
C ASP C 100 25.47 3.14 -18.75
N VAL C 101 26.12 4.18 -18.26
CA VAL C 101 25.54 5.08 -17.27
C VAL C 101 25.92 6.50 -17.58
N ILE C 102 24.94 7.39 -17.51
CA ILE C 102 25.18 8.82 -17.72
C ILE C 102 25.39 9.43 -16.34
N ALA C 103 26.49 10.13 -16.17
CA ALA C 103 26.78 10.81 -14.91
C ALA C 103 26.46 12.28 -15.13
N VAL C 104 25.57 12.84 -14.31
CA VAL C 104 25.19 14.24 -14.44
C VAL C 104 25.58 15.01 -13.20
N TYR C 105 26.62 15.83 -13.31
CA TYR C 105 27.08 16.64 -12.20
C TYR C 105 26.51 18.05 -12.34
N ILE C 106 25.72 18.47 -11.37
CA ILE C 106 25.12 19.80 -11.39
C ILE C 106 26.12 20.77 -10.74
N GLU C 107 26.57 21.76 -11.50
CA GLU C 107 27.53 22.73 -10.98
C GLU C 107 26.84 23.86 -10.25
N SER C 108 25.80 24.41 -10.89
CA SER C 108 25.07 25.53 -10.34
C SER C 108 23.66 25.66 -10.90
N MSE C 109 22.83 26.40 -10.16
CA MSE C 109 21.45 26.66 -10.54
C MSE C 109 21.11 28.05 -10.07
O MSE C 109 21.16 28.35 -8.87
CB MSE C 109 20.54 25.65 -9.84
CG MSE C 109 20.70 24.25 -10.42
SE MSE C 109 19.42 23.04 -9.54
CE MSE C 109 17.75 23.78 -10.29
N LEU C 110 20.78 28.93 -11.02
CA LEU C 110 20.43 30.30 -10.71
C LEU C 110 19.04 30.61 -11.27
N PRO C 111 18.31 31.56 -10.64
CA PRO C 111 17.00 31.90 -11.17
C PRO C 111 17.15 32.66 -12.48
N ARG C 112 16.25 32.39 -13.43
CA ARG C 112 16.32 32.98 -14.76
C ARG C 112 15.25 34.05 -14.92
N GLY C 113 15.61 35.14 -15.60
CA GLY C 113 14.71 36.27 -15.84
C GLY C 113 14.91 37.43 -14.88
N VAL C 114 14.43 38.61 -15.28
CA VAL C 114 14.53 39.82 -14.45
C VAL C 114 13.43 39.78 -13.37
N ASN C 115 13.82 40.04 -12.13
CA ASN C 115 12.88 40.01 -10.98
C ASN C 115 12.17 38.65 -11.01
N PRO C 116 12.97 37.58 -10.85
CA PRO C 116 12.45 36.21 -10.91
C PRO C 116 11.52 35.81 -9.78
N HIS C 117 10.50 35.03 -10.13
CA HIS C 117 9.55 34.55 -9.15
C HIS C 117 9.36 33.04 -9.25
N GLY C 118 9.26 32.41 -8.09
CA GLY C 118 9.01 30.98 -7.97
C GLY C 118 7.50 30.87 -7.76
N ILE C 119 6.96 29.66 -7.90
CA ILE C 119 5.52 29.43 -7.75
C ILE C 119 5.19 28.15 -7.02
N CYS C 120 4.35 28.23 -6.00
CA CYS C 120 3.87 27.05 -5.29
C CYS C 120 2.37 27.05 -5.54
N ALA C 121 1.81 25.88 -5.81
CA ALA C 121 0.38 25.79 -6.09
C ALA C 121 -0.28 24.54 -5.55
N MSE C 122 -1.56 24.68 -5.24
CA MSE C 122 -2.38 23.59 -4.74
C MSE C 122 -3.30 23.31 -5.87
O MSE C 122 -4.27 24.02 -6.10
CB MSE C 122 -3.15 23.97 -3.48
CG MSE C 122 -2.33 23.74 -2.23
SE MSE C 122 -3.23 24.59 -0.72
CE MSE C 122 -4.74 23.32 -0.51
N ILE C 123 -2.96 22.27 -6.63
CA ILE C 123 -3.74 21.85 -7.79
C ILE C 123 -4.84 20.90 -7.36
N PRO C 124 -6.10 21.15 -7.79
CA PRO C 124 -7.16 20.23 -7.40
C PRO C 124 -6.88 18.78 -7.83
N HIS C 125 -7.19 17.84 -6.93
CA HIS C 125 -7.02 16.41 -7.15
C HIS C 125 -5.55 16.00 -7.32
N PHE C 126 -4.66 16.76 -6.71
CA PHE C 126 -3.23 16.48 -6.79
C PHE C 126 -2.52 16.97 -5.53
N GLY C 127 -1.80 16.07 -4.86
CA GLY C 127 -1.09 16.39 -3.63
C GLY C 127 -1.06 15.21 -2.68
N GLY C 128 -0.32 15.36 -1.60
CA GLY C 128 -0.15 14.31 -0.61
C GLY C 128 -1.27 14.13 0.37
N LEU C 129 -1.92 15.23 0.77
CA LEU C 129 -3.03 15.18 1.75
C LEU C 129 -4.41 15.45 1.13
N THR C 130 -4.63 14.89 -0.05
CA THR C 130 -5.89 15.02 -0.76
C THR C 130 -6.17 13.81 -1.63
N GLY C 131 -7.44 13.56 -1.89
CA GLY C 131 -7.83 12.49 -2.76
C GLY C 131 -7.37 12.96 -4.13
N THR C 132 -7.00 12.02 -4.99
CA THR C 132 -6.51 12.34 -6.33
C THR C 132 -7.20 11.41 -7.29
N ASP C 133 -6.75 11.37 -8.54
CA ASP C 133 -7.34 10.45 -9.52
C ASP C 133 -6.81 9.01 -9.35
N LEU C 134 -5.78 8.85 -8.51
CA LEU C 134 -5.22 7.52 -8.21
C LEU C 134 -5.79 7.06 -6.86
N THR C 135 -5.68 7.92 -5.84
CA THR C 135 -6.26 7.65 -4.52
C THR C 135 -7.65 8.30 -4.64
N ALA C 136 -8.51 7.66 -5.43
CA ALA C 136 -9.84 8.15 -5.80
C ALA C 136 -10.87 8.28 -4.70
N MSE C 137 -11.06 9.51 -4.21
CA MSE C 137 -12.03 9.79 -3.17
C MSE C 137 -13.14 10.64 -3.76
O MSE C 137 -13.00 11.22 -4.84
CB MSE C 137 -11.42 10.58 -2.03
CG MSE C 137 -10.07 10.08 -1.50
SE MSE C 137 -10.26 8.26 -0.78
CE MSE C 137 -8.83 8.30 0.57
N LEU C 138 -14.26 10.70 -3.04
CA LEU C 138 -15.42 11.49 -3.46
C LEU C 138 -15.47 12.86 -2.79
N ASN C 139 -14.51 13.16 -1.92
CA ASN C 139 -14.48 14.43 -1.23
C ASN C 139 -14.17 15.56 -2.20
N ASP C 140 -14.63 16.76 -1.83
CA ASP C 140 -14.36 17.93 -2.63
C ASP C 140 -12.86 18.16 -2.65
N PRO C 141 -12.33 18.69 -3.76
CA PRO C 141 -10.91 18.94 -3.80
C PRO C 141 -10.54 20.08 -2.85
N LEU C 142 -9.26 20.18 -2.53
CA LEU C 142 -8.79 21.24 -1.65
C LEU C 142 -8.89 22.59 -2.35
N PRO C 143 -8.85 23.68 -1.57
CA PRO C 143 -8.92 24.98 -2.22
C PRO C 143 -7.81 25.14 -3.22
N GLU C 144 -8.14 25.89 -4.25
CA GLU C 144 -7.25 26.11 -5.35
C GLU C 144 -6.41 27.35 -5.06
N LYS C 145 -5.17 27.14 -4.64
CA LYS C 145 -4.25 28.23 -4.27
C LYS C 145 -2.99 28.35 -5.09
N VAL C 146 -2.47 29.57 -5.16
CA VAL C 146 -1.25 29.91 -5.89
C VAL C 146 -0.46 30.96 -5.08
N ARG C 147 0.84 30.75 -4.98
CA ARG C 147 1.72 31.68 -4.27
C ARG C 147 2.83 32.10 -5.23
N MSE C 148 3.01 33.41 -5.42
CA MSE C 148 4.04 33.96 -6.27
C MSE C 148 5.08 34.41 -5.30
O MSE C 148 4.88 35.35 -4.56
CB MSE C 148 3.55 35.18 -7.06
CG MSE C 148 2.53 34.82 -8.11
SE MSE C 148 3.49 34.06 -9.63
CE MSE C 148 4.39 35.66 -10.36
N ILE C 149 6.21 33.70 -5.28
CA ILE C 149 7.27 33.99 -4.32
C ILE C 149 8.47 34.63 -5.01
N LYS C 150 8.89 35.78 -4.49
CA LYS C 150 10.05 36.48 -5.01
C LYS C 150 11.24 35.67 -4.53
N LEU C 151 12.32 35.64 -5.31
CA LEU C 151 13.49 34.90 -4.90
C LEU C 151 14.77 35.40 -5.54
N ASP C 152 15.90 35.01 -4.95
CA ASP C 152 17.22 35.37 -5.45
C ASP C 152 18.18 34.21 -5.15
N SER C 153 19.46 34.37 -5.50
CA SER C 153 20.47 33.32 -5.29
C SER C 153 20.78 32.99 -3.83
N GLU C 154 20.17 33.73 -2.91
CA GLU C 154 20.42 33.55 -1.49
C GLU C 154 19.18 33.11 -0.68
N LYS C 155 18.00 33.66 -1.01
CA LYS C 155 16.77 33.36 -0.25
C LYS C 155 15.47 33.28 -1.06
N VAL C 156 14.47 32.63 -0.46
CA VAL C 156 13.13 32.47 -1.03
C VAL C 156 12.19 33.23 -0.08
N TYR C 157 11.63 34.33 -0.56
CA TYR C 157 10.77 35.20 0.27
C TYR C 157 9.33 34.72 0.36
N TRP C 158 9.15 33.61 1.08
CA TRP C 158 7.84 32.97 1.26
C TRP C 158 6.77 33.91 1.83
N SER C 159 7.14 34.63 2.88
CA SER C 159 6.21 35.56 3.54
C SER C 159 6.95 36.45 4.54
N GLU C 160 6.23 37.39 5.14
CA GLU C 160 6.78 38.27 6.17
C GLU C 160 7.40 37.42 7.28
N ARG C 161 6.66 36.39 7.67
CA ARG C 161 7.07 35.51 8.74
C ARG C 161 8.21 34.54 8.38
N HIS C 162 8.18 33.98 7.16
CA HIS C 162 9.20 33.01 6.75
C HIS C 162 10.00 33.37 5.51
N THR C 163 11.32 33.38 5.66
CA THR C 163 12.26 33.61 4.57
C THR C 163 13.06 32.33 4.58
N LEU C 164 12.93 31.55 3.51
CA LEU C 164 13.62 30.26 3.40
C LEU C 164 14.92 30.35 2.64
N PRO C 165 15.91 29.50 3.00
CA PRO C 165 17.16 29.54 2.25
C PRO C 165 16.98 28.98 0.85
N TYR C 166 17.79 29.47 -0.08
CA TYR C 166 17.76 29.03 -1.47
C TYR C 166 18.57 27.75 -1.60
N LYS C 167 17.88 26.61 -1.66
CA LYS C 167 18.50 25.29 -1.83
C LYS C 167 17.90 24.69 -3.10
N PRO C 168 18.39 25.13 -4.26
CA PRO C 168 17.82 24.62 -5.49
C PRO C 168 18.21 23.18 -5.82
N HIS C 169 17.36 22.54 -6.62
CA HIS C 169 17.59 21.17 -7.08
C HIS C 169 16.67 20.88 -8.25
N ILE C 170 17.04 19.87 -9.03
CA ILE C 170 16.28 19.44 -10.19
C ILE C 170 15.26 18.38 -9.80
N GLY C 171 14.01 18.62 -10.18
CA GLY C 171 12.93 17.71 -9.89
C GLY C 171 12.86 16.56 -10.87
N THR C 172 13.08 16.88 -12.15
CA THR C 172 13.05 15.86 -13.22
C THR C 172 14.38 15.74 -13.96
N LEU C 173 15.08 14.65 -13.71
CA LEU C 173 16.35 14.36 -14.38
C LEU C 173 16.22 12.92 -14.85
N SER C 174 16.36 12.69 -16.14
CA SER C 174 16.17 11.32 -16.65
C SER C 174 16.81 11.02 -17.98
N VAL C 175 16.79 9.72 -18.31
CA VAL C 175 17.28 9.22 -19.58
C VAL C 175 16.13 8.41 -20.18
N SER C 176 16.15 8.21 -21.49
CA SER C 176 15.07 7.48 -22.17
C SER C 176 15.02 5.99 -21.87
N PRO C 177 13.80 5.44 -21.78
CA PRO C 177 13.65 3.99 -21.68
C PRO C 177 14.03 3.41 -23.05
N GLU C 178 14.13 2.09 -23.14
CA GLU C 178 14.50 1.47 -24.39
C GLU C 178 13.45 1.70 -25.48
N ILE C 179 12.20 1.38 -25.18
CA ILE C 179 11.08 1.53 -26.12
C ILE C 179 9.89 2.33 -25.59
N ASP C 180 9.74 2.41 -24.26
CA ASP C 180 8.64 3.17 -23.67
C ASP C 180 8.89 4.67 -23.69
N SER C 181 7.82 5.43 -23.52
CA SER C 181 7.89 6.88 -23.43
C SER C 181 7.00 7.21 -22.22
N ILE C 182 7.65 7.55 -21.11
CA ILE C 182 7.01 7.83 -19.83
C ILE C 182 6.73 9.33 -19.66
N ASN C 183 5.55 9.70 -19.14
CA ASN C 183 5.27 11.14 -18.98
C ASN C 183 6.24 11.84 -18.03
N SER C 184 6.34 13.15 -18.19
CA SER C 184 7.25 13.98 -17.40
C SER C 184 6.84 14.14 -15.93
N LEU C 185 5.71 13.56 -15.55
CA LEU C 185 5.25 13.66 -14.17
C LEU C 185 5.63 12.41 -13.37
N THR C 186 6.05 11.35 -14.05
CA THR C 186 6.38 10.07 -13.42
C THR C 186 7.88 9.72 -13.27
N PRO C 187 8.31 9.30 -12.07
CA PRO C 187 9.67 8.80 -11.85
C PRO C 187 9.65 7.29 -11.98
N ASP C 188 10.74 6.69 -12.41
CA ASP C 188 10.77 5.23 -12.57
C ASP C 188 12.25 4.79 -12.57
N ASN C 189 12.57 3.66 -13.20
CA ASN C 189 13.97 3.18 -13.23
C ASN C 189 14.89 3.94 -14.20
N HIS C 190 14.33 4.94 -14.87
CA HIS C 190 15.05 5.78 -15.82
C HIS C 190 15.35 7.17 -15.23
N GLY C 191 14.89 7.39 -14.00
CA GLY C 191 15.01 8.69 -13.32
C GLY C 191 13.62 9.27 -13.34
N GLY C 192 13.48 10.45 -13.96
CA GLY C 192 12.16 11.08 -14.09
C GLY C 192 11.87 12.10 -13.02
N ASN C 193 10.58 12.29 -12.75
CA ASN C 193 10.10 13.26 -11.75
C ASN C 193 10.27 12.70 -10.35
N MSE C 194 11.52 12.62 -9.91
CA MSE C 194 11.87 12.08 -8.60
C MSE C 194 11.64 13.03 -7.46
O MSE C 194 11.31 12.62 -6.35
CB MSE C 194 13.33 11.68 -8.60
CG MSE C 194 13.63 10.59 -9.62
SE MSE C 194 15.59 10.32 -9.75
CE MSE C 194 16.13 12.03 -10.57
N ASP C 195 11.84 14.33 -7.72
CA ASP C 195 11.67 15.35 -6.69
C ASP C 195 12.45 15.00 -5.41
N VAL C 196 13.73 14.74 -5.57
CA VAL C 196 14.63 14.42 -4.45
C VAL C 196 15.45 15.68 -4.22
N PRO C 197 15.25 16.36 -3.08
CA PRO C 197 15.96 17.61 -2.74
C PRO C 197 17.48 17.60 -2.87
N ASP C 198 18.08 16.42 -2.74
CA ASP C 198 19.54 16.27 -2.81
C ASP C 198 20.16 16.42 -4.20
N ILE C 199 19.33 16.33 -5.24
CA ILE C 199 19.80 16.42 -6.63
C ILE C 199 19.94 17.89 -7.06
N GLY C 200 20.91 18.57 -6.45
CA GLY C 200 21.19 19.96 -6.74
C GLY C 200 22.70 20.20 -6.91
N PRO C 201 23.12 21.47 -6.90
CA PRO C 201 24.54 21.81 -7.03
C PRO C 201 25.38 20.99 -6.05
N GLY C 202 26.46 20.40 -6.56
CA GLY C 202 27.35 19.57 -5.76
C GLY C 202 26.96 18.11 -5.73
N SER C 203 26.02 17.69 -6.59
CA SER C 203 25.59 16.30 -6.64
C SER C 203 25.85 15.74 -8.03
N ILE C 204 26.08 14.43 -8.08
CA ILE C 204 26.32 13.70 -9.33
C ILE C 204 25.26 12.62 -9.36
N THR C 205 24.40 12.63 -10.38
CA THR C 205 23.36 11.62 -10.49
C THR C 205 23.77 10.62 -11.60
N TYR C 206 23.65 9.34 -11.29
CA TYR C 206 23.98 8.25 -12.21
C TYR C 206 22.69 7.63 -12.74
N LEU C 207 22.50 7.67 -14.06
CA LEU C 207 21.29 7.14 -14.72
C LEU C 207 21.62 6.01 -15.69
N PRO C 208 20.86 4.90 -15.64
CA PRO C 208 21.16 3.78 -16.51
C PRO C 208 20.68 3.96 -17.94
N VAL C 209 21.61 3.84 -18.88
CA VAL C 209 21.30 3.99 -20.29
C VAL C 209 20.61 2.72 -20.81
N ARG C 210 19.53 2.93 -21.55
CA ARG C 210 18.78 1.83 -22.17
C ARG C 210 18.48 2.13 -23.65
N ALA C 211 18.76 3.35 -24.11
CA ALA C 211 18.54 3.77 -25.48
C ALA C 211 19.84 4.31 -26.05
N PRO C 212 20.11 4.06 -27.36
CA PRO C 212 21.33 4.59 -27.94
C PRO C 212 21.43 6.10 -27.79
N GLY C 213 22.59 6.58 -27.34
CA GLY C 213 22.84 8.00 -27.13
C GLY C 213 22.43 8.50 -25.77
N GLY C 214 21.82 7.64 -24.96
CA GLY C 214 21.40 8.02 -23.62
C GLY C 214 20.07 8.74 -23.57
N ARG C 215 19.99 9.88 -24.26
CA ARG C 215 18.77 10.69 -24.33
C ARG C 215 18.46 11.29 -22.96
N LEU C 216 19.30 12.24 -22.56
CA LEU C 216 19.16 12.92 -21.27
C LEU C 216 18.12 14.02 -21.34
N PHE C 217 17.23 14.02 -20.35
CA PHE C 217 16.18 15.03 -20.21
C PHE C 217 16.34 15.70 -18.86
N ILE C 218 16.07 17.00 -18.81
CA ILE C 218 16.20 17.76 -17.56
C ILE C 218 15.09 18.81 -17.48
N GLY C 219 14.71 19.19 -16.27
CA GLY C 219 13.67 20.21 -16.07
C GLY C 219 13.14 20.27 -14.67
N ASP C 220 12.08 21.07 -14.48
CA ASP C 220 11.41 21.22 -13.19
C ASP C 220 12.37 21.60 -12.05
N ALA C 221 12.94 22.79 -12.16
CA ALA C 221 13.84 23.27 -11.13
C ALA C 221 13.03 23.73 -9.92
N HIS C 222 13.54 23.45 -8.71
CA HIS C 222 12.90 23.86 -7.47
C HIS C 222 13.83 24.76 -6.67
N ALA C 223 13.31 25.86 -6.13
CA ALA C 223 14.12 26.76 -5.32
C ALA C 223 14.35 26.18 -3.92
N CYS C 224 13.47 25.25 -3.55
CA CYS C 224 13.51 24.56 -2.27
C CYS C 224 12.43 23.48 -2.31
N GLN C 225 12.48 22.52 -1.39
CA GLN C 225 11.45 21.48 -1.30
C GLN C 225 11.53 20.70 0.00
N GLY C 226 10.36 20.38 0.55
CA GLY C 226 10.27 19.58 1.75
C GLY C 226 10.27 18.10 1.40
N ASP C 227 10.53 17.26 2.40
CA ASP C 227 10.54 15.83 2.21
C ASP C 227 9.10 15.40 1.94
N GLY C 228 8.87 14.86 0.75
CA GLY C 228 7.56 14.41 0.33
C GLY C 228 6.84 15.37 -0.61
N GLU C 229 7.25 16.65 -0.63
CA GLU C 229 6.63 17.68 -1.49
C GLU C 229 5.12 17.58 -1.29
N ILE C 230 4.75 17.47 -0.02
CA ILE C 230 3.38 17.20 0.41
C ILE C 230 2.17 17.90 -0.26
N CYS C 231 2.25 19.20 -0.59
CA CYS C 231 1.07 19.85 -1.20
C CYS C 231 0.93 19.58 -2.71
N GLY C 232 1.93 18.94 -3.30
CA GLY C 232 1.93 18.61 -4.72
C GLY C 232 3.03 19.34 -5.48
N THR C 233 3.37 20.55 -5.03
CA THR C 233 4.41 21.35 -5.67
C THR C 233 5.37 21.97 -4.67
N ALA C 234 6.59 22.24 -5.15
CA ALA C 234 7.62 22.89 -4.36
C ALA C 234 7.56 24.34 -4.83
N VAL C 235 8.67 25.07 -4.74
CA VAL C 235 8.72 26.44 -5.25
C VAL C 235 9.27 26.25 -6.66
N GLU C 236 8.36 26.15 -7.63
CA GLU C 236 8.69 25.94 -9.03
C GLU C 236 9.23 27.22 -9.68
N PHE C 237 10.35 27.12 -10.40
CA PHE C 237 10.92 28.30 -11.06
C PHE C 237 11.72 27.98 -12.33
N ALA C 238 11.91 29.00 -13.15
CA ALA C 238 12.67 28.91 -14.39
C ALA C 238 14.12 29.14 -13.97
N SER C 239 15.04 28.31 -14.46
CA SER C 239 16.45 28.42 -14.05
C SER C 239 17.49 28.32 -15.15
N ILE C 240 18.71 28.66 -14.76
CA ILE C 240 19.88 28.55 -15.60
C ILE C 240 20.66 27.46 -14.87
N THR C 241 20.45 26.21 -15.29
CA THR C 241 21.11 25.06 -14.67
C THR C 241 22.30 24.66 -15.51
N THR C 242 23.47 24.65 -14.90
CA THR C 242 24.70 24.26 -15.57
C THR C 242 25.11 22.88 -15.09
N ILE C 243 25.28 21.96 -16.04
CA ILE C 243 25.65 20.58 -15.73
C ILE C 243 26.87 20.11 -16.52
N LYS C 244 27.53 19.07 -15.99
CA LYS C 244 28.66 18.43 -16.65
C LYS C 244 28.18 16.99 -16.81
N VAL C 245 28.12 16.51 -18.05
CA VAL C 245 27.64 15.17 -18.34
C VAL C 245 28.80 14.30 -18.81
N ASP C 246 28.96 13.13 -18.19
CA ASP C 246 30.03 12.22 -18.58
C ASP C 246 29.40 10.83 -18.76
N LEU C 247 30.21 9.88 -19.22
CA LEU C 247 29.73 8.53 -19.51
C LEU C 247 30.61 7.45 -18.87
N ILE C 248 29.97 6.53 -18.16
CA ILE C 248 30.64 5.40 -17.53
C ILE C 248 30.23 4.17 -18.34
N LYS C 249 31.20 3.46 -18.88
CA LYS C 249 30.93 2.31 -19.71
C LYS C 249 30.69 1.03 -18.97
N ASN C 250 29.71 0.27 -19.44
CA ASN C 250 29.38 -1.06 -18.93
C ASN C 250 29.30 -1.16 -17.40
N TRP C 251 28.34 -0.44 -16.82
CA TRP C 251 28.10 -0.44 -15.37
C TRP C 251 26.60 -0.67 -15.26
N GLN C 252 26.23 -1.92 -14.97
CA GLN C 252 24.83 -2.33 -14.95
C GLN C 252 24.12 -1.81 -13.70
N LEU C 253 23.15 -0.92 -13.91
CA LEU C 253 22.34 -0.34 -12.85
C LEU C 253 20.90 -0.62 -13.19
N SER C 254 20.10 -0.88 -12.17
CA SER C 254 18.68 -1.11 -12.36
C SER C 254 17.91 0.15 -12.00
N TRP C 255 18.48 0.97 -11.12
CA TRP C 255 17.85 2.20 -10.66
C TRP C 255 18.83 3.34 -10.60
N PRO C 256 18.32 4.59 -10.55
CA PRO C 256 19.22 5.73 -10.45
C PRO C 256 19.97 5.76 -9.12
N ARG C 257 21.18 6.30 -9.15
CA ARG C 257 22.01 6.47 -7.97
C ARG C 257 22.58 7.86 -7.99
N MSE C 258 22.96 8.37 -6.82
CA MSE C 258 23.56 9.70 -6.78
C MSE C 258 24.66 9.68 -5.76
O MSE C 258 24.80 8.75 -4.97
CB MSE C 258 22.54 10.84 -6.66
CG MSE C 258 22.03 11.14 -5.26
SE MSE C 258 23.19 12.51 -4.39
CE MSE C 258 22.28 12.36 -2.64
N GLU C 259 25.45 10.73 -5.78
CA GLU C 259 26.60 10.87 -4.92
C GLU C 259 26.86 12.33 -4.68
N ASN C 260 27.31 12.67 -3.48
CA ASN C 260 27.67 14.05 -3.14
C ASN C 260 28.85 14.01 -2.17
N ALA C 261 29.25 15.17 -1.67
CA ALA C 261 30.41 15.22 -0.77
C ALA C 261 30.36 14.25 0.40
N GLU C 262 29.18 14.07 1.00
CA GLU C 262 29.07 13.20 2.17
C GLU C 262 28.44 11.81 2.04
N THR C 263 27.63 11.57 1.00
CA THR C 263 26.95 10.26 0.87
C THR C 263 26.81 9.71 -0.54
N ILE C 264 26.37 8.45 -0.59
CA ILE C 264 26.00 7.76 -1.83
C ILE C 264 24.53 7.42 -1.56
N MSE C 265 23.73 7.30 -2.61
CA MSE C 265 22.31 7.02 -2.45
C MSE C 265 21.72 6.27 -3.61
O MSE C 265 22.06 6.51 -4.76
CB MSE C 265 21.62 8.38 -2.33
CG MSE C 265 20.09 8.33 -2.19
SE MSE C 265 19.27 10.07 -2.64
CE MSE C 265 19.69 10.96 -0.96
N SER C 266 20.84 5.32 -3.30
CA SER C 266 20.11 4.55 -4.32
C SER C 266 18.70 5.11 -4.30
N ILE C 267 18.20 5.46 -5.49
CA ILE C 267 16.87 6.09 -5.62
C ILE C 267 15.86 5.16 -6.24
N GLY C 268 14.89 4.72 -5.43
CA GLY C 268 13.83 3.82 -5.89
C GLY C 268 12.52 4.57 -6.03
N SER C 269 11.70 4.17 -7.00
CA SER C 269 10.41 4.81 -7.21
C SER C 269 9.30 3.79 -7.44
N ALA C 270 8.21 3.92 -6.70
CA ALA C 270 7.06 3.01 -6.80
C ALA C 270 5.92 3.38 -5.84
N ARG C 271 4.89 2.55 -5.86
CA ARG C 271 3.75 2.63 -4.94
C ARG C 271 3.45 1.18 -4.56
N PRO C 272 3.15 0.88 -3.30
CA PRO C 272 3.06 1.84 -2.20
C PRO C 272 4.43 2.36 -1.78
N LEU C 273 4.46 3.29 -0.83
CA LEU C 273 5.74 3.89 -0.42
C LEU C 273 6.73 2.87 0.16
N GLU C 274 6.26 1.78 0.78
CA GLU C 274 7.22 0.79 1.33
C GLU C 274 8.01 0.11 0.22
N ASP C 275 7.37 -0.15 -0.93
CA ASP C 275 8.08 -0.79 -2.03
C ASP C 275 9.14 0.13 -2.63
N ALA C 276 8.88 1.44 -2.61
CA ALA C 276 9.85 2.40 -3.11
C ALA C 276 11.07 2.32 -2.20
N THR C 277 10.81 2.22 -0.89
CA THR C 277 11.88 2.14 0.10
C THR C 277 12.63 0.81 0.00
N ARG C 278 11.92 -0.29 -0.24
CA ARG C 278 12.56 -1.61 -0.41
C ARG C 278 13.53 -1.60 -1.57
N ILE C 279 13.05 -1.07 -2.69
CA ILE C 279 13.83 -0.94 -3.93
C ILE C 279 15.14 -0.18 -3.66
N ALA C 280 15.03 0.96 -2.97
CA ALA C 280 16.18 1.80 -2.66
C ALA C 280 17.17 1.06 -1.77
N TYR C 281 16.70 0.57 -0.63
CA TYR C 281 17.58 -0.15 0.27
C TYR C 281 18.20 -1.38 -0.36
N ARG C 282 17.44 -2.16 -1.11
CA ARG C 282 18.01 -3.36 -1.72
C ARG C 282 19.07 -2.99 -2.76
N ASP C 283 18.83 -1.92 -3.52
CA ASP C 283 19.79 -1.48 -4.52
C ASP C 283 21.07 -1.02 -3.84
N LEU C 284 20.92 -0.32 -2.72
CA LEU C 284 22.08 0.15 -1.97
C LEU C 284 22.91 -1.05 -1.51
N ILE C 285 22.25 -2.07 -0.97
CA ILE C 285 22.91 -3.30 -0.52
C ILE C 285 23.66 -3.96 -1.68
N TYR C 286 23.04 -4.03 -2.85
CA TYR C 286 23.72 -4.64 -3.99
C TYR C 286 24.93 -3.80 -4.43
N TRP C 287 24.82 -2.48 -4.26
CA TRP C 287 25.88 -1.55 -4.62
C TRP C 287 27.05 -1.72 -3.66
N LEU C 288 26.76 -1.85 -2.37
CA LEU C 288 27.79 -2.05 -1.34
C LEU C 288 28.53 -3.37 -1.54
N VAL C 289 27.81 -4.41 -1.96
CA VAL C 289 28.42 -5.73 -2.19
C VAL C 289 29.30 -5.74 -3.44
N ALA C 290 28.80 -5.11 -4.50
CA ALA C 290 29.49 -5.08 -5.78
C ALA C 290 30.75 -4.22 -5.82
N ASP C 291 30.64 -2.97 -5.37
CA ASP C 291 31.75 -2.01 -5.45
C ASP C 291 32.50 -1.66 -4.15
N PHE C 292 31.96 -1.99 -2.98
CA PHE C 292 32.61 -1.62 -1.72
C PHE C 292 32.97 -2.78 -0.77
N GLY C 293 33.19 -3.97 -1.33
CA GLY C 293 33.60 -5.15 -0.57
C GLY C 293 32.76 -5.65 0.61
N PHE C 294 31.49 -5.27 0.66
CA PHE C 294 30.62 -5.76 1.73
C PHE C 294 30.11 -7.17 1.46
N GLU C 295 29.85 -7.90 2.55
CA GLU C 295 29.24 -9.22 2.47
C GLU C 295 27.75 -8.85 2.57
N GLN C 296 26.89 -9.51 1.78
CA GLN C 296 25.47 -9.14 1.72
C GLN C 296 24.72 -8.99 3.05
N TRP C 297 24.75 -10.03 3.87
CA TRP C 297 24.01 -10.00 5.14
C TRP C 297 24.56 -8.97 6.12
N ASP C 298 25.88 -8.74 6.09
CA ASP C 298 26.49 -7.75 6.96
C ASP C 298 26.00 -6.37 6.53
N ALA C 299 25.95 -6.13 5.21
CA ALA C 299 25.49 -4.83 4.69
C ALA C 299 24.05 -4.55 5.10
N TYR C 300 23.22 -5.59 5.00
CA TYR C 300 21.80 -5.52 5.37
C TYR C 300 21.62 -5.16 6.85
N MSE C 301 22.34 -5.87 7.71
CA MSE C 301 22.27 -5.65 9.15
C MSE C 301 22.94 -4.36 9.53
O MSE C 301 22.53 -3.73 10.48
CB MSE C 301 22.88 -6.82 9.91
CG MSE C 301 22.05 -8.07 9.69
SE MSE C 301 22.78 -9.53 10.75
CE MSE C 301 24.48 -9.98 9.83
N LEU C 302 23.97 -3.95 8.79
CA LEU C 302 24.66 -2.69 9.10
C LEU C 302 23.76 -1.50 8.77
N LEU C 303 23.07 -1.56 7.63
CA LEU C 303 22.15 -0.49 7.23
C LEU C 303 20.97 -0.37 8.18
N SER C 304 20.72 -1.43 8.94
CA SER C 304 19.66 -1.43 9.92
C SER C 304 20.11 -0.58 11.13
N GLN C 305 21.38 -0.14 11.10
CA GLN C 305 21.97 0.68 12.16
C GLN C 305 22.42 2.08 11.66
N CYS C 306 22.78 2.17 10.38
CA CYS C 306 23.33 3.42 9.78
C CYS C 306 22.63 3.99 8.59
N GLY C 307 21.73 3.22 7.98
CA GLY C 307 21.04 3.69 6.79
C GLY C 307 20.22 4.92 7.05
N LYS C 308 20.23 5.83 6.08
CA LYS C 308 19.46 7.07 6.13
C LYS C 308 18.48 7.08 5.00
N VAL C 309 17.27 7.60 5.23
CA VAL C 309 16.26 7.65 4.19
C VAL C 309 15.80 9.06 3.90
N ARG C 310 15.67 9.36 2.61
CA ARG C 310 15.17 10.63 2.14
C ARG C 310 13.87 10.38 1.41
N LEU C 311 12.78 10.94 1.93
CA LEU C 311 11.52 10.84 1.25
C LEU C 311 11.56 11.97 0.21
N GLY C 312 11.56 11.59 -1.07
CA GLY C 312 11.59 12.56 -2.15
C GLY C 312 10.21 13.15 -2.33
N ASN C 313 9.39 12.46 -3.12
CA ASN C 313 8.02 12.93 -3.36
C ASN C 313 7.06 11.86 -2.90
N MSE C 314 5.86 12.27 -2.55
CA MSE C 314 4.84 11.30 -2.15
C MSE C 314 3.56 11.80 -2.77
O MSE C 314 2.48 11.61 -2.23
CB MSE C 314 4.97 10.98 -0.67
CG MSE C 314 4.12 11.71 0.37
SE MSE C 314 3.31 10.29 1.48
CE MSE C 314 1.46 10.89 1.15
N VAL C 315 3.68 12.41 -3.95
CA VAL C 315 2.56 13.00 -4.67
C VAL C 315 2.45 12.57 -6.14
N ASP C 316 3.57 12.28 -6.78
CA ASP C 316 3.60 11.92 -8.19
C ASP C 316 3.06 10.50 -8.43
N PRO C 317 2.74 10.13 -9.69
CA PRO C 317 2.20 8.78 -10.01
C PRO C 317 2.93 7.64 -9.30
N LYS C 318 4.21 7.86 -9.03
CA LYS C 318 5.03 6.94 -8.26
C LYS C 318 5.82 7.76 -7.26
N TYR C 319 5.89 7.27 -6.03
CA TYR C 319 6.61 7.97 -4.99
C TYR C 319 8.08 7.63 -5.14
N THR C 320 8.94 8.50 -4.62
CA THR C 320 10.38 8.31 -4.73
C THR C 320 11.06 8.42 -3.37
N VAL C 321 11.95 7.47 -3.09
CA VAL C 321 12.67 7.37 -1.84
C VAL C 321 14.15 7.12 -2.11
N GLY C 322 15.01 7.76 -1.35
CA GLY C 322 16.46 7.59 -1.48
C GLY C 322 17.02 6.91 -0.23
N ALA C 323 17.77 5.83 -0.42
CA ALA C 323 18.42 5.12 0.71
C ALA C 323 19.89 5.52 0.69
N MSE C 324 20.37 6.12 1.77
CA MSE C 324 21.75 6.61 1.85
C MSE C 324 22.66 5.93 2.81
O MSE C 324 22.23 5.25 3.73
CB MSE C 324 21.68 8.00 2.45
CG MSE C 324 21.49 9.11 1.44
SE MSE C 324 20.50 10.53 2.38
CE MSE C 324 21.95 11.45 3.34
N LEU C 325 23.95 6.16 2.60
CA LEU C 325 25.00 5.68 3.49
C LEU C 325 26.11 6.72 3.45
N ASN C 326 26.57 7.12 4.62
CA ASN C 326 27.63 8.13 4.73
C ASN C 326 28.94 7.55 4.20
N LYS C 327 29.63 8.31 3.36
CA LYS C 327 30.91 7.86 2.76
C LYS C 327 31.97 7.40 3.75
N GLU C 328 31.91 7.89 4.99
CA GLU C 328 32.86 7.45 6.02
C GLU C 328 32.75 5.94 6.27
N LEU C 329 31.54 5.40 6.13
CA LEU C 329 31.30 3.97 6.34
C LEU C 329 31.70 3.09 5.14
N LEU C 330 32.18 3.72 4.06
CA LEU C 330 32.66 2.99 2.87
C LEU C 330 34.15 2.65 3.00
N ALA C 331 34.84 3.27 3.96
CA ALA C 331 36.27 3.02 4.20
C ALA C 331 36.51 1.53 4.41
N GLN C 332 37.55 1.02 3.76
CA GLN C 332 37.87 -0.41 3.78
C GLN C 332 38.45 -0.83 5.13
N MSE D 4 21.84 22.94 27.20
CA MSE D 4 20.47 22.39 27.51
C MSE D 4 19.53 23.50 27.93
O MSE D 4 18.63 23.32 28.72
CB MSE D 4 20.54 21.26 28.54
CG MSE D 4 21.33 20.05 28.00
SE MSE D 4 20.99 18.34 28.91
CE MSE D 4 22.30 17.25 27.89
N LYS D 5 19.76 24.67 27.35
CA LYS D 5 18.97 25.87 27.61
C LYS D 5 17.57 25.80 26.99
N TRP D 6 17.46 25.09 25.87
CA TRP D 6 16.20 24.97 25.15
C TRP D 6 15.06 24.42 25.99
N LEU D 7 15.36 23.63 27.04
CA LEU D 7 14.31 23.07 27.92
C LEU D 7 13.41 24.14 28.53
N GLU D 8 13.98 25.31 28.84
CA GLU D 8 13.20 26.42 29.41
C GLU D 8 12.01 26.81 28.52
N GLU D 9 12.17 26.69 27.21
CA GLU D 9 11.13 27.02 26.25
C GLU D 9 10.30 25.78 25.84
N SER D 10 10.65 24.60 26.36
CA SER D 10 9.92 23.37 26.00
C SER D 10 8.48 23.39 26.52
N ILE D 11 7.62 22.62 25.86
CA ILE D 11 6.21 22.56 26.23
C ILE D 11 6.08 21.90 27.60
N MSE D 12 6.95 20.92 27.87
CA MSE D 12 6.93 20.23 29.16
C MSE D 12 7.21 21.14 30.32
O MSE D 12 6.56 21.05 31.36
CB MSE D 12 8.00 19.14 29.15
CG MSE D 12 8.05 18.33 30.45
SE MSE D 12 9.74 17.33 30.39
CE MSE D 12 9.46 16.15 31.96
N VAL D 13 8.20 22.00 30.18
CA VAL D 13 8.55 22.92 31.26
C VAL D 13 7.53 24.06 31.38
N LYS D 14 7.04 24.57 30.26
CA LYS D 14 6.07 25.67 30.29
C LYS D 14 4.66 25.27 30.68
N ARG D 15 4.28 24.02 30.46
CA ARG D 15 2.92 23.57 30.81
C ARG D 15 2.85 22.41 31.79
N GLY D 16 3.98 21.75 32.06
CA GLY D 16 4.01 20.62 32.98
C GLY D 16 3.73 21.08 34.40
N VAL D 17 2.82 20.38 35.08
CA VAL D 17 2.44 20.74 36.45
C VAL D 17 3.57 20.50 37.46
N GLY D 18 4.47 19.56 37.14
CA GLY D 18 5.59 19.23 38.01
C GLY D 18 6.84 20.06 37.85
N ALA D 19 6.80 21.04 36.96
CA ALA D 19 7.99 21.89 36.68
C ALA D 19 9.05 22.29 37.74
N GLY D 20 8.74 23.00 38.83
CA GLY D 20 9.74 23.40 39.80
C GLY D 20 9.92 22.47 41.00
N ARG D 21 9.39 21.26 40.92
CA ARG D 21 9.46 20.32 42.05
C ARG D 21 10.82 19.69 42.25
N LYS D 22 11.14 19.39 43.51
CA LYS D 22 12.37 18.67 43.84
C LYS D 22 11.86 17.27 43.56
N PRO D 23 12.35 16.64 42.48
CA PRO D 23 11.79 15.35 42.15
C PRO D 23 12.25 14.19 43.01
N VAL D 24 11.37 13.20 43.16
CA VAL D 24 11.66 11.98 43.87
C VAL D 24 12.18 11.04 42.77
N THR D 25 13.32 10.39 43.02
CA THR D 25 13.91 9.47 42.05
C THR D 25 13.55 8.06 42.47
N HIS D 26 12.90 7.34 41.55
CA HIS D 26 12.50 5.96 41.79
C HIS D 26 13.43 5.05 40.99
N HIS D 27 13.73 3.89 41.53
CA HIS D 27 14.58 2.91 40.85
C HIS D 27 13.68 1.75 40.44
N LEU D 28 13.27 1.72 39.17
CA LEU D 28 12.42 0.63 38.65
C LEU D 28 13.30 -0.55 38.26
N THR D 29 13.72 -1.31 39.27
CA THR D 29 14.57 -2.48 39.07
C THR D 29 13.72 -3.66 38.60
N GLU D 30 14.38 -4.76 38.26
CA GLU D 30 13.69 -5.97 37.84
C GLU D 30 12.87 -6.56 39.00
N GLU D 31 13.34 -6.36 40.22
CA GLU D 31 12.67 -6.85 41.43
C GLU D 31 11.35 -6.08 41.64
N MSE D 32 11.35 -4.80 41.29
CA MSE D 32 10.15 -3.97 41.42
C MSE D 32 9.16 -4.29 40.33
O MSE D 32 7.96 -4.33 40.56
CB MSE D 32 10.47 -2.47 41.35
CG MSE D 32 9.27 -1.60 41.71
SE MSE D 32 9.72 0.32 41.58
CE MSE D 32 10.52 0.57 43.38
N GLN D 33 9.68 -4.49 39.12
CA GLN D 33 8.86 -4.81 37.96
C GLN D 33 8.13 -6.17 38.09
N LYS D 34 8.83 -7.17 38.64
CA LYS D 34 8.31 -8.54 38.84
C LYS D 34 8.09 -9.32 37.55
N GLU D 35 7.21 -8.84 36.69
CA GLU D 35 6.89 -9.48 35.41
C GLU D 35 6.87 -8.42 34.31
N PHE D 36 7.65 -8.63 33.26
CA PHE D 36 7.68 -7.70 32.13
C PHE D 36 6.50 -8.06 31.24
N HIS D 37 5.93 -7.07 30.55
CA HIS D 37 4.75 -7.32 29.72
C HIS D 37 4.98 -7.25 28.22
N TYR D 38 4.21 -8.08 27.51
CA TYR D 38 4.24 -8.17 26.06
C TYR D 38 2.94 -7.60 25.43
N THR D 39 2.11 -6.99 26.26
CA THR D 39 0.89 -6.32 25.80
C THR D 39 0.75 -5.04 26.64
N ILE D 40 0.34 -3.96 25.99
CA ILE D 40 0.21 -2.64 26.61
C ILE D 40 -1.26 -2.23 26.68
N GLY D 41 -1.79 -2.21 27.89
CA GLY D 41 -3.19 -1.87 28.14
C GLY D 41 -3.50 -1.55 29.58
N PRO D 42 -4.79 -1.47 29.92
CA PRO D 42 -5.25 -1.15 31.27
C PRO D 42 -5.45 -2.34 32.23
N TYR D 43 -5.06 -3.55 31.83
CA TYR D 43 -5.27 -4.74 32.65
C TYR D 43 -4.09 -5.18 33.51
N SER D 44 -2.90 -4.66 33.23
CA SER D 44 -1.70 -5.00 34.01
C SER D 44 -1.77 -4.34 35.37
N THR D 45 -1.22 -5.00 36.39
CA THR D 45 -1.17 -4.42 37.74
C THR D 45 -0.06 -3.34 37.75
N PRO D 46 -0.35 -2.14 38.28
CA PRO D 46 0.68 -1.10 38.32
C PRO D 46 1.90 -1.50 39.14
N VAL D 47 3.09 -1.13 38.68
CA VAL D 47 4.34 -1.47 39.36
C VAL D 47 4.95 -0.29 40.13
N LEU D 48 4.52 0.92 39.78
CA LEU D 48 5.04 2.14 40.39
C LEU D 48 4.09 3.31 40.19
N THR D 49 3.98 4.17 41.19
CA THR D 49 3.15 5.36 41.12
C THR D 49 4.06 6.53 41.44
N ILE D 50 4.06 7.53 40.56
CA ILE D 50 4.91 8.71 40.73
C ILE D 50 4.14 10.04 40.63
N GLU D 51 4.80 11.11 41.07
CA GLU D 51 4.25 12.45 40.99
C GLU D 51 4.77 13.09 39.69
N PRO D 52 3.97 13.95 39.04
CA PRO D 52 4.48 14.59 37.83
C PRO D 52 5.74 15.38 38.18
N GLY D 53 6.81 15.18 37.42
CA GLY D 53 8.08 15.85 37.65
C GLY D 53 9.13 14.92 38.21
N ASP D 54 8.70 13.77 38.74
CA ASP D 54 9.63 12.78 39.31
C ASP D 54 10.49 12.13 38.23
N ARG D 55 11.61 11.57 38.69
CA ARG D 55 12.56 10.88 37.84
C ARG D 55 12.45 9.38 38.10
N VAL D 56 12.68 8.59 37.06
CA VAL D 56 12.62 7.13 37.17
C VAL D 56 13.85 6.56 36.47
N ILE D 57 14.57 5.69 37.19
CA ILE D 57 15.75 5.02 36.66
C ILE D 57 15.27 3.61 36.34
N VAL D 58 15.09 3.33 35.06
CA VAL D 58 14.57 2.04 34.61
C VAL D 58 15.66 1.05 34.16
N ASP D 59 15.63 -0.16 34.72
CA ASP D 59 16.56 -1.23 34.34
C ASP D 59 15.84 -2.06 33.26
N THR D 60 15.93 -1.61 32.01
CA THR D 60 15.25 -2.30 30.91
C THR D 60 15.94 -3.59 30.47
N ARG D 61 15.15 -4.46 29.85
CA ARG D 61 15.63 -5.72 29.31
C ARG D 61 15.64 -5.59 27.79
N ASP D 62 16.51 -6.33 27.12
CA ASP D 62 16.59 -6.25 25.67
C ASP D 62 15.33 -6.81 25.01
N ALA D 63 15.20 -6.59 23.72
CA ALA D 63 14.04 -7.06 22.95
C ALA D 63 13.77 -8.56 23.01
N PHE D 64 14.79 -9.36 23.30
CA PHE D 64 14.65 -10.81 23.35
C PHE D 64 14.53 -11.34 24.79
N GLU D 65 14.48 -10.42 25.76
CA GLU D 65 14.44 -10.73 27.19
C GLU D 65 15.57 -11.71 27.56
N GLY D 66 16.76 -11.38 27.08
CA GLY D 66 17.96 -12.17 27.33
C GLY D 66 18.03 -13.56 26.73
N ALA D 67 17.08 -13.92 25.87
CA ALA D 67 17.05 -15.26 25.26
C ALA D 67 18.19 -15.54 24.31
N ILE D 68 18.79 -14.50 23.75
CA ILE D 68 19.90 -14.65 22.82
C ILE D 68 21.19 -14.14 23.46
N SER D 69 22.23 -14.98 23.49
CA SER D 69 23.51 -14.62 24.08
C SER D 69 24.73 -15.15 23.32
N SER D 70 24.50 -15.70 22.12
CA SER D 70 25.57 -16.26 21.30
C SER D 70 25.28 -16.13 19.82
N GLU D 71 26.32 -15.90 19.02
CA GLU D 71 26.12 -15.81 17.58
C GLU D 71 25.71 -17.17 16.97
N GLN D 72 25.90 -18.25 17.72
CA GLN D 72 25.48 -19.60 17.27
C GLN D 72 24.01 -19.92 17.65
N ASP D 73 23.32 -18.96 18.28
CA ASP D 73 21.91 -19.14 18.64
C ASP D 73 21.07 -19.09 17.38
N ILE D 74 19.93 -19.78 17.42
CA ILE D 74 19.01 -19.85 16.31
C ILE D 74 17.69 -19.19 16.75
N PRO D 75 17.46 -17.94 16.30
CA PRO D 75 16.25 -17.18 16.63
C PRO D 75 14.90 -17.91 16.51
N SER D 76 14.69 -18.68 15.45
CA SER D 76 13.41 -19.40 15.25
C SER D 76 13.14 -20.43 16.35
N GLN D 77 14.19 -20.92 16.99
CA GLN D 77 14.07 -21.90 18.08
C GLN D 77 13.99 -21.25 19.47
N LEU D 78 14.48 -20.02 19.60
CA LEU D 78 14.46 -19.31 20.89
C LEU D 78 13.39 -18.21 21.02
N LEU D 79 12.81 -17.77 19.91
CA LEU D 79 11.79 -16.71 19.92
C LEU D 79 10.48 -17.15 19.31
N LYS D 80 9.40 -16.54 19.78
CA LYS D 80 8.04 -16.81 19.30
C LYS D 80 7.42 -15.45 18.97
N MSE D 81 7.27 -15.14 17.69
CA MSE D 81 6.69 -13.85 17.30
C MSE D 81 5.21 -13.84 17.66
O MSE D 81 4.58 -14.88 17.59
CB MSE D 81 6.86 -13.57 15.80
CG MSE D 81 8.32 -13.44 15.36
SE MSE D 81 9.22 -11.86 16.14
CE MSE D 81 10.31 -12.98 17.33
N PRO D 82 4.64 -12.69 18.04
CA PRO D 82 5.32 -11.38 18.15
C PRO D 82 5.85 -11.05 19.54
N PHE D 83 6.17 -12.06 20.35
CA PHE D 83 6.64 -11.82 21.73
C PHE D 83 8.08 -11.32 21.83
N LEU D 84 8.23 -10.03 21.53
CA LEU D 84 9.50 -9.32 21.63
C LEU D 84 9.21 -8.04 22.41
N ASN D 85 10.26 -7.37 22.84
CA ASN D 85 10.15 -6.10 23.56
C ASN D 85 9.44 -6.21 24.92
N PRO D 86 10.04 -6.94 25.88
CA PRO D 86 9.45 -7.01 27.21
C PRO D 86 9.37 -5.59 27.79
N GLN D 87 8.20 -5.23 28.30
CA GLN D 87 7.96 -3.87 28.80
C GLN D 87 8.02 -3.63 30.30
N ASN D 88 8.64 -2.52 30.68
CA ASN D 88 8.64 -2.06 32.07
C ASN D 88 7.35 -1.27 32.19
N GLY D 89 6.75 -1.28 33.36
CA GLY D 89 5.49 -0.57 33.58
C GLY D 89 4.38 -1.55 33.92
N PRO D 90 3.15 -1.07 34.07
CA PRO D 90 2.80 0.34 33.90
C PRO D 90 3.15 1.24 35.08
N ILE D 91 3.60 2.46 34.75
CA ILE D 91 3.94 3.47 35.74
C ILE D 91 2.73 4.40 35.80
N MSE D 92 2.28 4.73 37.01
CA MSE D 92 1.12 5.61 37.19
C MSE D 92 1.56 7.01 37.54
O MSE D 92 2.41 7.21 38.39
CB MSE D 92 0.22 5.11 38.31
CG MSE D 92 -0.07 3.61 38.20
SE MSE D 92 -1.20 3.22 36.62
CE MSE D 92 -2.96 3.64 37.39
N ILE D 93 0.96 8.00 36.87
CA ILE D 93 1.26 9.39 37.15
C ILE D 93 0.04 9.95 37.89
N ASN D 94 0.29 10.45 39.09
CA ASN D 94 -0.76 11.00 39.95
C ASN D 94 -1.45 12.19 39.31
N GLY D 95 -2.77 12.07 39.11
CA GLY D 95 -3.57 13.13 38.50
C GLY D 95 -3.87 12.95 37.01
N ALA D 96 -3.14 12.06 36.34
CA ALA D 96 -3.35 11.83 34.90
C ALA D 96 -4.73 11.24 34.60
N GLU D 97 -5.40 11.82 33.61
CA GLU D 97 -6.73 11.37 33.19
C GLU D 97 -6.88 11.60 31.70
N LYS D 98 -7.88 10.95 31.11
CA LYS D 98 -8.11 11.06 29.67
C LYS D 98 -8.21 12.52 29.26
N GLY D 99 -7.46 12.89 28.22
CA GLY D 99 -7.42 14.26 27.73
C GLY D 99 -6.11 14.94 28.07
N ASP D 100 -5.36 14.34 29.01
CA ASP D 100 -4.05 14.85 29.41
C ASP D 100 -2.96 14.28 28.50
N VAL D 101 -1.73 14.67 28.78
CA VAL D 101 -0.58 14.22 28.04
C VAL D 101 0.59 13.93 28.99
N ILE D 102 1.25 12.80 28.78
CA ILE D 102 2.41 12.45 29.57
C ILE D 102 3.63 12.92 28.79
N ALA D 103 4.49 13.70 29.44
CA ALA D 103 5.71 14.19 28.81
C ALA D 103 6.84 13.33 29.36
N VAL D 104 7.58 12.68 28.48
CA VAL D 104 8.68 11.82 28.91
C VAL D 104 10.01 12.36 28.39
N TYR D 105 10.80 12.93 29.28
CA TYR D 105 12.10 13.46 28.92
C TYR D 105 13.17 12.44 29.27
N ILE D 106 13.91 11.97 28.27
CA ILE D 106 14.97 10.99 28.50
C ILE D 106 16.25 11.76 28.83
N GLU D 107 16.81 11.53 30.01
CA GLU D 107 18.03 12.22 30.42
C GLU D 107 19.26 11.51 29.93
N SER D 108 19.29 10.19 30.15
CA SER D 108 20.43 9.37 29.80
C SER D 108 20.08 7.91 29.62
N MSE D 109 20.96 7.21 28.91
CA MSE D 109 20.82 5.77 28.66
C MSE D 109 22.20 5.17 28.65
O MSE D 109 23.03 5.56 27.83
CB MSE D 109 20.14 5.55 27.31
CG MSE D 109 18.68 5.99 27.29
SE MSE D 109 17.83 5.65 25.55
CE MSE D 109 17.89 3.68 25.59
N LEU D 110 22.45 4.25 29.57
CA LEU D 110 23.74 3.56 29.65
C LEU D 110 23.53 2.06 29.53
N PRO D 111 24.55 1.33 29.03
CA PRO D 111 24.41 -0.12 28.94
C PRO D 111 24.44 -0.73 30.33
N ARG D 112 23.62 -1.75 30.54
CA ARG D 112 23.50 -2.40 31.85
C ARG D 112 24.17 -3.78 31.83
N GLY D 113 24.79 -4.14 32.95
CA GLY D 113 25.47 -5.42 33.11
C GLY D 113 26.98 -5.34 32.92
N VAL D 114 27.67 -6.37 33.41
CA VAL D 114 29.13 -6.44 33.29
C VAL D 114 29.51 -6.91 31.88
N ASN D 115 30.44 -6.19 31.24
CA ASN D 115 30.89 -6.51 29.88
C ASN D 115 29.64 -6.59 28.99
N PRO D 116 28.92 -5.47 28.86
CA PRO D 116 27.66 -5.43 28.12
C PRO D 116 27.77 -5.64 26.62
N HIS D 117 26.81 -6.37 26.08
CA HIS D 117 26.74 -6.63 24.66
C HIS D 117 25.35 -6.32 24.11
N GLY D 118 25.33 -5.74 22.92
CA GLY D 118 24.11 -5.43 22.19
C GLY D 118 23.91 -6.60 21.23
N ILE D 119 22.74 -6.70 20.61
CA ILE D 119 22.44 -7.81 19.71
C ILE D 119 21.63 -7.40 18.50
N CYS D 120 22.09 -7.78 17.32
CA CYS D 120 21.36 -7.53 16.09
C CYS D 120 21.04 -8.91 15.56
N ALA D 121 19.83 -9.10 15.04
CA ALA D 121 19.44 -10.42 14.52
C ALA D 121 18.53 -10.35 13.32
N MSE D 122 18.64 -11.39 12.49
CA MSE D 122 17.83 -11.56 11.30
C MSE D 122 16.93 -12.70 11.67
O MSE D 122 17.33 -13.86 11.63
CB MSE D 122 18.66 -11.89 10.08
CG MSE D 122 19.13 -10.62 9.39
SE MSE D 122 20.51 -11.12 8.07
CE MSE D 122 19.37 -11.98 6.71
N ILE D 123 15.71 -12.35 12.06
CA ILE D 123 14.71 -13.31 12.47
C ILE D 123 13.95 -13.79 11.22
N PRO D 124 13.79 -15.12 11.06
CA PRO D 124 13.06 -15.58 9.88
C PRO D 124 11.64 -15.04 9.80
N HIS D 125 11.24 -14.67 8.58
CA HIS D 125 9.90 -14.13 8.31
C HIS D 125 9.62 -12.79 9.01
N PHE D 126 10.70 -12.03 9.26
CA PHE D 126 10.58 -10.72 9.90
C PHE D 126 11.71 -9.81 9.44
N GLY D 127 11.33 -8.64 8.92
CA GLY D 127 12.29 -7.66 8.41
C GLY D 127 11.72 -6.88 7.25
N GLY D 128 12.47 -5.88 6.81
CA GLY D 128 12.06 -5.02 5.73
C GLY D 128 12.26 -5.56 4.33
N LEU D 129 13.32 -6.35 4.12
CA LEU D 129 13.61 -6.93 2.78
C LEU D 129 13.39 -8.44 2.71
N THR D 130 12.29 -8.89 3.33
CA THR D 130 11.91 -10.30 3.33
C THR D 130 10.41 -10.47 3.41
N GLY D 131 9.93 -11.58 2.90
CA GLY D 131 8.52 -11.90 3.01
C GLY D 131 8.32 -12.17 4.49
N THR D 132 7.14 -11.85 5.00
CA THR D 132 6.83 -12.03 6.41
C THR D 132 5.47 -12.69 6.50
N ASP D 133 4.89 -12.74 7.69
CA ASP D 133 3.55 -13.32 7.85
C ASP D 133 2.46 -12.32 7.45
N LEU D 134 2.84 -11.06 7.22
CA LEU D 134 1.92 -10.02 6.76
C LEU D 134 2.09 -9.85 5.25
N THR D 135 3.34 -9.69 4.80
CA THR D 135 3.66 -9.61 3.37
C THR D 135 3.99 -11.08 3.04
N ALA D 136 2.95 -11.90 3.02
CA ALA D 136 3.04 -13.36 2.86
C ALA D 136 3.55 -13.91 1.54
N MSE D 137 4.82 -14.29 1.52
CA MSE D 137 5.46 -14.87 0.34
C MSE D 137 5.75 -16.33 0.57
O MSE D 137 5.75 -16.80 1.70
CB MSE D 137 6.78 -14.17 0.03
CG MSE D 137 6.76 -12.65 0.06
SE MSE D 137 5.52 -11.96 -1.29
CE MSE D 137 6.49 -10.26 -1.59
N LEU D 138 6.02 -17.04 -0.51
CA LEU D 138 6.35 -18.46 -0.47
C LEU D 138 7.86 -18.72 -0.50
N ASN D 139 8.66 -17.67 -0.60
CA ASN D 139 10.11 -17.84 -0.67
C ASN D 139 10.66 -18.31 0.65
N ASP D 140 11.82 -18.95 0.58
CA ASP D 140 12.49 -19.41 1.79
C ASP D 140 12.87 -18.18 2.58
N PRO D 141 12.87 -18.29 3.92
CA PRO D 141 13.25 -17.12 4.71
C PRO D 141 14.73 -16.84 4.55
N LEU D 142 15.14 -15.64 4.93
CA LEU D 142 16.54 -15.25 4.83
C LEU D 142 17.36 -16.02 5.86
N PRO D 143 18.69 -16.06 5.69
CA PRO D 143 19.49 -16.78 6.66
C PRO D 143 19.25 -16.24 8.05
N GLU D 144 19.37 -17.15 8.99
CA GLU D 144 19.14 -16.86 10.36
C GLU D 144 20.47 -16.43 10.99
N LYS D 145 20.64 -15.11 11.16
CA LYS D 145 21.87 -14.53 11.72
C LYS D 145 21.72 -13.78 13.04
N VAL D 146 22.83 -13.77 13.78
CA VAL D 146 22.92 -13.10 15.08
C VAL D 146 24.31 -12.48 15.23
N ARG D 147 24.33 -11.25 15.71
CA ARG D 147 25.58 -10.52 15.94
C ARG D 147 25.62 -10.06 17.39
N MSE D 148 26.69 -10.42 18.09
CA MSE D 148 26.91 -10.02 19.49
C MSE D 148 27.87 -8.90 19.38
O MSE D 148 29.03 -9.11 19.03
CB MSE D 148 27.52 -11.15 20.32
CG MSE D 148 26.54 -12.29 20.52
SE MSE D 148 25.11 -11.75 21.80
CE MSE D 148 23.62 -12.54 20.82
N ILE D 149 27.41 -7.69 19.65
CA ILE D 149 28.23 -6.51 19.55
C ILE D 149 28.62 -5.96 20.90
N LYS D 150 29.93 -5.80 21.12
CA LYS D 150 30.43 -5.25 22.36
C LYS D 150 30.11 -3.76 22.28
N LEU D 151 29.86 -3.14 23.42
CA LEU D 151 29.54 -1.72 23.40
C LEU D 151 29.82 -1.04 24.72
N ASP D 152 29.92 0.28 24.67
CA ASP D 152 30.16 1.11 25.84
C ASP D 152 29.44 2.45 25.64
N SER D 153 29.58 3.37 26.60
CA SER D 153 28.92 4.69 26.54
C SER D 153 29.40 5.60 25.43
N GLU D 154 30.40 5.16 24.67
CA GLU D 154 30.99 5.97 23.62
C GLU D 154 30.83 5.36 22.22
N LYS D 155 30.99 4.05 22.09
CA LYS D 155 30.94 3.39 20.77
C LYS D 155 30.31 1.99 20.73
N VAL D 156 29.90 1.59 19.52
CA VAL D 156 29.30 0.28 19.25
C VAL D 156 30.30 -0.42 18.32
N TYR D 157 30.94 -1.47 18.82
CA TYR D 157 31.97 -2.19 18.08
C TYR D 157 31.43 -3.23 17.12
N TRP D 158 30.78 -2.75 16.06
CA TRP D 158 30.16 -3.61 15.05
C TRP D 158 31.13 -4.62 14.43
N SER D 159 32.30 -4.15 14.04
CA SER D 159 33.32 -5.02 13.42
C SER D 159 34.67 -4.30 13.32
N GLU D 160 35.68 -5.02 12.85
CA GLU D 160 37.02 -4.43 12.66
C GLU D 160 36.90 -3.21 11.76
N ARG D 161 36.11 -3.35 10.69
CA ARG D 161 35.91 -2.30 9.72
C ARG D 161 35.03 -1.14 10.20
N HIS D 162 33.95 -1.44 10.92
CA HIS D 162 33.02 -0.38 11.38
C HIS D 162 32.83 -0.28 12.88
N THR D 163 33.08 0.92 13.40
CA THR D 163 32.89 1.24 14.80
C THR D 163 31.89 2.37 14.73
N LEU D 164 30.68 2.13 15.22
CA LEU D 164 29.62 3.13 15.17
C LEU D 164 29.51 3.94 16.47
N PRO D 165 29.10 5.22 16.35
CA PRO D 165 28.93 6.00 17.58
C PRO D 165 27.73 5.49 18.38
N TYR D 166 27.80 5.67 19.69
CA TYR D 166 26.74 5.25 20.59
C TYR D 166 25.65 6.33 20.62
N LYS D 167 24.55 6.09 19.91
CA LYS D 167 23.41 7.00 19.87
C LYS D 167 22.20 6.21 20.34
N PRO D 168 22.07 6.03 21.66
CA PRO D 168 20.96 5.25 22.16
C PRO D 168 19.60 5.94 22.07
N HIS D 169 18.55 5.13 22.04
CA HIS D 169 17.18 5.62 22.01
C HIS D 169 16.23 4.50 22.38
N ILE D 170 15.03 4.87 22.78
CA ILE D 170 14.00 3.93 23.19
C ILE D 170 13.14 3.55 21.99
N GLY D 171 13.00 2.25 21.78
CA GLY D 171 12.19 1.72 20.68
C GLY D 171 10.72 1.69 21.01
N THR D 172 10.40 1.30 22.26
CA THR D 172 9.01 1.21 22.72
C THR D 172 8.72 2.12 23.89
N LEU D 173 7.98 3.19 23.64
CA LEU D 173 7.58 4.14 24.68
C LEU D 173 6.09 4.35 24.46
N SER D 174 5.28 4.06 25.47
CA SER D 174 3.84 4.17 25.29
C SER D 174 3.01 4.35 26.54
N VAL D 175 1.73 4.65 26.33
CA VAL D 175 0.75 4.77 27.40
C VAL D 175 -0.40 3.83 27.03
N SER D 176 -1.19 3.43 28.02
CA SER D 176 -2.29 2.50 27.76
C SER D 176 -3.44 3.07 26.97
N PRO D 177 -4.06 2.23 26.09
CA PRO D 177 -5.26 2.63 25.42
C PRO D 177 -6.38 2.66 26.45
N GLU D 178 -7.55 3.18 26.10
CA GLU D 178 -8.65 3.23 27.06
C GLU D 178 -9.11 1.84 27.47
N ILE D 179 -9.41 0.98 26.49
CA ILE D 179 -9.86 -0.40 26.76
C ILE D 179 -9.08 -1.50 26.05
N ASP D 180 -8.40 -1.16 24.96
CA ASP D 180 -7.60 -2.16 24.22
C ASP D 180 -6.28 -2.46 24.91
N SER D 181 -5.68 -3.58 24.52
CA SER D 181 -4.37 -3.99 25.02
C SER D 181 -3.63 -4.42 23.75
N ILE D 182 -2.71 -3.57 23.31
CA ILE D 182 -1.94 -3.75 22.07
C ILE D 182 -0.60 -4.42 22.35
N ASN D 183 -0.19 -5.38 21.51
CA ASN D 183 1.09 -6.06 21.77
C ASN D 183 2.29 -5.09 21.74
N SER D 184 3.36 -5.52 22.40
CA SER D 184 4.58 -4.73 22.52
C SER D 184 5.37 -4.59 21.22
N LEU D 185 4.92 -5.23 20.16
CA LEU D 185 5.61 -5.15 18.88
C LEU D 185 4.98 -4.10 17.96
N THR D 186 3.77 -3.64 18.31
CA THR D 186 3.02 -2.69 17.50
C THR D 186 2.99 -1.22 17.98
N PRO D 187 3.26 -0.26 17.07
CA PRO D 187 3.13 1.16 17.39
C PRO D 187 1.75 1.61 16.91
N ASP D 188 1.15 2.60 17.58
CA ASP D 188 -0.18 3.06 17.19
C ASP D 188 -0.36 4.49 17.75
N ASN D 189 -1.60 4.91 18.00
CA ASN D 189 -1.85 6.26 18.53
C ASN D 189 -1.52 6.45 20.02
N HIS D 190 -1.05 5.37 20.64
CA HIS D 190 -0.68 5.37 22.06
C HIS D 190 0.83 5.37 22.24
N GLY D 191 1.56 5.35 21.12
CA GLY D 191 3.02 5.28 21.11
C GLY D 191 3.33 3.87 20.67
N GLY D 192 4.02 3.12 21.51
CA GLY D 192 4.33 1.73 21.23
C GLY D 192 5.71 1.52 20.59
N ASN D 193 5.82 0.44 19.83
CA ASN D 193 7.07 0.07 19.16
C ASN D 193 7.30 0.93 17.91
N MSE D 194 7.61 2.20 18.14
CA MSE D 194 7.81 3.16 17.07
C MSE D 194 9.16 3.07 16.42
O MSE D 194 9.28 3.34 15.21
CB MSE D 194 7.66 4.57 17.65
CG MSE D 194 6.27 4.82 18.20
SE MSE D 194 6.22 6.57 19.14
CE MSE D 194 7.35 6.16 20.69
N ASP D 195 10.18 2.72 17.18
CA ASP D 195 11.54 2.61 16.67
C ASP D 195 11.95 3.87 15.89
N VAL D 196 11.80 5.02 16.53
CA VAL D 196 12.19 6.31 15.96
C VAL D 196 13.51 6.69 16.65
N PRO D 197 14.63 6.70 15.89
CA PRO D 197 15.97 7.02 16.43
C PRO D 197 16.09 8.29 17.26
N ASP D 198 15.21 9.26 17.01
CA ASP D 198 15.24 10.54 17.70
C ASP D 198 14.79 10.51 19.17
N ILE D 199 14.10 9.45 19.56
CA ILE D 199 13.58 9.31 20.92
C ILE D 199 14.66 8.78 21.87
N GLY D 200 15.66 9.61 22.10
CA GLY D 200 16.78 9.28 22.99
C GLY D 200 17.12 10.42 23.93
N PRO D 201 18.29 10.37 24.57
CA PRO D 201 18.70 11.44 25.48
C PRO D 201 18.58 12.80 24.81
N GLY D 202 17.96 13.74 25.51
CA GLY D 202 17.75 15.08 24.99
C GLY D 202 16.44 15.25 24.23
N SER D 203 15.54 14.26 24.32
CA SER D 203 14.25 14.34 23.65
C SER D 203 13.14 14.26 24.67
N ILE D 204 12.00 14.87 24.34
CA ILE D 204 10.82 14.87 25.18
C ILE D 204 9.71 14.30 24.31
N THR D 205 9.12 13.18 24.71
CA THR D 205 8.04 12.58 23.95
C THR D 205 6.71 12.86 24.64
N TYR D 206 5.71 13.30 23.86
CA TYR D 206 4.37 13.62 24.38
C TYR D 206 3.40 12.53 23.96
N LEU D 207 2.77 11.88 24.94
CA LEU D 207 1.84 10.76 24.69
C LEU D 207 0.43 11.08 25.22
N PRO D 208 -0.61 10.82 24.41
CA PRO D 208 -1.97 11.14 24.85
C PRO D 208 -2.55 10.15 25.84
N VAL D 209 -2.97 10.65 26.99
CA VAL D 209 -3.57 9.83 28.03
C VAL D 209 -5.01 9.45 27.66
N ARG D 210 -5.33 8.18 27.80
CA ARG D 210 -6.67 7.66 27.53
C ARG D 210 -7.16 6.73 28.67
N ALA D 211 -6.26 6.40 29.61
CA ALA D 211 -6.59 5.56 30.76
C ALA D 211 -6.21 6.29 32.04
N PRO D 212 -7.01 6.15 33.11
CA PRO D 212 -6.67 6.86 34.35
C PRO D 212 -5.27 6.49 34.84
N GLY D 213 -4.48 7.49 35.20
CA GLY D 213 -3.12 7.29 35.69
C GLY D 213 -2.07 7.27 34.58
N GLY D 214 -2.53 7.33 33.33
CA GLY D 214 -1.62 7.31 32.19
C GLY D 214 -1.19 5.91 31.78
N ARG D 215 -0.56 5.19 32.71
CA ARG D 215 -0.06 3.84 32.45
C ARG D 215 1.07 3.87 31.43
N LEU D 216 2.21 4.42 31.85
CA LEU D 216 3.39 4.55 31.00
C LEU D 216 4.19 3.24 30.95
N PHE D 217 4.54 2.83 29.74
CA PHE D 217 5.33 1.63 29.50
C PHE D 217 6.59 2.05 28.74
N ILE D 218 7.71 1.38 29.04
CA ILE D 218 8.98 1.70 28.38
C ILE D 218 9.78 0.40 28.17
N GLY D 219 10.65 0.41 27.17
CA GLY D 219 11.49 -0.77 26.89
C GLY D 219 12.15 -0.73 25.53
N ASP D 220 12.77 -1.84 25.15
CA ASP D 220 13.43 -2.00 23.85
C ASP D 220 14.45 -0.88 23.56
N ALA D 221 15.50 -0.82 24.36
CA ALA D 221 16.54 0.17 24.17
C ALA D 221 17.42 -0.23 22.98
N HIS D 222 17.81 0.76 22.17
CA HIS D 222 18.70 0.53 21.03
C HIS D 222 19.97 1.32 21.18
N ALA D 223 21.12 0.71 20.90
CA ALA D 223 22.40 1.41 21.00
C ALA D 223 22.60 2.33 19.79
N CYS D 224 21.86 2.02 18.72
CA CYS D 224 21.90 2.79 17.47
C CYS D 224 20.82 2.20 16.57
N GLN D 225 20.45 2.91 15.50
CA GLN D 225 19.44 2.40 14.55
C GLN D 225 19.39 3.22 13.26
N GLY D 226 19.23 2.50 12.16
CA GLY D 226 19.11 3.12 10.85
C GLY D 226 17.65 3.48 10.57
N ASP D 227 17.43 4.36 9.60
CA ASP D 227 16.09 4.78 9.23
C ASP D 227 15.41 3.57 8.59
N GLY D 228 14.34 3.12 9.22
CA GLY D 228 13.58 1.97 8.75
C GLY D 228 13.86 0.68 9.52
N GLU D 229 15.03 0.60 10.19
CA GLU D 229 15.43 -0.60 10.96
C GLU D 229 15.25 -1.80 10.02
N ILE D 230 15.70 -1.60 8.79
CA ILE D 230 15.50 -2.53 7.69
C ILE D 230 15.64 -4.06 7.88
N CYS D 231 16.60 -4.55 8.66
CA CYS D 231 16.74 -6.01 8.82
C CYS D 231 15.77 -6.61 9.84
N GLY D 232 15.04 -5.76 10.56
CA GLY D 232 14.07 -6.18 11.57
C GLY D 232 14.47 -5.76 12.97
N THR D 233 15.78 -5.68 13.22
CA THR D 233 16.30 -5.29 14.54
C THR D 233 17.45 -4.29 14.45
N ALA D 234 17.60 -3.51 15.52
CA ALA D 234 18.67 -2.55 15.64
C ALA D 234 19.69 -3.26 16.52
N VAL D 235 20.50 -2.50 17.26
CA VAL D 235 21.45 -3.12 18.20
C VAL D 235 20.67 -3.11 19.53
N GLU D 236 20.00 -4.23 19.80
CA GLU D 236 19.18 -4.40 20.99
C GLU D 236 20.03 -4.61 22.24
N PHE D 237 19.74 -3.89 23.32
CA PHE D 237 20.52 -4.05 24.56
C PHE D 237 19.73 -3.72 25.82
N ALA D 238 20.24 -4.23 26.94
CA ALA D 238 19.66 -4.01 28.26
C ALA D 238 20.28 -2.68 28.72
N SER D 239 19.44 -1.77 29.25
CA SER D 239 19.94 -0.45 29.66
C SER D 239 19.45 0.08 30.99
N ILE D 240 20.11 1.15 31.41
CA ILE D 240 19.77 1.90 32.60
C ILE D 240 19.29 3.22 31.99
N THR D 241 17.99 3.31 31.76
CA THR D 241 17.38 4.50 31.16
C THR D 241 16.79 5.36 32.24
N THR D 242 17.24 6.61 32.32
CA THR D 242 16.76 7.57 33.29
C THR D 242 15.86 8.56 32.58
N ILE D 243 14.63 8.68 33.08
CA ILE D 243 13.63 9.58 32.50
C ILE D 243 13.03 10.51 33.54
N LYS D 244 12.47 11.62 33.06
CA LYS D 244 11.74 12.57 33.88
C LYS D 244 10.35 12.58 33.25
N VAL D 245 9.35 12.22 34.03
CA VAL D 245 7.98 12.16 33.55
C VAL D 245 7.16 13.29 34.16
N ASP D 246 6.46 14.06 33.32
CA ASP D 246 5.66 15.15 33.82
C ASP D 246 4.28 15.03 33.17
N LEU D 247 3.35 15.90 33.57
CA LEU D 247 1.98 15.85 33.09
C LEU D 247 1.48 17.21 32.62
N ILE D 248 0.92 17.22 31.41
CA ILE D 248 0.33 18.42 30.82
C ILE D 248 -1.17 18.19 30.83
N LYS D 249 -1.90 19.08 31.48
CA LYS D 249 -3.33 18.94 31.62
C LYS D 249 -4.13 19.45 30.43
N ASN D 250 -5.16 18.69 30.08
CA ASN D 250 -6.12 19.04 29.04
C ASN D 250 -5.50 19.54 27.71
N TRP D 251 -4.72 18.68 27.07
CA TRP D 251 -4.08 18.97 25.77
C TRP D 251 -4.45 17.78 24.89
N GLN D 252 -5.45 17.98 24.03
CA GLN D 252 -5.96 16.86 23.21
C GLN D 252 -5.02 16.55 22.05
N LEU D 253 -4.47 15.34 22.06
CA LEU D 253 -3.60 14.84 20.99
C LEU D 253 -4.19 13.57 20.45
N SER D 254 -4.04 13.33 19.16
CA SER D 254 -4.53 12.11 18.54
C SER D 254 -3.38 11.14 18.32
N TRP D 255 -2.17 11.68 18.19
CA TRP D 255 -0.98 10.89 17.96
C TRP D 255 0.18 11.38 18.81
N PRO D 256 1.23 10.54 18.97
CA PRO D 256 2.38 10.98 19.74
C PRO D 256 3.15 12.10 19.06
N ARG D 257 3.76 12.96 19.86
CA ARG D 257 4.57 14.06 19.37
C ARG D 257 5.85 14.08 20.18
N MSE D 258 6.90 14.66 19.62
CA MSE D 258 8.15 14.76 20.35
C MSE D 258 8.77 16.10 20.07
O MSE D 258 8.35 16.83 19.17
CB MSE D 258 9.06 13.53 20.20
CG MSE D 258 9.93 13.52 18.94
SE MSE D 258 11.67 14.38 19.26
CE MSE D 258 12.26 14.30 17.40
N GLU D 259 9.79 16.41 20.86
CA GLU D 259 10.46 17.68 20.76
C GLU D 259 11.89 17.50 21.22
N ASN D 260 12.82 18.22 20.59
CA ASN D 260 14.23 18.19 21.00
C ASN D 260 14.82 19.58 20.77
N ALA D 261 16.12 19.72 20.98
CA ALA D 261 16.76 21.03 20.84
C ALA D 261 16.45 21.75 19.53
N GLU D 262 16.39 21.03 18.42
CA GLU D 262 16.20 21.66 17.10
C GLU D 262 14.83 21.54 16.43
N THR D 263 14.01 20.53 16.78
CA THR D 263 12.72 20.35 16.09
C THR D 263 11.55 19.88 16.94
N ILE D 264 10.38 19.90 16.31
CA ILE D 264 9.16 19.36 16.88
C ILE D 264 8.77 18.29 15.83
N MSE D 265 8.07 17.24 16.25
CA MSE D 265 7.71 16.18 15.33
C MSE D 265 6.43 15.49 15.68
O MSE D 265 6.15 15.27 16.86
CB MSE D 265 8.86 15.16 15.39
CG MSE D 265 8.69 13.91 14.53
SE MSE D 265 9.85 12.46 15.14
CE MSE D 265 11.52 13.12 14.34
N SER D 266 5.64 15.15 14.67
CA SER D 266 4.40 14.41 14.84
C SER D 266 4.72 13.00 14.36
N ILE D 267 4.38 12.00 15.18
CA ILE D 267 4.68 10.61 14.88
C ILE D 267 3.44 9.80 14.55
N GLY D 268 3.32 9.41 13.28
CA GLY D 268 2.19 8.62 12.81
C GLY D 268 2.59 7.18 12.56
N SER D 269 1.67 6.24 12.78
CA SER D 269 1.97 4.83 12.56
C SER D 269 0.84 4.13 11.84
N ALA D 270 1.17 3.41 10.76
CA ALA D 270 0.18 2.67 9.96
C ALA D 270 0.83 1.93 8.78
N ARG D 271 -0.03 1.29 7.99
CA ARG D 271 0.34 0.62 6.75
C ARG D 271 -0.78 0.98 5.77
N PRO D 272 -0.47 1.26 4.50
CA PRO D 272 0.88 1.25 3.96
C PRO D 272 1.71 2.45 4.45
N LEU D 273 2.97 2.52 4.04
CA LEU D 273 3.85 3.58 4.52
C LEU D 273 3.36 5.00 4.19
N GLU D 274 2.64 5.18 3.08
CA GLU D 274 2.11 6.50 2.72
C GLU D 274 1.15 7.04 3.79
N ASP D 275 0.30 6.15 4.31
CA ASP D 275 -0.68 6.57 5.30
C ASP D 275 -0.01 6.95 6.61
N ALA D 276 1.10 6.31 6.94
CA ALA D 276 1.82 6.65 8.15
C ALA D 276 2.34 8.07 8.00
N THR D 277 2.84 8.36 6.80
CA THR D 277 3.38 9.68 6.48
C THR D 277 2.27 10.75 6.44
N ARG D 278 1.11 10.41 5.87
CA ARG D 278 -0.04 11.33 5.83
C ARG D 278 -0.48 11.74 7.23
N ILE D 279 -0.60 10.73 8.10
CA ILE D 279 -0.97 10.91 9.49
C ILE D 279 -0.02 11.89 10.20
N ALA D 280 1.28 11.67 10.01
CA ALA D 280 2.31 12.52 10.62
C ALA D 280 2.22 13.94 10.12
N TYR D 281 2.27 14.12 8.80
CA TYR D 281 2.18 15.46 8.25
C TYR D 281 0.89 16.17 8.60
N ARG D 282 -0.24 15.49 8.55
CA ARG D 282 -1.51 16.14 8.86
C ARG D 282 -1.54 16.57 10.33
N ASP D 283 -1.01 15.72 11.21
CA ASP D 283 -0.99 16.03 12.64
C ASP D 283 -0.11 17.24 12.88
N LEU D 284 1.02 17.31 12.17
CA LEU D 284 1.95 18.44 12.31
C LEU D 284 1.22 19.73 11.90
N ILE D 285 0.51 19.68 10.78
CA ILE D 285 -0.25 20.84 10.29
C ILE D 285 -1.28 21.28 11.33
N TYR D 286 -1.99 20.32 11.94
CA TYR D 286 -2.98 20.70 12.95
C TYR D 286 -2.31 21.30 14.20
N TRP D 287 -1.10 20.82 14.50
CA TRP D 287 -0.32 21.29 15.63
C TRP D 287 0.14 22.73 15.37
N LEU D 288 0.61 22.99 14.15
CA LEU D 288 1.05 24.33 13.76
C LEU D 288 -0.08 25.34 13.78
N VAL D 289 -1.28 24.91 13.40
CA VAL D 289 -2.47 25.79 13.39
C VAL D 289 -2.96 26.09 14.82
N ALA D 290 -2.97 25.06 15.65
CA ALA D 290 -3.46 25.19 17.03
C ALA D 290 -2.56 25.97 17.97
N ASP D 291 -1.27 25.62 18.02
CA ASP D 291 -0.32 26.25 18.95
C ASP D 291 0.69 27.26 18.39
N PHE D 292 0.88 27.32 17.08
CA PHE D 292 1.90 28.24 16.52
C PHE D 292 1.37 29.28 15.51
N GLY D 293 0.10 29.66 15.64
CA GLY D 293 -0.52 30.69 14.80
C GLY D 293 -0.52 30.56 13.29
N PHE D 294 -0.32 29.35 12.76
CA PHE D 294 -0.35 29.16 11.31
C PHE D 294 -1.77 29.09 10.77
N GLU D 295 -1.92 29.50 9.52
CA GLU D 295 -3.19 29.39 8.80
C GLU D 295 -3.00 28.00 8.14
N GLN D 296 -4.05 27.18 8.10
CA GLN D 296 -3.93 25.81 7.60
C GLN D 296 -3.26 25.61 6.23
N TRP D 297 -3.78 26.29 5.20
CA TRP D 297 -3.23 26.12 3.85
C TRP D 297 -1.81 26.63 3.72
N ASP D 298 -1.46 27.67 4.46
CA ASP D 298 -0.10 28.20 4.42
C ASP D 298 0.84 27.16 5.03
N ALA D 299 0.43 26.56 6.14
CA ALA D 299 1.22 25.53 6.81
C ALA D 299 1.49 24.34 5.89
N TYR D 300 0.43 23.92 5.19
CA TYR D 300 0.49 22.80 4.25
C TYR D 300 1.47 23.07 3.12
N MSE D 301 1.36 24.25 2.51
CA MSE D 301 2.24 24.64 1.41
C MSE D 301 3.62 24.93 1.90
O MSE D 301 4.57 24.71 1.17
CB MSE D 301 1.64 25.83 0.68
CG MSE D 301 0.35 25.47 -0.02
SE MSE D 301 -0.18 27.02 -1.12
CE MSE D 301 -1.06 28.12 0.24
N LEU D 302 3.75 25.44 3.12
CA LEU D 302 5.09 25.73 3.67
C LEU D 302 5.86 24.44 3.95
N LEU D 303 5.17 23.44 4.51
CA LEU D 303 5.78 22.13 4.80
C LEU D 303 6.18 21.41 3.53
N SER D 304 5.59 21.82 2.40
CA SER D 304 5.93 21.25 1.12
C SER D 304 7.30 21.82 0.68
N GLN D 305 7.84 22.76 1.47
CA GLN D 305 9.14 23.39 1.20
C GLN D 305 10.16 23.14 2.33
N CYS D 306 9.68 22.95 3.57
CA CYS D 306 10.56 22.79 4.75
C CYS D 306 10.39 21.56 5.58
N GLY D 307 9.32 20.81 5.36
CA GLY D 307 9.08 19.61 6.14
C GLY D 307 10.19 18.59 5.99
N LYS D 308 10.53 17.94 7.10
CA LYS D 308 11.52 16.88 7.14
C LYS D 308 10.82 15.58 7.58
N VAL D 309 11.24 14.46 7.00
CA VAL D 309 10.64 13.17 7.37
C VAL D 309 11.68 12.19 7.88
N ARG D 310 11.31 11.52 8.95
CA ARG D 310 12.14 10.49 9.55
C ARG D 310 11.40 9.17 9.44
N LEU D 311 11.98 8.23 8.71
CA LEU D 311 11.42 6.92 8.61
C LEU D 311 11.91 6.20 9.87
N GLY D 312 10.97 5.85 10.75
CA GLY D 312 11.30 5.16 11.98
C GLY D 312 11.54 3.69 11.69
N ASN D 313 10.46 2.92 11.65
CA ASN D 313 10.57 1.51 11.36
C ASN D 313 9.74 1.20 10.13
N MSE D 314 10.11 0.15 9.41
CA MSE D 314 9.33 -0.27 8.27
C MSE D 314 9.32 -1.77 8.31
O MSE D 314 9.29 -2.45 7.29
CB MSE D 314 9.82 0.49 7.04
CG MSE D 314 8.97 0.23 5.83
SE MSE D 314 10.23 0.10 4.32
CE MSE D 314 10.15 -1.83 3.86
N VAL D 315 9.29 -2.31 9.54
CA VAL D 315 9.31 -3.74 9.78
C VAL D 315 8.22 -4.25 10.74
N ASP D 316 7.82 -3.42 11.68
CA ASP D 316 6.81 -3.81 12.67
C ASP D 316 5.40 -3.89 12.06
N PRO D 317 4.43 -4.53 12.78
CA PRO D 317 3.04 -4.66 12.27
C PRO D 317 2.49 -3.37 11.65
N LYS D 318 2.96 -2.24 12.14
CA LYS D 318 2.64 -0.93 11.59
C LYS D 318 3.94 -0.16 11.48
N TYR D 319 4.11 0.54 10.36
CA TYR D 319 5.30 1.31 10.14
C TYR D 319 5.13 2.64 10.85
N THR D 320 6.24 3.29 11.17
CA THR D 320 6.21 4.56 11.88
C THR D 320 7.05 5.61 11.17
N VAL D 321 6.46 6.80 11.03
CA VAL D 321 7.07 7.93 10.34
C VAL D 321 6.90 9.20 11.16
N GLY D 322 7.94 10.01 11.20
CA GLY D 322 7.92 11.28 11.94
C GLY D 322 8.00 12.45 10.97
N ALA D 323 7.07 13.40 11.08
CA ALA D 323 7.07 14.60 10.24
C ALA D 323 7.60 15.74 11.10
N MSE D 324 8.70 16.35 10.70
CA MSE D 324 9.33 17.41 11.47
C MSE D 324 9.33 18.78 10.90
O MSE D 324 9.10 18.98 9.71
CB MSE D 324 10.82 17.11 11.48
CG MSE D 324 11.27 16.19 12.58
SE MSE D 324 12.81 15.18 11.89
CE MSE D 324 14.28 16.49 12.17
N LEU D 325 9.60 19.75 11.77
CA LEU D 325 9.73 21.15 11.39
C LEU D 325 10.76 21.76 12.33
N ASN D 326 11.73 22.47 11.77
CA ASN D 326 12.80 23.08 12.57
C ASN D 326 12.20 24.21 13.41
N LYS D 327 12.55 24.24 14.70
CA LYS D 327 12.03 25.26 15.62
C LYS D 327 12.24 26.72 15.18
N GLU D 328 13.25 26.97 14.35
CA GLU D 328 13.47 28.33 13.85
C GLU D 328 12.27 28.83 13.04
N LEU D 329 11.58 27.92 12.34
CA LEU D 329 10.41 28.28 11.55
C LEU D 329 9.12 28.46 12.38
N LEU D 330 9.21 28.25 13.70
CA LEU D 330 8.06 28.45 14.61
C LEU D 330 8.00 29.91 15.10
N ALA D 331 9.10 30.66 14.92
CA ALA D 331 9.15 32.06 15.31
C ALA D 331 8.07 32.85 14.59
N GLN D 332 7.50 33.86 15.27
CA GLN D 332 6.47 34.72 14.67
C GLN D 332 7.04 35.67 13.62
NA NA E . -1.18 -10.79 -18.79
NA NA F . -0.65 -13.82 -19.65
NA NA G . -21.46 -3.27 10.16
NA NA H . -18.49 -4.39 10.36
NA NA I . 8.34 17.54 -9.79
NA NA J . 7.97 20.69 -9.43
NA NA K . 14.36 -3.39 19.00
NA NA L . 11.51 -2.18 18.31
#